data_1QNT
# 
_entry.id   1QNT 
# 
_audit_conform.dict_name       mmcif_pdbx.dic 
_audit_conform.dict_version    5.391 
_audit_conform.dict_location   http://mmcif.pdb.org/dictionaries/ascii/mmcif_pdbx.dic 
# 
loop_
_database_2.database_id 
_database_2.database_code 
_database_2.pdbx_database_accession 
_database_2.pdbx_DOI 
PDB   1QNT         pdb_00001qnt 10.2210/pdb1qnt/pdb 
PDBE  EBI-4305     ?            ?                   
WWPDB D_1290004305 ?            ?                   
# 
loop_
_pdbx_audit_revision_history.ordinal 
_pdbx_audit_revision_history.data_content_type 
_pdbx_audit_revision_history.major_revision 
_pdbx_audit_revision_history.minor_revision 
_pdbx_audit_revision_history.revision_date 
1 'Structure model' 1 0 1999-12-16 
2 'Structure model' 1 1 2011-05-08 
3 'Structure model' 1 2 2011-07-13 
4 'Structure model' 1 3 2024-05-08 
# 
_pdbx_audit_revision_details.ordinal             1 
_pdbx_audit_revision_details.revision_ordinal    1 
_pdbx_audit_revision_details.data_content_type   'Structure model' 
_pdbx_audit_revision_details.provider            repository 
_pdbx_audit_revision_details.type                'Initial release' 
_pdbx_audit_revision_details.description         ? 
_pdbx_audit_revision_details.details             ? 
# 
loop_
_pdbx_audit_revision_group.ordinal 
_pdbx_audit_revision_group.revision_ordinal 
_pdbx_audit_revision_group.data_content_type 
_pdbx_audit_revision_group.group 
1 2 'Structure model' 'Version format compliance' 
2 3 'Structure model' 'Version format compliance' 
3 4 'Structure model' 'Data collection'           
4 4 'Structure model' 'Database references'       
# 
loop_
_pdbx_audit_revision_category.ordinal 
_pdbx_audit_revision_category.revision_ordinal 
_pdbx_audit_revision_category.data_content_type 
_pdbx_audit_revision_category.category 
1 4 'Structure model' chem_comp_atom 
2 4 'Structure model' chem_comp_bond 
3 4 'Structure model' database_2     
# 
loop_
_pdbx_audit_revision_item.ordinal 
_pdbx_audit_revision_item.revision_ordinal 
_pdbx_audit_revision_item.data_content_type 
_pdbx_audit_revision_item.item 
1 4 'Structure model' '_database_2.pdbx_DOI'                
2 4 'Structure model' '_database_2.pdbx_database_accession' 
# 
_pdbx_database_status.status_code                     REL 
_pdbx_database_status.entry_id                        1QNT 
_pdbx_database_status.deposit_site                    PDBE 
_pdbx_database_status.process_site                    PDBE 
_pdbx_database_status.SG_entry                        . 
_pdbx_database_status.recvd_initial_deposition_date   1999-10-20 
_pdbx_database_status.pdb_format_compatible           Y 
_pdbx_database_status.status_code_sf                  ? 
_pdbx_database_status.status_code_mr                  ? 
_pdbx_database_status.status_code_cs                  ? 
_pdbx_database_status.methods_development_category    ? 
_pdbx_database_status.status_code_nmr_data            ? 
# 
_pdbx_database_related.db_name        PDB 
_pdbx_database_related.db_id          1SFE 
_pdbx_database_related.content_type   unspecified 
_pdbx_database_related.details        'ADA O6-METHYLGUANINE-DNA METHYLTRANSFERASE FROM ESCHERICHIA COLI' 
# 
loop_
_audit_author.name 
_audit_author.pdbx_ordinal 
'Wibley, J.E.A.' 1 
'Moody, P.C.E.'  2 
# 
loop_
_citation.id 
_citation.title 
_citation.journal_abbrev 
_citation.journal_volume 
_citation.page_first 
_citation.page_last 
_citation.year 
_citation.journal_id_ASTM 
_citation.country 
_citation.journal_id_ISSN 
_citation.journal_id_CSD 
_citation.book_publisher 
_citation.pdbx_database_id_PubMed 
_citation.pdbx_database_id_DOI 
primary 'Crystal Structure of the Human O(6)-Alkylguanine-DNA Alkyltransferase.' 'Nucleic Acids Res.'    28 393  ? 2000 NARHAD UK 
0305-1048 0389 ? 10606635 10.1093/NAR/28.2.393 
1       'Crystal Structure of a Suicidal DNA Repair Protein: The Ada O6-Methylguanine-DNA Methyltransferase from E. Coli' 
'Embo J.'               13 1495 ? 1994 EMJODG UK 0261-4189 0897 ? 8156986  ?                    
2       
;A Homology Model of the 3-Dimensional Structure of Human O-6-Alklguanine-DNA Alkyltransferase Based on the Crystal Structure of the C-Terminal Domain of the Ada Protein from Escherichia Coli
;
'Anti-Cancer Drug Des.' 10 75   ? 1995 ACDDEA UK 0266-9536 0807 ? 7695814  ?                    
# 
loop_
_citation_author.citation_id 
_citation_author.name 
_citation_author.ordinal 
_citation_author.identifier_ORCID 
primary 'Wibley, J.E.A.'   1  ? 
primary 'Pegg, A.E.'       2  ? 
primary 'Moody, P.C.E.'    3  ? 
1       'Moore, M.H.'      4  ? 
1       'Gulbis, J.M.'     5  ? 
1       'Dodson, E.J.'     6  ? 
1       'Demple, B.'       7  ? 
1       'Moody, P.C.E.'    8  ? 
2       'Wibley J, J.E.A.' 9  ? 
2       'Mckie, H.'        10 ? 
2       'Embrey, K.'       11 ? 
2       'Marks, D.S.'      12 ? 
2       'Douglas, K.T.'    13 ? 
2       'Moore, M.H.'      14 ? 
2       'Moody, P.C.E.'    15 ? 
# 
loop_
_entity.id 
_entity.type 
_entity.src_method 
_entity.pdbx_description 
_entity.formula_weight 
_entity.pdbx_number_of_molecules 
_entity.pdbx_ec 
_entity.pdbx_mutation 
_entity.pdbx_fragment 
_entity.details 
1 polymer man 'METHYLATED-DNA--PROTEIN-CYSTEINE METHYLTRANSFERASE' 18949.938 1   2.1.1.63 ? ? ? 
2 water   nat water                                                18.015    174 ?        ? ? ? 
# 
_entity_name_com.entity_id   1 
_entity_name_com.name        '6-O-METHYLGUANINE-DNA METHYLTRANSFERASE' 
# 
_entity_poly.entity_id                      1 
_entity_poly.type                           'polypeptide(L)' 
_entity_poly.nstd_linkage                   no 
_entity_poly.nstd_monomer                   no 
_entity_poly.pdbx_seq_one_letter_code       
;MDKDCEMKRTTLDSPLGKLELSGCEQGLHEIKLLGKGTSAADAVEVPAPAAVLGGPEPLMQCTAWLNAYFHQPEAIEEFP
VPALHHPVFQQESFTRQVLWKLLKVVKFGEVISYQQLAALAGNPKAARAVGGAMRGNPVPILIPCHRVVCSSGAVGNYSG
GLAVKEWLLAHEGHRL
;
_entity_poly.pdbx_seq_one_letter_code_can   
;MDKDCEMKRTTLDSPLGKLELSGCEQGLHEIKLLGKGTSAADAVEVPAPAAVLGGPEPLMQCTAWLNAYFHQPEAIEEFP
VPALHHPVFQQESFTRQVLWKLLKVVKFGEVISYQQLAALAGNPKAARAVGGAMRGNPVPILIPCHRVVCSSGAVGNYSG
GLAVKEWLLAHEGHRL
;
_entity_poly.pdbx_strand_id                 A 
_entity_poly.pdbx_target_identifier         ? 
# 
_pdbx_entity_nonpoly.entity_id   2 
_pdbx_entity_nonpoly.name        water 
_pdbx_entity_nonpoly.comp_id     HOH 
# 
loop_
_entity_poly_seq.entity_id 
_entity_poly_seq.num 
_entity_poly_seq.mon_id 
_entity_poly_seq.hetero 
1 1   MET n 
1 2   ASP n 
1 3   LYS n 
1 4   ASP n 
1 5   CYS n 
1 6   GLU n 
1 7   MET n 
1 8   LYS n 
1 9   ARG n 
1 10  THR n 
1 11  THR n 
1 12  LEU n 
1 13  ASP n 
1 14  SER n 
1 15  PRO n 
1 16  LEU n 
1 17  GLY n 
1 18  LYS n 
1 19  LEU n 
1 20  GLU n 
1 21  LEU n 
1 22  SER n 
1 23  GLY n 
1 24  CYS n 
1 25  GLU n 
1 26  GLN n 
1 27  GLY n 
1 28  LEU n 
1 29  HIS n 
1 30  GLU n 
1 31  ILE n 
1 32  LYS n 
1 33  LEU n 
1 34  LEU n 
1 35  GLY n 
1 36  LYS n 
1 37  GLY n 
1 38  THR n 
1 39  SER n 
1 40  ALA n 
1 41  ALA n 
1 42  ASP n 
1 43  ALA n 
1 44  VAL n 
1 45  GLU n 
1 46  VAL n 
1 47  PRO n 
1 48  ALA n 
1 49  PRO n 
1 50  ALA n 
1 51  ALA n 
1 52  VAL n 
1 53  LEU n 
1 54  GLY n 
1 55  GLY n 
1 56  PRO n 
1 57  GLU n 
1 58  PRO n 
1 59  LEU n 
1 60  MET n 
1 61  GLN n 
1 62  CYS n 
1 63  THR n 
1 64  ALA n 
1 65  TRP n 
1 66  LEU n 
1 67  ASN n 
1 68  ALA n 
1 69  TYR n 
1 70  PHE n 
1 71  HIS n 
1 72  GLN n 
1 73  PRO n 
1 74  GLU n 
1 75  ALA n 
1 76  ILE n 
1 77  GLU n 
1 78  GLU n 
1 79  PHE n 
1 80  PRO n 
1 81  VAL n 
1 82  PRO n 
1 83  ALA n 
1 84  LEU n 
1 85  HIS n 
1 86  HIS n 
1 87  PRO n 
1 88  VAL n 
1 89  PHE n 
1 90  GLN n 
1 91  GLN n 
1 92  GLU n 
1 93  SER n 
1 94  PHE n 
1 95  THR n 
1 96  ARG n 
1 97  GLN n 
1 98  VAL n 
1 99  LEU n 
1 100 TRP n 
1 101 LYS n 
1 102 LEU n 
1 103 LEU n 
1 104 LYS n 
1 105 VAL n 
1 106 VAL n 
1 107 LYS n 
1 108 PHE n 
1 109 GLY n 
1 110 GLU n 
1 111 VAL n 
1 112 ILE n 
1 113 SER n 
1 114 TYR n 
1 115 GLN n 
1 116 GLN n 
1 117 LEU n 
1 118 ALA n 
1 119 ALA n 
1 120 LEU n 
1 121 ALA n 
1 122 GLY n 
1 123 ASN n 
1 124 PRO n 
1 125 LYS n 
1 126 ALA n 
1 127 ALA n 
1 128 ARG n 
1 129 ALA n 
1 130 VAL n 
1 131 GLY n 
1 132 GLY n 
1 133 ALA n 
1 134 MET n 
1 135 ARG n 
1 136 GLY n 
1 137 ASN n 
1 138 PRO n 
1 139 VAL n 
1 140 PRO n 
1 141 ILE n 
1 142 LEU n 
1 143 ILE n 
1 144 PRO n 
1 145 CYS n 
1 146 HIS n 
1 147 ARG n 
1 148 VAL n 
1 149 VAL n 
1 150 CYS n 
1 151 SER n 
1 152 SER n 
1 153 GLY n 
1 154 ALA n 
1 155 VAL n 
1 156 GLY n 
1 157 ASN n 
1 158 TYR n 
1 159 SER n 
1 160 GLY n 
1 161 GLY n 
1 162 LEU n 
1 163 ALA n 
1 164 VAL n 
1 165 LYS n 
1 166 GLU n 
1 167 TRP n 
1 168 LEU n 
1 169 LEU n 
1 170 ALA n 
1 171 HIS n 
1 172 GLU n 
1 173 GLY n 
1 174 HIS n 
1 175 ARG n 
1 176 LEU n 
# 
_entity_src_gen.entity_id                          1 
_entity_src_gen.pdbx_src_id                        1 
_entity_src_gen.pdbx_alt_source_flag               sample 
_entity_src_gen.pdbx_seq_type                      ? 
_entity_src_gen.pdbx_beg_seq_num                   ? 
_entity_src_gen.pdbx_end_seq_num                   ? 
_entity_src_gen.gene_src_common_name               HUMAN 
_entity_src_gen.gene_src_genus                     ? 
_entity_src_gen.pdbx_gene_src_gene                 ? 
_entity_src_gen.gene_src_species                   ? 
_entity_src_gen.gene_src_strain                    ? 
_entity_src_gen.gene_src_tissue                    ? 
_entity_src_gen.gene_src_tissue_fraction           ? 
_entity_src_gen.gene_src_details                   ? 
_entity_src_gen.pdbx_gene_src_fragment             ? 
_entity_src_gen.pdbx_gene_src_scientific_name      'HOMO SAPIENS' 
_entity_src_gen.pdbx_gene_src_ncbi_taxonomy_id     9606 
_entity_src_gen.pdbx_gene_src_variant              ? 
_entity_src_gen.pdbx_gene_src_cell_line            ? 
_entity_src_gen.pdbx_gene_src_atcc                 ? 
_entity_src_gen.pdbx_gene_src_organ                ? 
_entity_src_gen.pdbx_gene_src_organelle            ? 
_entity_src_gen.pdbx_gene_src_cell                 ? 
_entity_src_gen.pdbx_gene_src_cellular_location    ? 
_entity_src_gen.host_org_common_name               ? 
_entity_src_gen.pdbx_host_org_scientific_name      'ESCHERICHIA COLI' 
_entity_src_gen.pdbx_host_org_ncbi_taxonomy_id     562 
_entity_src_gen.host_org_genus                     ? 
_entity_src_gen.pdbx_host_org_gene                 ? 
_entity_src_gen.pdbx_host_org_organ                ? 
_entity_src_gen.host_org_species                   ? 
_entity_src_gen.pdbx_host_org_tissue               ? 
_entity_src_gen.pdbx_host_org_tissue_fraction      ? 
_entity_src_gen.pdbx_host_org_strain               JM109 
_entity_src_gen.pdbx_host_org_variant              ? 
_entity_src_gen.pdbx_host_org_cell_line            ? 
_entity_src_gen.pdbx_host_org_atcc                 ? 
_entity_src_gen.pdbx_host_org_culture_collection   ? 
_entity_src_gen.pdbx_host_org_cell                 ? 
_entity_src_gen.pdbx_host_org_organelle            ? 
_entity_src_gen.pdbx_host_org_cellular_location    ? 
_entity_src_gen.pdbx_host_org_vector_type          ? 
_entity_src_gen.pdbx_host_org_vector               ? 
_entity_src_gen.host_org_details                   ? 
_entity_src_gen.expression_system_id               ? 
_entity_src_gen.plasmid_name                       PQE30 
_entity_src_gen.plasmid_details                    ? 
_entity_src_gen.pdbx_description                   ? 
# 
loop_
_chem_comp.id 
_chem_comp.type 
_chem_comp.mon_nstd_flag 
_chem_comp.name 
_chem_comp.pdbx_synonyms 
_chem_comp.formula 
_chem_comp.formula_weight 
ALA 'L-peptide linking' y ALANINE         ? 'C3 H7 N O2'     89.093  
ARG 'L-peptide linking' y ARGININE        ? 'C6 H15 N4 O2 1' 175.209 
ASN 'L-peptide linking' y ASPARAGINE      ? 'C4 H8 N2 O3'    132.118 
ASP 'L-peptide linking' y 'ASPARTIC ACID' ? 'C4 H7 N O4'     133.103 
CYS 'L-peptide linking' y CYSTEINE        ? 'C3 H7 N O2 S'   121.158 
GLN 'L-peptide linking' y GLUTAMINE       ? 'C5 H10 N2 O3'   146.144 
GLU 'L-peptide linking' y 'GLUTAMIC ACID' ? 'C5 H9 N O4'     147.129 
GLY 'peptide linking'   y GLYCINE         ? 'C2 H5 N O2'     75.067  
HIS 'L-peptide linking' y HISTIDINE       ? 'C6 H10 N3 O2 1' 156.162 
HOH non-polymer         . WATER           ? 'H2 O'           18.015  
ILE 'L-peptide linking' y ISOLEUCINE      ? 'C6 H13 N O2'    131.173 
LEU 'L-peptide linking' y LEUCINE         ? 'C6 H13 N O2'    131.173 
LYS 'L-peptide linking' y LYSINE          ? 'C6 H15 N2 O2 1' 147.195 
MET 'L-peptide linking' y METHIONINE      ? 'C5 H11 N O2 S'  149.211 
PHE 'L-peptide linking' y PHENYLALANINE   ? 'C9 H11 N O2'    165.189 
PRO 'L-peptide linking' y PROLINE         ? 'C5 H9 N O2'     115.130 
SER 'L-peptide linking' y SERINE          ? 'C3 H7 N O3'     105.093 
THR 'L-peptide linking' y THREONINE       ? 'C4 H9 N O3'     119.119 
TRP 'L-peptide linking' y TRYPTOPHAN      ? 'C11 H12 N2 O2'  204.225 
TYR 'L-peptide linking' y TYROSINE        ? 'C9 H11 N O3'    181.189 
VAL 'L-peptide linking' y VALINE          ? 'C5 H11 N O2'    117.146 
# 
loop_
_pdbx_poly_seq_scheme.asym_id 
_pdbx_poly_seq_scheme.entity_id 
_pdbx_poly_seq_scheme.seq_id 
_pdbx_poly_seq_scheme.mon_id 
_pdbx_poly_seq_scheme.ndb_seq_num 
_pdbx_poly_seq_scheme.pdb_seq_num 
_pdbx_poly_seq_scheme.auth_seq_num 
_pdbx_poly_seq_scheme.pdb_mon_id 
_pdbx_poly_seq_scheme.auth_mon_id 
_pdbx_poly_seq_scheme.pdb_strand_id 
_pdbx_poly_seq_scheme.pdb_ins_code 
_pdbx_poly_seq_scheme.hetero 
A 1 1   MET 1   1   ?   ?   ?   A . n 
A 1 2   ASP 2   2   ?   ?   ?   A . n 
A 1 3   LYS 3   3   ?   ?   ?   A . n 
A 1 4   ASP 4   4   ?   ?   ?   A . n 
A 1 5   CYS 5   5   ?   ?   ?   A . n 
A 1 6   GLU 6   6   6   GLU GLU A . n 
A 1 7   MET 7   7   7   MET MET A . n 
A 1 8   LYS 8   8   8   LYS LYS A . n 
A 1 9   ARG 9   9   9   ARG ARG A . n 
A 1 10  THR 10  10  10  THR THR A . n 
A 1 11  THR 11  11  11  THR THR A . n 
A 1 12  LEU 12  12  12  LEU LEU A . n 
A 1 13  ASP 13  13  13  ASP ASP A . n 
A 1 14  SER 14  14  14  SER SER A . n 
A 1 15  PRO 15  15  15  PRO PRO A . n 
A 1 16  LEU 16  16  16  LEU LEU A . n 
A 1 17  GLY 17  17  17  GLY GLY A . n 
A 1 18  LYS 18  18  18  LYS LYS A . n 
A 1 19  LEU 19  19  19  LEU LEU A . n 
A 1 20  GLU 20  20  20  GLU GLU A . n 
A 1 21  LEU 21  21  21  LEU LEU A . n 
A 1 22  SER 22  22  22  SER SER A . n 
A 1 23  GLY 23  23  23  GLY GLY A . n 
A 1 24  CYS 24  24  24  CYS CYS A . n 
A 1 25  GLU 25  25  25  GLU GLU A . n 
A 1 26  GLN 26  26  26  GLN GLN A . n 
A 1 27  GLY 27  27  27  GLY GLY A . n 
A 1 28  LEU 28  28  28  LEU LEU A . n 
A 1 29  HIS 29  29  29  HIS HIS A . n 
A 1 30  GLU 30  30  30  GLU GLU A . n 
A 1 31  ILE 31  31  31  ILE ILE A . n 
A 1 32  LYS 32  32  32  LYS LYS A . n 
A 1 33  LEU 33  33  33  LEU LEU A . n 
A 1 34  LEU 34  34  34  LEU LEU A . n 
A 1 35  GLY 35  35  35  GLY GLY A . n 
A 1 36  LYS 36  36  36  LYS LYS A . n 
A 1 37  GLY 37  37  ?   ?   ?   A . n 
A 1 38  THR 38  38  ?   ?   ?   A . n 
A 1 39  SER 39  39  ?   ?   ?   A . n 
A 1 40  ALA 40  40  ?   ?   ?   A . n 
A 1 41  ALA 41  41  ?   ?   ?   A . n 
A 1 42  ASP 42  42  42  ASP ASP A . n 
A 1 43  ALA 43  43  43  ALA ALA A . n 
A 1 44  VAL 44  44  44  VAL VAL A . n 
A 1 45  GLU 45  45  45  GLU GLU A . n 
A 1 46  VAL 46  46  46  VAL VAL A . n 
A 1 47  PRO 47  47  47  PRO PRO A . n 
A 1 48  ALA 48  48  48  ALA ALA A . n 
A 1 49  PRO 49  49  49  PRO PRO A . n 
A 1 50  ALA 50  50  50  ALA ALA A . n 
A 1 51  ALA 51  51  51  ALA ALA A . n 
A 1 52  VAL 52  52  52  VAL VAL A . n 
A 1 53  LEU 53  53  53  LEU LEU A . n 
A 1 54  GLY 54  54  54  GLY GLY A . n 
A 1 55  GLY 55  55  55  GLY GLY A . n 
A 1 56  PRO 56  56  56  PRO PRO A . n 
A 1 57  GLU 57  57  57  GLU GLU A . n 
A 1 58  PRO 58  58  58  PRO PRO A . n 
A 1 59  LEU 59  59  59  LEU LEU A . n 
A 1 60  MET 60  60  60  MET MET A . n 
A 1 61  GLN 61  61  61  GLN GLN A . n 
A 1 62  CYS 62  62  62  CYS CYS A . n 
A 1 63  THR 63  63  63  THR THR A . n 
A 1 64  ALA 64  64  64  ALA ALA A . n 
A 1 65  TRP 65  65  65  TRP TRP A . n 
A 1 66  LEU 66  66  66  LEU LEU A . n 
A 1 67  ASN 67  67  67  ASN ASN A . n 
A 1 68  ALA 68  68  68  ALA ALA A . n 
A 1 69  TYR 69  69  69  TYR TYR A . n 
A 1 70  PHE 70  70  70  PHE PHE A . n 
A 1 71  HIS 71  71  71  HIS HIS A . n 
A 1 72  GLN 72  72  72  GLN GLN A . n 
A 1 73  PRO 73  73  73  PRO PRO A . n 
A 1 74  GLU 74  74  74  GLU GLU A . n 
A 1 75  ALA 75  75  75  ALA ALA A . n 
A 1 76  ILE 76  76  76  ILE ILE A . n 
A 1 77  GLU 77  77  77  GLU GLU A . n 
A 1 78  GLU 78  78  78  GLU GLU A . n 
A 1 79  PHE 79  79  79  PHE PHE A . n 
A 1 80  PRO 80  80  80  PRO PRO A . n 
A 1 81  VAL 81  81  81  VAL VAL A . n 
A 1 82  PRO 82  82  82  PRO PRO A . n 
A 1 83  ALA 83  83  83  ALA ALA A . n 
A 1 84  LEU 84  84  84  LEU LEU A . n 
A 1 85  HIS 85  85  85  HIS HIS A . n 
A 1 86  HIS 86  86  86  HIS HIS A . n 
A 1 87  PRO 87  87  87  PRO PRO A . n 
A 1 88  VAL 88  88  88  VAL VAL A . n 
A 1 89  PHE 89  89  89  PHE PHE A . n 
A 1 90  GLN 90  90  90  GLN GLN A . n 
A 1 91  GLN 91  91  91  GLN GLN A . n 
A 1 92  GLU 92  92  92  GLU GLU A . n 
A 1 93  SER 93  93  93  SER SER A . n 
A 1 94  PHE 94  94  94  PHE PHE A . n 
A 1 95  THR 95  95  95  THR THR A . n 
A 1 96  ARG 96  96  96  ARG ARG A . n 
A 1 97  GLN 97  97  97  GLN GLN A . n 
A 1 98  VAL 98  98  98  VAL VAL A . n 
A 1 99  LEU 99  99  99  LEU LEU A . n 
A 1 100 TRP 100 100 100 TRP TRP A . n 
A 1 101 LYS 101 101 101 LYS LYS A . n 
A 1 102 LEU 102 102 102 LEU LEU A . n 
A 1 103 LEU 103 103 103 LEU LEU A . n 
A 1 104 LYS 104 104 104 LYS LYS A . n 
A 1 105 VAL 105 105 105 VAL VAL A . n 
A 1 106 VAL 106 106 106 VAL VAL A . n 
A 1 107 LYS 107 107 107 LYS LYS A . n 
A 1 108 PHE 108 108 108 PHE PHE A . n 
A 1 109 GLY 109 109 109 GLY GLY A . n 
A 1 110 GLU 110 110 110 GLU GLU A . n 
A 1 111 VAL 111 111 111 VAL VAL A . n 
A 1 112 ILE 112 112 112 ILE ILE A . n 
A 1 113 SER 113 113 113 SER SER A . n 
A 1 114 TYR 114 114 114 TYR TYR A . n 
A 1 115 GLN 115 115 115 GLN GLN A . n 
A 1 116 GLN 116 116 116 GLN GLN A . n 
A 1 117 LEU 117 117 117 LEU LEU A . n 
A 1 118 ALA 118 118 118 ALA ALA A . n 
A 1 119 ALA 119 119 119 ALA ALA A . n 
A 1 120 LEU 120 120 120 LEU LEU A . n 
A 1 121 ALA 121 121 121 ALA ALA A . n 
A 1 122 GLY 122 122 122 GLY GLY A . n 
A 1 123 ASN 123 123 123 ASN ASN A . n 
A 1 124 PRO 124 124 124 PRO PRO A . n 
A 1 125 LYS 125 125 125 LYS LYS A . n 
A 1 126 ALA 126 126 126 ALA ALA A . n 
A 1 127 ALA 127 127 127 ALA ALA A . n 
A 1 128 ARG 128 128 128 ARG ARG A . n 
A 1 129 ALA 129 129 129 ALA ALA A . n 
A 1 130 VAL 130 130 130 VAL VAL A . n 
A 1 131 GLY 131 131 131 GLY GLY A . n 
A 1 132 GLY 132 132 132 GLY GLY A . n 
A 1 133 ALA 133 133 133 ALA ALA A . n 
A 1 134 MET 134 134 134 MET MET A . n 
A 1 135 ARG 135 135 135 ARG ARG A . n 
A 1 136 GLY 136 136 136 GLY GLY A . n 
A 1 137 ASN 137 137 137 ASN ASN A . n 
A 1 138 PRO 138 138 138 PRO PRO A . n 
A 1 139 VAL 139 139 139 VAL VAL A . n 
A 1 140 PRO 140 140 140 PRO PRO A . n 
A 1 141 ILE 141 141 141 ILE ILE A . n 
A 1 142 LEU 142 142 142 LEU LEU A . n 
A 1 143 ILE 143 143 143 ILE ILE A . n 
A 1 144 PRO 144 144 144 PRO PRO A . n 
A 1 145 CYS 145 145 145 CYS CYS A . n 
A 1 146 HIS 146 146 146 HIS HIS A . n 
A 1 147 ARG 147 147 147 ARG ARG A . n 
A 1 148 VAL 148 148 148 VAL VAL A . n 
A 1 149 VAL 149 149 149 VAL VAL A . n 
A 1 150 CYS 150 150 150 CYS CYS A . n 
A 1 151 SER 151 151 151 SER SER A . n 
A 1 152 SER 152 152 152 SER SER A . n 
A 1 153 GLY 153 153 153 GLY GLY A . n 
A 1 154 ALA 154 154 154 ALA ALA A . n 
A 1 155 VAL 155 155 155 VAL VAL A . n 
A 1 156 GLY 156 156 156 GLY GLY A . n 
A 1 157 ASN 157 157 157 ASN ASN A . n 
A 1 158 TYR 158 158 158 TYR TYR A . n 
A 1 159 SER 159 159 159 SER SER A . n 
A 1 160 GLY 160 160 160 GLY GLY A . n 
A 1 161 GLY 161 161 161 GLY GLY A . n 
A 1 162 LEU 162 162 162 LEU LEU A . n 
A 1 163 ALA 163 163 163 ALA ALA A . n 
A 1 164 VAL 164 164 164 VAL VAL A . n 
A 1 165 LYS 165 165 165 LYS LYS A . n 
A 1 166 GLU 166 166 166 GLU GLU A . n 
A 1 167 TRP 167 167 167 TRP TRP A . n 
A 1 168 LEU 168 168 168 LEU LEU A . n 
A 1 169 LEU 169 169 169 LEU LEU A . n 
A 1 170 ALA 170 170 170 ALA ALA A . n 
A 1 171 HIS 171 171 171 HIS HIS A . n 
A 1 172 GLU 172 172 172 GLU GLU A . n 
A 1 173 GLY 173 173 173 GLY GLY A . n 
A 1 174 HIS 174 174 174 HIS HIS A . n 
A 1 175 ARG 175 175 175 ARG ARG A . n 
A 1 176 LEU 176 176 176 LEU LEU A . n 
# 
loop_
_pdbx_nonpoly_scheme.asym_id 
_pdbx_nonpoly_scheme.entity_id 
_pdbx_nonpoly_scheme.mon_id 
_pdbx_nonpoly_scheme.ndb_seq_num 
_pdbx_nonpoly_scheme.pdb_seq_num 
_pdbx_nonpoly_scheme.auth_seq_num 
_pdbx_nonpoly_scheme.pdb_mon_id 
_pdbx_nonpoly_scheme.auth_mon_id 
_pdbx_nonpoly_scheme.pdb_strand_id 
_pdbx_nonpoly_scheme.pdb_ins_code 
B 2 HOH 1   2001 2001 HOH HOH A . 
B 2 HOH 2   2002 2002 HOH HOH A . 
B 2 HOH 3   2003 2003 HOH HOH A . 
B 2 HOH 4   2004 2004 HOH HOH A . 
B 2 HOH 5   2005 2005 HOH HOH A . 
B 2 HOH 6   2006 2006 HOH HOH A . 
B 2 HOH 7   2007 2007 HOH HOH A . 
B 2 HOH 8   2008 2008 HOH HOH A . 
B 2 HOH 9   2009 2009 HOH HOH A . 
B 2 HOH 10  2010 2010 HOH HOH A . 
B 2 HOH 11  2011 2011 HOH HOH A . 
B 2 HOH 12  2012 2012 HOH HOH A . 
B 2 HOH 13  2013 2013 HOH HOH A . 
B 2 HOH 14  2014 2014 HOH HOH A . 
B 2 HOH 15  2015 2015 HOH HOH A . 
B 2 HOH 16  2016 2016 HOH HOH A . 
B 2 HOH 17  2017 2017 HOH HOH A . 
B 2 HOH 18  2018 2018 HOH HOH A . 
B 2 HOH 19  2019 2019 HOH HOH A . 
B 2 HOH 20  2020 2020 HOH HOH A . 
B 2 HOH 21  2021 2021 HOH HOH A . 
B 2 HOH 22  2022 2022 HOH HOH A . 
B 2 HOH 23  2023 2023 HOH HOH A . 
B 2 HOH 24  2024 2024 HOH HOH A . 
B 2 HOH 25  2025 2025 HOH HOH A . 
B 2 HOH 26  2026 2026 HOH HOH A . 
B 2 HOH 27  2027 2027 HOH HOH A . 
B 2 HOH 28  2028 2028 HOH HOH A . 
B 2 HOH 29  2029 2029 HOH HOH A . 
B 2 HOH 30  2030 2030 HOH HOH A . 
B 2 HOH 31  2031 2031 HOH HOH A . 
B 2 HOH 32  2032 2032 HOH HOH A . 
B 2 HOH 33  2033 2033 HOH HOH A . 
B 2 HOH 34  2034 2034 HOH HOH A . 
B 2 HOH 35  2035 2035 HOH HOH A . 
B 2 HOH 36  2036 2036 HOH HOH A . 
B 2 HOH 37  2037 2037 HOH HOH A . 
B 2 HOH 38  2038 2038 HOH HOH A . 
B 2 HOH 39  2039 2039 HOH HOH A . 
B 2 HOH 40  2040 2040 HOH HOH A . 
B 2 HOH 41  2041 2041 HOH HOH A . 
B 2 HOH 42  2042 2042 HOH HOH A . 
B 2 HOH 43  2043 2043 HOH HOH A . 
B 2 HOH 44  2044 2044 HOH HOH A . 
B 2 HOH 45  2045 2045 HOH HOH A . 
B 2 HOH 46  2046 2046 HOH HOH A . 
B 2 HOH 47  2047 2047 HOH HOH A . 
B 2 HOH 48  2048 2048 HOH HOH A . 
B 2 HOH 49  2049 2049 HOH HOH A . 
B 2 HOH 50  2050 2050 HOH HOH A . 
B 2 HOH 51  2051 2051 HOH HOH A . 
B 2 HOH 52  2052 2052 HOH HOH A . 
B 2 HOH 53  2053 2053 HOH HOH A . 
B 2 HOH 54  2054 2054 HOH HOH A . 
B 2 HOH 55  2055 2055 HOH HOH A . 
B 2 HOH 56  2056 2056 HOH HOH A . 
B 2 HOH 57  2057 2057 HOH HOH A . 
B 2 HOH 58  2058 2058 HOH HOH A . 
B 2 HOH 59  2059 2059 HOH HOH A . 
B 2 HOH 60  2060 2060 HOH HOH A . 
B 2 HOH 61  2061 2061 HOH HOH A . 
B 2 HOH 62  2062 2062 HOH HOH A . 
B 2 HOH 63  2063 2063 HOH HOH A . 
B 2 HOH 64  2064 2064 HOH HOH A . 
B 2 HOH 65  2065 2065 HOH HOH A . 
B 2 HOH 66  2066 2066 HOH HOH A . 
B 2 HOH 67  2067 2067 HOH HOH A . 
B 2 HOH 68  2068 2068 HOH HOH A . 
B 2 HOH 69  2069 2069 HOH HOH A . 
B 2 HOH 70  2070 2070 HOH HOH A . 
B 2 HOH 71  2071 2071 HOH HOH A . 
B 2 HOH 72  2072 2072 HOH HOH A . 
B 2 HOH 73  2073 2073 HOH HOH A . 
B 2 HOH 74  2074 2074 HOH HOH A . 
B 2 HOH 75  2075 2075 HOH HOH A . 
B 2 HOH 76  2076 2076 HOH HOH A . 
B 2 HOH 77  2077 2077 HOH HOH A . 
B 2 HOH 78  2078 2078 HOH HOH A . 
B 2 HOH 79  2079 2079 HOH HOH A . 
B 2 HOH 80  2080 2080 HOH HOH A . 
B 2 HOH 81  2081 2081 HOH HOH A . 
B 2 HOH 82  2082 2082 HOH HOH A . 
B 2 HOH 83  2083 2083 HOH HOH A . 
B 2 HOH 84  2084 2084 HOH HOH A . 
B 2 HOH 85  2085 2085 HOH HOH A . 
B 2 HOH 86  2086 2086 HOH HOH A . 
B 2 HOH 87  2087 2087 HOH HOH A . 
B 2 HOH 88  2088 2088 HOH HOH A . 
B 2 HOH 89  2089 2089 HOH HOH A . 
B 2 HOH 90  2090 2090 HOH HOH A . 
B 2 HOH 91  2091 2091 HOH HOH A . 
B 2 HOH 92  2092 2092 HOH HOH A . 
B 2 HOH 93  2093 2093 HOH HOH A . 
B 2 HOH 94  2094 2094 HOH HOH A . 
B 2 HOH 95  2095 2095 HOH HOH A . 
B 2 HOH 96  2096 2096 HOH HOH A . 
B 2 HOH 97  2097 2097 HOH HOH A . 
B 2 HOH 98  2098 2098 HOH HOH A . 
B 2 HOH 99  2099 2099 HOH HOH A . 
B 2 HOH 100 2100 2100 HOH HOH A . 
B 2 HOH 101 2101 2101 HOH HOH A . 
B 2 HOH 102 2102 2102 HOH HOH A . 
B 2 HOH 103 2103 2103 HOH HOH A . 
B 2 HOH 104 2104 2104 HOH HOH A . 
B 2 HOH 105 2105 2105 HOH HOH A . 
B 2 HOH 106 2106 2106 HOH HOH A . 
B 2 HOH 107 2107 2107 HOH HOH A . 
B 2 HOH 108 2108 2108 HOH HOH A . 
B 2 HOH 109 2109 2109 HOH HOH A . 
B 2 HOH 110 2110 2110 HOH HOH A . 
B 2 HOH 111 2111 2111 HOH HOH A . 
B 2 HOH 112 2112 2112 HOH HOH A . 
B 2 HOH 113 2113 2113 HOH HOH A . 
B 2 HOH 114 2114 2114 HOH HOH A . 
B 2 HOH 115 2115 2115 HOH HOH A . 
B 2 HOH 116 2116 2116 HOH HOH A . 
B 2 HOH 117 2117 2117 HOH HOH A . 
B 2 HOH 118 2118 2118 HOH HOH A . 
B 2 HOH 119 2119 2119 HOH HOH A . 
B 2 HOH 120 2120 2120 HOH HOH A . 
B 2 HOH 121 2121 2121 HOH HOH A . 
B 2 HOH 122 2122 2122 HOH HOH A . 
B 2 HOH 123 2123 2123 HOH HOH A . 
B 2 HOH 124 2124 2124 HOH HOH A . 
B 2 HOH 125 2125 2125 HOH HOH A . 
B 2 HOH 126 2126 2126 HOH HOH A . 
B 2 HOH 127 2127 2127 HOH HOH A . 
B 2 HOH 128 2128 2128 HOH HOH A . 
B 2 HOH 129 2129 2129 HOH HOH A . 
B 2 HOH 130 2130 2130 HOH HOH A . 
B 2 HOH 131 2131 2131 HOH HOH A . 
B 2 HOH 132 2132 2132 HOH HOH A . 
B 2 HOH 133 2133 2133 HOH HOH A . 
B 2 HOH 134 2134 2134 HOH HOH A . 
B 2 HOH 135 2135 2135 HOH HOH A . 
B 2 HOH 136 2136 2136 HOH HOH A . 
B 2 HOH 137 2137 2137 HOH HOH A . 
B 2 HOH 138 2138 2138 HOH HOH A . 
B 2 HOH 139 2139 2139 HOH HOH A . 
B 2 HOH 140 2140 2140 HOH HOH A . 
B 2 HOH 141 2141 2141 HOH HOH A . 
B 2 HOH 142 2142 2142 HOH HOH A . 
B 2 HOH 143 2143 2143 HOH HOH A . 
B 2 HOH 144 2144 2144 HOH HOH A . 
B 2 HOH 145 2145 2145 HOH HOH A . 
B 2 HOH 146 2146 2146 HOH HOH A . 
B 2 HOH 147 2147 2147 HOH HOH A . 
B 2 HOH 148 2148 2148 HOH HOH A . 
B 2 HOH 149 2149 2149 HOH HOH A . 
B 2 HOH 150 2150 2150 HOH HOH A . 
B 2 HOH 151 2151 2151 HOH HOH A . 
B 2 HOH 152 2152 2152 HOH HOH A . 
B 2 HOH 153 2153 2153 HOH HOH A . 
B 2 HOH 154 2154 2154 HOH HOH A . 
B 2 HOH 155 2155 2155 HOH HOH A . 
B 2 HOH 156 2156 2156 HOH HOH A . 
B 2 HOH 157 2157 2157 HOH HOH A . 
B 2 HOH 158 2158 2158 HOH HOH A . 
B 2 HOH 159 2159 2159 HOH HOH A . 
B 2 HOH 160 2160 2160 HOH HOH A . 
B 2 HOH 161 2161 2161 HOH HOH A . 
B 2 HOH 162 2162 2162 HOH HOH A . 
B 2 HOH 163 2163 2163 HOH HOH A . 
B 2 HOH 164 2164 2164 HOH HOH A . 
B 2 HOH 165 2165 2165 HOH HOH A . 
B 2 HOH 166 2166 2166 HOH HOH A . 
B 2 HOH 167 2167 2167 HOH HOH A . 
B 2 HOH 168 2168 2168 HOH HOH A . 
B 2 HOH 169 2169 2169 HOH HOH A . 
B 2 HOH 170 2170 2170 HOH HOH A . 
B 2 HOH 171 2171 2171 HOH HOH A . 
B 2 HOH 172 2172 2172 HOH HOH A . 
B 2 HOH 173 2173 2173 HOH HOH A . 
B 2 HOH 174 2174 2174 HOH HOH A . 
# 
loop_
_software.name 
_software.classification 
_software.version 
_software.citation_id 
_software.pdbx_ordinal 
CNS       refinement       0.5 ? 1 
DENZO     'data reduction' .   ? 2 
SCALEPACK 'data scaling'   .   ? 3 
SOLVE     phasing          .   ? 4 
# 
_cell.entry_id           1QNT 
_cell.length_a           71.877 
_cell.length_b           71.877 
_cell.length_c           72.578 
_cell.angle_alpha        90.00 
_cell.angle_beta         90.00 
_cell.angle_gamma        120.00 
_cell.Z_PDB              6 
_cell.pdbx_unique_axis   ? 
# 
_symmetry.entry_id                         1QNT 
_symmetry.space_group_name_H-M             'P 31 2 1' 
_symmetry.pdbx_full_space_group_name_H-M   ? 
_symmetry.cell_setting                     ? 
_symmetry.Int_Tables_number                152 
# 
_exptl.entry_id          1QNT 
_exptl.method            'X-RAY DIFFRACTION' 
_exptl.crystals_number   1 
# 
_exptl_crystal.id                    1 
_exptl_crystal.density_meas          ? 
_exptl_crystal.density_Matthews      2.86 
_exptl_crystal.density_percent_sol   55 
_exptl_crystal.description           
'INITIAL STRUCTURE FROM MAD DATA COLLECTED TO 2.3A AT ESRF BM14 FROM SEMET DERIVATIVE USING DATA FROM 3 DIFFERENT WAVELENGTHS' 
# 
_exptl_crystal_grow.crystal_id      1 
_exptl_crystal_grow.method          ? 
_exptl_crystal_grow.temp            ? 
_exptl_crystal_grow.temp_details    ? 
_exptl_crystal_grow.pH              7.50 
_exptl_crystal_grow.pdbx_pH_range   ? 
_exptl_crystal_grow.pdbx_details    '1.75M (NH4)2SO4, PH 7.5' 
# 
_diffrn.id                     1 
_diffrn.ambient_temp           100.0 
_diffrn.ambient_temp_details   ? 
_diffrn.crystal_id             1 
# 
_diffrn_detector.diffrn_id              1 
_diffrn_detector.detector               CCD 
_diffrn_detector.type                   'ADSC CCD' 
_diffrn_detector.pdbx_collection_date   1999-10-15 
_diffrn_detector.details                ? 
# 
_diffrn_radiation.diffrn_id                        1 
_diffrn_radiation.wavelength_id                    1 
_diffrn_radiation.pdbx_monochromatic_or_laue_m_l   M 
_diffrn_radiation.monochromator                    ? 
_diffrn_radiation.pdbx_diffrn_protocol             'SINGLE WAVELENGTH' 
_diffrn_radiation.pdbx_scattering_type             x-ray 
# 
_diffrn_radiation_wavelength.id           1 
_diffrn_radiation_wavelength.wavelength   0.87 
_diffrn_radiation_wavelength.wt           1.0 
# 
_diffrn_source.diffrn_id                   1 
_diffrn_source.source                      SYNCHROTRON 
_diffrn_source.type                        'SRS BEAMLINE PX9.6' 
_diffrn_source.pdbx_synchrotron_site       SRS 
_diffrn_source.pdbx_synchrotron_beamline   PX9.6 
_diffrn_source.pdbx_wavelength             0.87 
_diffrn_source.pdbx_wavelength_list        ? 
# 
_reflns.pdbx_diffrn_id               1 
_reflns.pdbx_ordinal                 1 
_reflns.entry_id                     1QNT 
_reflns.observed_criterion_sigma_I   0.000 
_reflns.observed_criterion_sigma_F   ? 
_reflns.d_resolution_low             23.000 
_reflns.d_resolution_high            1.900 
_reflns.number_obs                   17402 
_reflns.number_all                   ? 
_reflns.percent_possible_obs         99.5 
_reflns.pdbx_Rmerge_I_obs            ? 
_reflns.pdbx_Rsym_value              0.05000 
_reflns.pdbx_netI_over_sigmaI        27.6000 
_reflns.B_iso_Wilson_estimate        16.3 
_reflns.pdbx_redundancy              12.200 
# 
_reflns_shell.pdbx_diffrn_id         1 
_reflns_shell.pdbx_ordinal           1 
_reflns_shell.d_res_high             1.90 
_reflns_shell.d_res_low              1.97 
_reflns_shell.percent_possible_all   99.9 
_reflns_shell.Rmerge_I_obs           ? 
_reflns_shell.pdbx_Rsym_value        0.19300 
_reflns_shell.meanI_over_sigI_obs    10.300 
_reflns_shell.pdbx_redundancy        ? 
# 
_refine.pdbx_refine_id                           'X-RAY DIFFRACTION' 
_refine.entry_id                                 1QNT 
_refine.pdbx_diffrn_id                           1 
_refine.pdbx_TLS_residual_ADP_flag               ? 
_refine.ls_number_reflns_obs                     32604 
_refine.ls_number_reflns_all                     ? 
_refine.pdbx_ls_sigma_I                          ? 
_refine.pdbx_ls_sigma_F                          0.0 
_refine.pdbx_data_cutoff_high_absF               ? 
_refine.pdbx_data_cutoff_low_absF                ? 
_refine.pdbx_data_cutoff_high_rms_absF           ? 
_refine.ls_d_res_low                             23.00 
_refine.ls_d_res_high                            1.90 
_refine.ls_percent_reflns_obs                    98.7 
_refine.ls_R_factor_obs                          0.198 
_refine.ls_R_factor_all                          ? 
_refine.ls_R_factor_R_work                       0.198 
_refine.ls_R_factor_R_free                       0.221 
_refine.ls_R_factor_R_free_error                 0.006 
_refine.ls_R_factor_R_free_error_details         ? 
_refine.ls_percent_reflns_R_free                 4.9 
_refine.ls_number_reflns_R_free                  1600 
_refine.ls_number_parameters                     ? 
_refine.ls_number_restraints                     ? 
_refine.occupancy_min                            ? 
_refine.occupancy_max                            ? 
_refine.correlation_coeff_Fo_to_Fc               ? 
_refine.correlation_coeff_Fo_to_Fc_free          ? 
_refine.B_iso_mean                               24.4 
_refine.aniso_B[1][1]                            -0.55 
_refine.aniso_B[2][2]                            -0.55 
_refine.aniso_B[3][3]                            1.10 
_refine.aniso_B[1][2]                            0.71 
_refine.aniso_B[1][3]                            0.00 
_refine.aniso_B[2][3]                            0.00 
_refine.solvent_model_details                    'FLAT MODEL' 
_refine.solvent_model_param_ksol                 0.427549 
_refine.solvent_model_param_bsol                 61.6075 
_refine.pdbx_solvent_vdw_probe_radii             ? 
_refine.pdbx_solvent_ion_probe_radii             ? 
_refine.pdbx_solvent_shrinkage_radii             ? 
_refine.pdbx_ls_cross_valid_method               THROUGHOUT 
_refine.details                                  ? 
_refine.pdbx_starting_model                      ? 
_refine.pdbx_method_to_determine_struct          MAD 
_refine.pdbx_isotropic_thermal_model             RESTRAINED 
_refine.pdbx_stereochemistry_target_values       ? 
_refine.pdbx_stereochem_target_val_spec_case     ? 
_refine.pdbx_R_Free_selection_details            RANDOM 
_refine.pdbx_overall_ESU_R                       ? 
_refine.pdbx_overall_ESU_R_Free                  ? 
_refine.overall_SU_ML                            ? 
_refine.pdbx_overall_phase_error                 ? 
_refine.overall_SU_B                             ? 
_refine.overall_SU_R_Cruickshank_DPI             ? 
_refine.pdbx_overall_SU_R_free_Cruickshank_DPI   ? 
_refine.pdbx_overall_SU_R_Blow_DPI               ? 
_refine.pdbx_overall_SU_R_free_Blow_DPI          ? 
# 
_refine_analyze.pdbx_refine_id                  'X-RAY DIFFRACTION' 
_refine_analyze.entry_id                        1QNT 
_refine_analyze.Luzzati_coordinate_error_obs    0.21 
_refine_analyze.Luzzati_sigma_a_obs             0.12 
_refine_analyze.Luzzati_d_res_low_obs           5.00 
_refine_analyze.Luzzati_coordinate_error_free   0.24 
_refine_analyze.Luzzati_sigma_a_free            0.17 
_refine_analyze.Luzzati_d_res_low_free          ? 
_refine_analyze.number_disordered_residues      ? 
_refine_analyze.occupancy_sum_hydrogen          ? 
_refine_analyze.occupancy_sum_non_hydrogen      ? 
# 
_refine_hist.pdbx_refine_id                   'X-RAY DIFFRACTION' 
_refine_hist.cycle_id                         LAST 
_refine_hist.pdbx_number_atoms_protein        1264 
_refine_hist.pdbx_number_atoms_nucleic_acid   0 
_refine_hist.pdbx_number_atoms_ligand         0 
_refine_hist.number_atoms_solvent             174 
_refine_hist.number_atoms_total               1438 
_refine_hist.d_res_high                       1.90 
_refine_hist.d_res_low                        23.00 
# 
loop_
_refine_ls_restr.type 
_refine_ls_restr.dev_ideal 
_refine_ls_restr.dev_ideal_target 
_refine_ls_restr.weight 
_refine_ls_restr.number 
_refine_ls_restr.pdbx_refine_id 
_refine_ls_restr.pdbx_restraint_function 
c_bond_d                0.137 ?    ? ? 'X-RAY DIFFRACTION' ? 
c_bond_d_na             ?     ?    ? ? 'X-RAY DIFFRACTION' ? 
c_bond_d_prot           ?     ?    ? ? 'X-RAY DIFFRACTION' ? 
c_angle_d               ?     ?    ? ? 'X-RAY DIFFRACTION' ? 
c_angle_d_na            ?     ?    ? ? 'X-RAY DIFFRACTION' ? 
c_angle_d_prot          ?     ?    ? ? 'X-RAY DIFFRACTION' ? 
c_angle_deg             2.2   ?    ? ? 'X-RAY DIFFRACTION' ? 
c_angle_deg_na          ?     ?    ? ? 'X-RAY DIFFRACTION' ? 
c_angle_deg_prot        ?     ?    ? ? 'X-RAY DIFFRACTION' ? 
c_dihedral_angle_d      22.4  ?    ? ? 'X-RAY DIFFRACTION' ? 
c_dihedral_angle_d_na   ?     ?    ? ? 'X-RAY DIFFRACTION' ? 
c_dihedral_angle_d_prot ?     ?    ? ? 'X-RAY DIFFRACTION' ? 
c_improper_angle_d      1.46  ?    ? ? 'X-RAY DIFFRACTION' ? 
c_improper_angle_d_na   ?     ?    ? ? 'X-RAY DIFFRACTION' ? 
c_improper_angle_d_prot ?     ?    ? ? 'X-RAY DIFFRACTION' ? 
c_mcbond_it             0.56  1.50 ? ? 'X-RAY DIFFRACTION' ? 
c_mcangle_it            1.00  2.00 ? ? 'X-RAY DIFFRACTION' ? 
c_scbond_it             0.57  2.00 ? ? 'X-RAY DIFFRACTION' ? 
c_scangle_it            0.94  2.50 ? ? 'X-RAY DIFFRACTION' ? 
# 
_refine_ls_shell.pdbx_refine_id                   'X-RAY DIFFRACTION' 
_refine_ls_shell.pdbx_total_number_of_bins_used   6 
_refine_ls_shell.d_res_high                       1.90 
_refine_ls_shell.d_res_low                        2.02 
_refine_ls_shell.number_reflns_R_work             5000 
_refine_ls_shell.R_factor_R_work                  0.220 
_refine_ls_shell.percent_reflns_obs               95.9 
_refine_ls_shell.R_factor_R_free                  0.252 
_refine_ls_shell.R_factor_R_free_error            0.016 
_refine_ls_shell.percent_reflns_R_free            4.8 
_refine_ls_shell.number_reflns_R_free             250 
_refine_ls_shell.number_reflns_all                ? 
_refine_ls_shell.R_factor_all                     ? 
# 
loop_
_pdbx_xplor_file.pdbx_refine_id 
_pdbx_xplor_file.serial_no 
_pdbx_xplor_file.param_file 
_pdbx_xplor_file.topol_file 
'X-RAY DIFFRACTION' 1 PROTEIN_REP.PARAM PROTEIN.TOP 
'X-RAY DIFFRACTION' 2 WATER_REP.PARAM   WATER.TOP   
# 
_struct.entry_id                  1QNT 
_struct.title                     'X-ray structure of human O6alkylguanine-DNA alkyltransferase' 
_struct.pdbx_model_details        ? 
_struct.pdbx_CASP_flag            ? 
_struct.pdbx_model_type_details   ? 
# 
_struct_keywords.entry_id        1QNT 
_struct_keywords.pdbx_keywords   'DNA REPAIR' 
_struct_keywords.text            'DNA REPAIR, ALKYLTRANSFERASE, METHYLTRANSFERASE' 
# 
loop_
_struct_asym.id 
_struct_asym.pdbx_blank_PDB_chainid_flag 
_struct_asym.pdbx_modified 
_struct_asym.entity_id 
_struct_asym.details 
A N N 1 ? 
B N N 2 ? 
# 
_struct_ref.id                         1 
_struct_ref.db_name                    UNP 
_struct_ref.db_code                    MGMT_HUMAN 
_struct_ref.entity_id                  1 
_struct_ref.pdbx_seq_one_letter_code   ? 
_struct_ref.pdbx_align_begin           ? 
_struct_ref.pdbx_db_accession          P16455 
_struct_ref.pdbx_db_isoform            ? 
# 
_struct_ref_seq.align_id                      1 
_struct_ref_seq.ref_id                        1 
_struct_ref_seq.pdbx_PDB_id_code              1QNT 
_struct_ref_seq.pdbx_strand_id                A 
_struct_ref_seq.seq_align_beg                 1 
_struct_ref_seq.pdbx_seq_align_beg_ins_code   ? 
_struct_ref_seq.seq_align_end                 176 
_struct_ref_seq.pdbx_seq_align_end_ins_code   ? 
_struct_ref_seq.pdbx_db_accession             P16455 
_struct_ref_seq.db_align_beg                  1 
_struct_ref_seq.pdbx_db_align_beg_ins_code    ? 
_struct_ref_seq.db_align_end                  176 
_struct_ref_seq.pdbx_db_align_end_ins_code    ? 
_struct_ref_seq.pdbx_auth_seq_align_beg       1 
_struct_ref_seq.pdbx_auth_seq_align_end       176 
# 
_pdbx_struct_assembly.id                   1 
_pdbx_struct_assembly.details              software_defined_assembly 
_pdbx_struct_assembly.method_details       PQS 
_pdbx_struct_assembly.oligomeric_details   monomeric 
_pdbx_struct_assembly.oligomeric_count     1 
# 
_pdbx_struct_assembly_gen.assembly_id       1 
_pdbx_struct_assembly_gen.oper_expression   1 
_pdbx_struct_assembly_gen.asym_id_list      A,B 
# 
_pdbx_struct_oper_list.id                   1 
_pdbx_struct_oper_list.type                 'identity operation' 
_pdbx_struct_oper_list.name                 1_555 
_pdbx_struct_oper_list.symmetry_operation   x,y,z 
_pdbx_struct_oper_list.matrix[1][1]         1.0000000000 
_pdbx_struct_oper_list.matrix[1][2]         0.0000000000 
_pdbx_struct_oper_list.matrix[1][3]         0.0000000000 
_pdbx_struct_oper_list.vector[1]            0.0000000000 
_pdbx_struct_oper_list.matrix[2][1]         0.0000000000 
_pdbx_struct_oper_list.matrix[2][2]         1.0000000000 
_pdbx_struct_oper_list.matrix[2][3]         0.0000000000 
_pdbx_struct_oper_list.vector[2]            0.0000000000 
_pdbx_struct_oper_list.matrix[3][1]         0.0000000000 
_pdbx_struct_oper_list.matrix[3][2]         0.0000000000 
_pdbx_struct_oper_list.matrix[3][3]         1.0000000000 
_pdbx_struct_oper_list.vector[3]            0.0000000000 
# 
_struct_biol.id        1 
_struct_biol.details   
;BIOLOGICAL_UNIT: MONOMER RECOMBINANT HUMAN                   
 PROTEINEXPRESSED IN ESCHERICHIA COLI
;
# 
loop_
_struct_conf.conf_type_id 
_struct_conf.id 
_struct_conf.pdbx_PDB_helix_id 
_struct_conf.beg_label_comp_id 
_struct_conf.beg_label_asym_id 
_struct_conf.beg_label_seq_id 
_struct_conf.pdbx_beg_PDB_ins_code 
_struct_conf.end_label_comp_id 
_struct_conf.end_label_asym_id 
_struct_conf.end_label_seq_id 
_struct_conf.pdbx_end_PDB_ins_code 
_struct_conf.beg_auth_comp_id 
_struct_conf.beg_auth_asym_id 
_struct_conf.beg_auth_seq_id 
_struct_conf.end_auth_comp_id 
_struct_conf.end_auth_asym_id 
_struct_conf.end_auth_seq_id 
_struct_conf.pdbx_PDB_helix_class 
_struct_conf.details 
_struct_conf.pdbx_PDB_helix_length 
HELX_P HELX_P1 1 PRO A 56  ? GLN A 72  ? PRO A 56  GLN A 72  1 ? 17 
HELX_P HELX_P2 2 PRO A 73  ? PHE A 79  ? PRO A 73  PHE A 79  5 ? 7  
HELX_P HELX_P3 3 HIS A 86  ? GLN A 91  ? HIS A 86  GLN A 91  1 ? 6  
HELX_P HELX_P4 4 SER A 93  ? VAL A 106 ? SER A 93  VAL A 106 1 ? 14 
HELX_P HELX_P5 5 TYR A 114 ? ALA A 121 ? TYR A 114 ALA A 121 1 ? 8  
HELX_P HELX_P6 6 ALA A 126 ? ARG A 135 ? ALA A 126 ARG A 135 1 ? 10 
HELX_P HELX_P7 7 PRO A 144 ? HIS A 146 ? PRO A 144 HIS A 146 5 ? 3  
HELX_P HELX_P8 8 GLY A 161 ? GLU A 172 ? GLY A 161 GLU A 172 1 ? 12 
# 
_struct_conf_type.id          HELX_P 
_struct_conf_type.criteria    ? 
_struct_conf_type.reference   ? 
# 
_struct_sheet.id               A 
_struct_sheet.type             ? 
_struct_sheet.number_strands   3 
_struct_sheet.details          ? 
# 
loop_
_struct_sheet_order.sheet_id 
_struct_sheet_order.range_id_1 
_struct_sheet_order.range_id_2 
_struct_sheet_order.offset 
_struct_sheet_order.sense 
A 1 2 ? anti-parallel 
A 2 3 ? anti-parallel 
# 
loop_
_struct_sheet_range.sheet_id 
_struct_sheet_range.id 
_struct_sheet_range.beg_label_comp_id 
_struct_sheet_range.beg_label_asym_id 
_struct_sheet_range.beg_label_seq_id 
_struct_sheet_range.pdbx_beg_PDB_ins_code 
_struct_sheet_range.end_label_comp_id 
_struct_sheet_range.end_label_asym_id 
_struct_sheet_range.end_label_seq_id 
_struct_sheet_range.pdbx_end_PDB_ins_code 
_struct_sheet_range.beg_auth_comp_id 
_struct_sheet_range.beg_auth_asym_id 
_struct_sheet_range.beg_auth_seq_id 
_struct_sheet_range.end_auth_comp_id 
_struct_sheet_range.end_auth_asym_id 
_struct_sheet_range.end_auth_seq_id 
A 1 LYS A 8  ? LEU A 12 ? LYS A 8  LEU A 12 
A 2 LEU A 19 ? CYS A 24 ? LEU A 19 CYS A 24 
A 3 GLY A 27 ? LEU A 33 ? GLY A 27 LEU A 33 
# 
loop_
_pdbx_struct_sheet_hbond.sheet_id 
_pdbx_struct_sheet_hbond.range_id_1 
_pdbx_struct_sheet_hbond.range_id_2 
_pdbx_struct_sheet_hbond.range_1_label_atom_id 
_pdbx_struct_sheet_hbond.range_1_label_comp_id 
_pdbx_struct_sheet_hbond.range_1_label_asym_id 
_pdbx_struct_sheet_hbond.range_1_label_seq_id 
_pdbx_struct_sheet_hbond.range_1_PDB_ins_code 
_pdbx_struct_sheet_hbond.range_1_auth_atom_id 
_pdbx_struct_sheet_hbond.range_1_auth_comp_id 
_pdbx_struct_sheet_hbond.range_1_auth_asym_id 
_pdbx_struct_sheet_hbond.range_1_auth_seq_id 
_pdbx_struct_sheet_hbond.range_2_label_atom_id 
_pdbx_struct_sheet_hbond.range_2_label_comp_id 
_pdbx_struct_sheet_hbond.range_2_label_asym_id 
_pdbx_struct_sheet_hbond.range_2_label_seq_id 
_pdbx_struct_sheet_hbond.range_2_PDB_ins_code 
_pdbx_struct_sheet_hbond.range_2_auth_atom_id 
_pdbx_struct_sheet_hbond.range_2_auth_comp_id 
_pdbx_struct_sheet_hbond.range_2_auth_asym_id 
_pdbx_struct_sheet_hbond.range_2_auth_seq_id 
A 1 2 O LYS A 8  ? O LYS A 8  N GLY A 23 ? N GLY A 23 
A 2 3 O GLU A 20 ? O GLU A 20 N LYS A 32 ? N LYS A 32 
# 
_pdbx_validate_rmsd_angle.id                         1 
_pdbx_validate_rmsd_angle.PDB_model_num              1 
_pdbx_validate_rmsd_angle.auth_atom_id_1             N 
_pdbx_validate_rmsd_angle.auth_asym_id_1             A 
_pdbx_validate_rmsd_angle.auth_comp_id_1             ILE 
_pdbx_validate_rmsd_angle.auth_seq_id_1              143 
_pdbx_validate_rmsd_angle.PDB_ins_code_1             ? 
_pdbx_validate_rmsd_angle.label_alt_id_1             ? 
_pdbx_validate_rmsd_angle.auth_atom_id_2             CA 
_pdbx_validate_rmsd_angle.auth_asym_id_2             A 
_pdbx_validate_rmsd_angle.auth_comp_id_2             ILE 
_pdbx_validate_rmsd_angle.auth_seq_id_2              143 
_pdbx_validate_rmsd_angle.PDB_ins_code_2             ? 
_pdbx_validate_rmsd_angle.label_alt_id_2             ? 
_pdbx_validate_rmsd_angle.auth_atom_id_3             C 
_pdbx_validate_rmsd_angle.auth_asym_id_3             A 
_pdbx_validate_rmsd_angle.auth_comp_id_3             ILE 
_pdbx_validate_rmsd_angle.auth_seq_id_3              143 
_pdbx_validate_rmsd_angle.PDB_ins_code_3             ? 
_pdbx_validate_rmsd_angle.label_alt_id_3             ? 
_pdbx_validate_rmsd_angle.angle_value                94.65 
_pdbx_validate_rmsd_angle.angle_target_value         111.00 
_pdbx_validate_rmsd_angle.angle_deviation            -16.35 
_pdbx_validate_rmsd_angle.angle_standard_deviation   2.70 
_pdbx_validate_rmsd_angle.linker_flag                N 
# 
loop_
_pdbx_validate_torsion.id 
_pdbx_validate_torsion.PDB_model_num 
_pdbx_validate_torsion.auth_comp_id 
_pdbx_validate_torsion.auth_asym_id 
_pdbx_validate_torsion.auth_seq_id 
_pdbx_validate_torsion.PDB_ins_code 
_pdbx_validate_torsion.label_alt_id 
_pdbx_validate_torsion.phi 
_pdbx_validate_torsion.psi 
1 1 GLN A 72  ? ? -144.42 52.50  
2 1 ALA A 126 ? ? -97.23  36.08  
3 1 ILE A 141 ? ? 72.97   -58.41 
4 1 PRO A 144 ? ? -65.99  63.55  
# 
_pdbx_entry_details.entry_id                 1QNT 
_pdbx_entry_details.compound_details         
;FRAGMENT EXPRESSED BY MUTATION OF POSITION 177 INTO A
 STOP CODON
;
_pdbx_entry_details.source_details           ? 
_pdbx_entry_details.nonpolymer_details       ? 
_pdbx_entry_details.sequence_details         ? 
_pdbx_entry_details.has_ligand_of_interest   ? 
# 
loop_
_pdbx_distant_solvent_atoms.id 
_pdbx_distant_solvent_atoms.PDB_model_num 
_pdbx_distant_solvent_atoms.auth_atom_id 
_pdbx_distant_solvent_atoms.label_alt_id 
_pdbx_distant_solvent_atoms.auth_asym_id 
_pdbx_distant_solvent_atoms.auth_comp_id 
_pdbx_distant_solvent_atoms.auth_seq_id 
_pdbx_distant_solvent_atoms.PDB_ins_code 
_pdbx_distant_solvent_atoms.neighbor_macromolecule_distance 
_pdbx_distant_solvent_atoms.neighbor_ligand_distance 
1 1 O ? A HOH 2022 ? 7.39 . 
2 1 O ? A HOH 2024 ? 5.81 . 
3 1 O ? A HOH 2050 ? 6.45 . 
# 
loop_
_pdbx_unobs_or_zero_occ_residues.id 
_pdbx_unobs_or_zero_occ_residues.PDB_model_num 
_pdbx_unobs_or_zero_occ_residues.polymer_flag 
_pdbx_unobs_or_zero_occ_residues.occupancy_flag 
_pdbx_unobs_or_zero_occ_residues.auth_asym_id 
_pdbx_unobs_or_zero_occ_residues.auth_comp_id 
_pdbx_unobs_or_zero_occ_residues.auth_seq_id 
_pdbx_unobs_or_zero_occ_residues.PDB_ins_code 
_pdbx_unobs_or_zero_occ_residues.label_asym_id 
_pdbx_unobs_or_zero_occ_residues.label_comp_id 
_pdbx_unobs_or_zero_occ_residues.label_seq_id 
1  1 Y 1 A MET 1  ? A MET 1  
2  1 Y 1 A ASP 2  ? A ASP 2  
3  1 Y 1 A LYS 3  ? A LYS 3  
4  1 Y 1 A ASP 4  ? A ASP 4  
5  1 Y 1 A CYS 5  ? A CYS 5  
6  1 Y 1 A GLY 37 ? A GLY 37 
7  1 Y 1 A THR 38 ? A THR 38 
8  1 Y 1 A SER 39 ? A SER 39 
9  1 Y 1 A ALA 40 ? A ALA 40 
10 1 Y 1 A ALA 41 ? A ALA 41 
# 
loop_
_chem_comp_atom.comp_id 
_chem_comp_atom.atom_id 
_chem_comp_atom.type_symbol 
_chem_comp_atom.pdbx_aromatic_flag 
_chem_comp_atom.pdbx_stereo_config 
_chem_comp_atom.pdbx_ordinal 
ALA N    N N N 1   
ALA CA   C N S 2   
ALA C    C N N 3   
ALA O    O N N 4   
ALA CB   C N N 5   
ALA OXT  O N N 6   
ALA H    H N N 7   
ALA H2   H N N 8   
ALA HA   H N N 9   
ALA HB1  H N N 10  
ALA HB2  H N N 11  
ALA HB3  H N N 12  
ALA HXT  H N N 13  
ARG N    N N N 14  
ARG CA   C N S 15  
ARG C    C N N 16  
ARG O    O N N 17  
ARG CB   C N N 18  
ARG CG   C N N 19  
ARG CD   C N N 20  
ARG NE   N N N 21  
ARG CZ   C N N 22  
ARG NH1  N N N 23  
ARG NH2  N N N 24  
ARG OXT  O N N 25  
ARG H    H N N 26  
ARG H2   H N N 27  
ARG HA   H N N 28  
ARG HB2  H N N 29  
ARG HB3  H N N 30  
ARG HG2  H N N 31  
ARG HG3  H N N 32  
ARG HD2  H N N 33  
ARG HD3  H N N 34  
ARG HE   H N N 35  
ARG HH11 H N N 36  
ARG HH12 H N N 37  
ARG HH21 H N N 38  
ARG HH22 H N N 39  
ARG HXT  H N N 40  
ASN N    N N N 41  
ASN CA   C N S 42  
ASN C    C N N 43  
ASN O    O N N 44  
ASN CB   C N N 45  
ASN CG   C N N 46  
ASN OD1  O N N 47  
ASN ND2  N N N 48  
ASN OXT  O N N 49  
ASN H    H N N 50  
ASN H2   H N N 51  
ASN HA   H N N 52  
ASN HB2  H N N 53  
ASN HB3  H N N 54  
ASN HD21 H N N 55  
ASN HD22 H N N 56  
ASN HXT  H N N 57  
ASP N    N N N 58  
ASP CA   C N S 59  
ASP C    C N N 60  
ASP O    O N N 61  
ASP CB   C N N 62  
ASP CG   C N N 63  
ASP OD1  O N N 64  
ASP OD2  O N N 65  
ASP OXT  O N N 66  
ASP H    H N N 67  
ASP H2   H N N 68  
ASP HA   H N N 69  
ASP HB2  H N N 70  
ASP HB3  H N N 71  
ASP HD2  H N N 72  
ASP HXT  H N N 73  
CYS N    N N N 74  
CYS CA   C N R 75  
CYS C    C N N 76  
CYS O    O N N 77  
CYS CB   C N N 78  
CYS SG   S N N 79  
CYS OXT  O N N 80  
CYS H    H N N 81  
CYS H2   H N N 82  
CYS HA   H N N 83  
CYS HB2  H N N 84  
CYS HB3  H N N 85  
CYS HG   H N N 86  
CYS HXT  H N N 87  
GLN N    N N N 88  
GLN CA   C N S 89  
GLN C    C N N 90  
GLN O    O N N 91  
GLN CB   C N N 92  
GLN CG   C N N 93  
GLN CD   C N N 94  
GLN OE1  O N N 95  
GLN NE2  N N N 96  
GLN OXT  O N N 97  
GLN H    H N N 98  
GLN H2   H N N 99  
GLN HA   H N N 100 
GLN HB2  H N N 101 
GLN HB3  H N N 102 
GLN HG2  H N N 103 
GLN HG3  H N N 104 
GLN HE21 H N N 105 
GLN HE22 H N N 106 
GLN HXT  H N N 107 
GLU N    N N N 108 
GLU CA   C N S 109 
GLU C    C N N 110 
GLU O    O N N 111 
GLU CB   C N N 112 
GLU CG   C N N 113 
GLU CD   C N N 114 
GLU OE1  O N N 115 
GLU OE2  O N N 116 
GLU OXT  O N N 117 
GLU H    H N N 118 
GLU H2   H N N 119 
GLU HA   H N N 120 
GLU HB2  H N N 121 
GLU HB3  H N N 122 
GLU HG2  H N N 123 
GLU HG3  H N N 124 
GLU HE2  H N N 125 
GLU HXT  H N N 126 
GLY N    N N N 127 
GLY CA   C N N 128 
GLY C    C N N 129 
GLY O    O N N 130 
GLY OXT  O N N 131 
GLY H    H N N 132 
GLY H2   H N N 133 
GLY HA2  H N N 134 
GLY HA3  H N N 135 
GLY HXT  H N N 136 
HIS N    N N N 137 
HIS CA   C N S 138 
HIS C    C N N 139 
HIS O    O N N 140 
HIS CB   C N N 141 
HIS CG   C Y N 142 
HIS ND1  N Y N 143 
HIS CD2  C Y N 144 
HIS CE1  C Y N 145 
HIS NE2  N Y N 146 
HIS OXT  O N N 147 
HIS H    H N N 148 
HIS H2   H N N 149 
HIS HA   H N N 150 
HIS HB2  H N N 151 
HIS HB3  H N N 152 
HIS HD1  H N N 153 
HIS HD2  H N N 154 
HIS HE1  H N N 155 
HIS HE2  H N N 156 
HIS HXT  H N N 157 
HOH O    O N N 158 
HOH H1   H N N 159 
HOH H2   H N N 160 
ILE N    N N N 161 
ILE CA   C N S 162 
ILE C    C N N 163 
ILE O    O N N 164 
ILE CB   C N S 165 
ILE CG1  C N N 166 
ILE CG2  C N N 167 
ILE CD1  C N N 168 
ILE OXT  O N N 169 
ILE H    H N N 170 
ILE H2   H N N 171 
ILE HA   H N N 172 
ILE HB   H N N 173 
ILE HG12 H N N 174 
ILE HG13 H N N 175 
ILE HG21 H N N 176 
ILE HG22 H N N 177 
ILE HG23 H N N 178 
ILE HD11 H N N 179 
ILE HD12 H N N 180 
ILE HD13 H N N 181 
ILE HXT  H N N 182 
LEU N    N N N 183 
LEU CA   C N S 184 
LEU C    C N N 185 
LEU O    O N N 186 
LEU CB   C N N 187 
LEU CG   C N N 188 
LEU CD1  C N N 189 
LEU CD2  C N N 190 
LEU OXT  O N N 191 
LEU H    H N N 192 
LEU H2   H N N 193 
LEU HA   H N N 194 
LEU HB2  H N N 195 
LEU HB3  H N N 196 
LEU HG   H N N 197 
LEU HD11 H N N 198 
LEU HD12 H N N 199 
LEU HD13 H N N 200 
LEU HD21 H N N 201 
LEU HD22 H N N 202 
LEU HD23 H N N 203 
LEU HXT  H N N 204 
LYS N    N N N 205 
LYS CA   C N S 206 
LYS C    C N N 207 
LYS O    O N N 208 
LYS CB   C N N 209 
LYS CG   C N N 210 
LYS CD   C N N 211 
LYS CE   C N N 212 
LYS NZ   N N N 213 
LYS OXT  O N N 214 
LYS H    H N N 215 
LYS H2   H N N 216 
LYS HA   H N N 217 
LYS HB2  H N N 218 
LYS HB3  H N N 219 
LYS HG2  H N N 220 
LYS HG3  H N N 221 
LYS HD2  H N N 222 
LYS HD3  H N N 223 
LYS HE2  H N N 224 
LYS HE3  H N N 225 
LYS HZ1  H N N 226 
LYS HZ2  H N N 227 
LYS HZ3  H N N 228 
LYS HXT  H N N 229 
MET N    N N N 230 
MET CA   C N S 231 
MET C    C N N 232 
MET O    O N N 233 
MET CB   C N N 234 
MET CG   C N N 235 
MET SD   S N N 236 
MET CE   C N N 237 
MET OXT  O N N 238 
MET H    H N N 239 
MET H2   H N N 240 
MET HA   H N N 241 
MET HB2  H N N 242 
MET HB3  H N N 243 
MET HG2  H N N 244 
MET HG3  H N N 245 
MET HE1  H N N 246 
MET HE2  H N N 247 
MET HE3  H N N 248 
MET HXT  H N N 249 
PHE N    N N N 250 
PHE CA   C N S 251 
PHE C    C N N 252 
PHE O    O N N 253 
PHE CB   C N N 254 
PHE CG   C Y N 255 
PHE CD1  C Y N 256 
PHE CD2  C Y N 257 
PHE CE1  C Y N 258 
PHE CE2  C Y N 259 
PHE CZ   C Y N 260 
PHE OXT  O N N 261 
PHE H    H N N 262 
PHE H2   H N N 263 
PHE HA   H N N 264 
PHE HB2  H N N 265 
PHE HB3  H N N 266 
PHE HD1  H N N 267 
PHE HD2  H N N 268 
PHE HE1  H N N 269 
PHE HE2  H N N 270 
PHE HZ   H N N 271 
PHE HXT  H N N 272 
PRO N    N N N 273 
PRO CA   C N S 274 
PRO C    C N N 275 
PRO O    O N N 276 
PRO CB   C N N 277 
PRO CG   C N N 278 
PRO CD   C N N 279 
PRO OXT  O N N 280 
PRO H    H N N 281 
PRO HA   H N N 282 
PRO HB2  H N N 283 
PRO HB3  H N N 284 
PRO HG2  H N N 285 
PRO HG3  H N N 286 
PRO HD2  H N N 287 
PRO HD3  H N N 288 
PRO HXT  H N N 289 
SER N    N N N 290 
SER CA   C N S 291 
SER C    C N N 292 
SER O    O N N 293 
SER CB   C N N 294 
SER OG   O N N 295 
SER OXT  O N N 296 
SER H    H N N 297 
SER H2   H N N 298 
SER HA   H N N 299 
SER HB2  H N N 300 
SER HB3  H N N 301 
SER HG   H N N 302 
SER HXT  H N N 303 
THR N    N N N 304 
THR CA   C N S 305 
THR C    C N N 306 
THR O    O N N 307 
THR CB   C N R 308 
THR OG1  O N N 309 
THR CG2  C N N 310 
THR OXT  O N N 311 
THR H    H N N 312 
THR H2   H N N 313 
THR HA   H N N 314 
THR HB   H N N 315 
THR HG1  H N N 316 
THR HG21 H N N 317 
THR HG22 H N N 318 
THR HG23 H N N 319 
THR HXT  H N N 320 
TRP N    N N N 321 
TRP CA   C N S 322 
TRP C    C N N 323 
TRP O    O N N 324 
TRP CB   C N N 325 
TRP CG   C Y N 326 
TRP CD1  C Y N 327 
TRP CD2  C Y N 328 
TRP NE1  N Y N 329 
TRP CE2  C Y N 330 
TRP CE3  C Y N 331 
TRP CZ2  C Y N 332 
TRP CZ3  C Y N 333 
TRP CH2  C Y N 334 
TRP OXT  O N N 335 
TRP H    H N N 336 
TRP H2   H N N 337 
TRP HA   H N N 338 
TRP HB2  H N N 339 
TRP HB3  H N N 340 
TRP HD1  H N N 341 
TRP HE1  H N N 342 
TRP HE3  H N N 343 
TRP HZ2  H N N 344 
TRP HZ3  H N N 345 
TRP HH2  H N N 346 
TRP HXT  H N N 347 
TYR N    N N N 348 
TYR CA   C N S 349 
TYR C    C N N 350 
TYR O    O N N 351 
TYR CB   C N N 352 
TYR CG   C Y N 353 
TYR CD1  C Y N 354 
TYR CD2  C Y N 355 
TYR CE1  C Y N 356 
TYR CE2  C Y N 357 
TYR CZ   C Y N 358 
TYR OH   O N N 359 
TYR OXT  O N N 360 
TYR H    H N N 361 
TYR H2   H N N 362 
TYR HA   H N N 363 
TYR HB2  H N N 364 
TYR HB3  H N N 365 
TYR HD1  H N N 366 
TYR HD2  H N N 367 
TYR HE1  H N N 368 
TYR HE2  H N N 369 
TYR HH   H N N 370 
TYR HXT  H N N 371 
VAL N    N N N 372 
VAL CA   C N S 373 
VAL C    C N N 374 
VAL O    O N N 375 
VAL CB   C N N 376 
VAL CG1  C N N 377 
VAL CG2  C N N 378 
VAL OXT  O N N 379 
VAL H    H N N 380 
VAL H2   H N N 381 
VAL HA   H N N 382 
VAL HB   H N N 383 
VAL HG11 H N N 384 
VAL HG12 H N N 385 
VAL HG13 H N N 386 
VAL HG21 H N N 387 
VAL HG22 H N N 388 
VAL HG23 H N N 389 
VAL HXT  H N N 390 
# 
loop_
_chem_comp_bond.comp_id 
_chem_comp_bond.atom_id_1 
_chem_comp_bond.atom_id_2 
_chem_comp_bond.value_order 
_chem_comp_bond.pdbx_aromatic_flag 
_chem_comp_bond.pdbx_stereo_config 
_chem_comp_bond.pdbx_ordinal 
ALA N   CA   sing N N 1   
ALA N   H    sing N N 2   
ALA N   H2   sing N N 3   
ALA CA  C    sing N N 4   
ALA CA  CB   sing N N 5   
ALA CA  HA   sing N N 6   
ALA C   O    doub N N 7   
ALA C   OXT  sing N N 8   
ALA CB  HB1  sing N N 9   
ALA CB  HB2  sing N N 10  
ALA CB  HB3  sing N N 11  
ALA OXT HXT  sing N N 12  
ARG N   CA   sing N N 13  
ARG N   H    sing N N 14  
ARG N   H2   sing N N 15  
ARG CA  C    sing N N 16  
ARG CA  CB   sing N N 17  
ARG CA  HA   sing N N 18  
ARG C   O    doub N N 19  
ARG C   OXT  sing N N 20  
ARG CB  CG   sing N N 21  
ARG CB  HB2  sing N N 22  
ARG CB  HB3  sing N N 23  
ARG CG  CD   sing N N 24  
ARG CG  HG2  sing N N 25  
ARG CG  HG3  sing N N 26  
ARG CD  NE   sing N N 27  
ARG CD  HD2  sing N N 28  
ARG CD  HD3  sing N N 29  
ARG NE  CZ   sing N N 30  
ARG NE  HE   sing N N 31  
ARG CZ  NH1  sing N N 32  
ARG CZ  NH2  doub N N 33  
ARG NH1 HH11 sing N N 34  
ARG NH1 HH12 sing N N 35  
ARG NH2 HH21 sing N N 36  
ARG NH2 HH22 sing N N 37  
ARG OXT HXT  sing N N 38  
ASN N   CA   sing N N 39  
ASN N   H    sing N N 40  
ASN N   H2   sing N N 41  
ASN CA  C    sing N N 42  
ASN CA  CB   sing N N 43  
ASN CA  HA   sing N N 44  
ASN C   O    doub N N 45  
ASN C   OXT  sing N N 46  
ASN CB  CG   sing N N 47  
ASN CB  HB2  sing N N 48  
ASN CB  HB3  sing N N 49  
ASN CG  OD1  doub N N 50  
ASN CG  ND2  sing N N 51  
ASN ND2 HD21 sing N N 52  
ASN ND2 HD22 sing N N 53  
ASN OXT HXT  sing N N 54  
ASP N   CA   sing N N 55  
ASP N   H    sing N N 56  
ASP N   H2   sing N N 57  
ASP CA  C    sing N N 58  
ASP CA  CB   sing N N 59  
ASP CA  HA   sing N N 60  
ASP C   O    doub N N 61  
ASP C   OXT  sing N N 62  
ASP CB  CG   sing N N 63  
ASP CB  HB2  sing N N 64  
ASP CB  HB3  sing N N 65  
ASP CG  OD1  doub N N 66  
ASP CG  OD2  sing N N 67  
ASP OD2 HD2  sing N N 68  
ASP OXT HXT  sing N N 69  
CYS N   CA   sing N N 70  
CYS N   H    sing N N 71  
CYS N   H2   sing N N 72  
CYS CA  C    sing N N 73  
CYS CA  CB   sing N N 74  
CYS CA  HA   sing N N 75  
CYS C   O    doub N N 76  
CYS C   OXT  sing N N 77  
CYS CB  SG   sing N N 78  
CYS CB  HB2  sing N N 79  
CYS CB  HB3  sing N N 80  
CYS SG  HG   sing N N 81  
CYS OXT HXT  sing N N 82  
GLN N   CA   sing N N 83  
GLN N   H    sing N N 84  
GLN N   H2   sing N N 85  
GLN CA  C    sing N N 86  
GLN CA  CB   sing N N 87  
GLN CA  HA   sing N N 88  
GLN C   O    doub N N 89  
GLN C   OXT  sing N N 90  
GLN CB  CG   sing N N 91  
GLN CB  HB2  sing N N 92  
GLN CB  HB3  sing N N 93  
GLN CG  CD   sing N N 94  
GLN CG  HG2  sing N N 95  
GLN CG  HG3  sing N N 96  
GLN CD  OE1  doub N N 97  
GLN CD  NE2  sing N N 98  
GLN NE2 HE21 sing N N 99  
GLN NE2 HE22 sing N N 100 
GLN OXT HXT  sing N N 101 
GLU N   CA   sing N N 102 
GLU N   H    sing N N 103 
GLU N   H2   sing N N 104 
GLU CA  C    sing N N 105 
GLU CA  CB   sing N N 106 
GLU CA  HA   sing N N 107 
GLU C   O    doub N N 108 
GLU C   OXT  sing N N 109 
GLU CB  CG   sing N N 110 
GLU CB  HB2  sing N N 111 
GLU CB  HB3  sing N N 112 
GLU CG  CD   sing N N 113 
GLU CG  HG2  sing N N 114 
GLU CG  HG3  sing N N 115 
GLU CD  OE1  doub N N 116 
GLU CD  OE2  sing N N 117 
GLU OE2 HE2  sing N N 118 
GLU OXT HXT  sing N N 119 
GLY N   CA   sing N N 120 
GLY N   H    sing N N 121 
GLY N   H2   sing N N 122 
GLY CA  C    sing N N 123 
GLY CA  HA2  sing N N 124 
GLY CA  HA3  sing N N 125 
GLY C   O    doub N N 126 
GLY C   OXT  sing N N 127 
GLY OXT HXT  sing N N 128 
HIS N   CA   sing N N 129 
HIS N   H    sing N N 130 
HIS N   H2   sing N N 131 
HIS CA  C    sing N N 132 
HIS CA  CB   sing N N 133 
HIS CA  HA   sing N N 134 
HIS C   O    doub N N 135 
HIS C   OXT  sing N N 136 
HIS CB  CG   sing N N 137 
HIS CB  HB2  sing N N 138 
HIS CB  HB3  sing N N 139 
HIS CG  ND1  sing Y N 140 
HIS CG  CD2  doub Y N 141 
HIS ND1 CE1  doub Y N 142 
HIS ND1 HD1  sing N N 143 
HIS CD2 NE2  sing Y N 144 
HIS CD2 HD2  sing N N 145 
HIS CE1 NE2  sing Y N 146 
HIS CE1 HE1  sing N N 147 
HIS NE2 HE2  sing N N 148 
HIS OXT HXT  sing N N 149 
HOH O   H1   sing N N 150 
HOH O   H2   sing N N 151 
ILE N   CA   sing N N 152 
ILE N   H    sing N N 153 
ILE N   H2   sing N N 154 
ILE CA  C    sing N N 155 
ILE CA  CB   sing N N 156 
ILE CA  HA   sing N N 157 
ILE C   O    doub N N 158 
ILE C   OXT  sing N N 159 
ILE CB  CG1  sing N N 160 
ILE CB  CG2  sing N N 161 
ILE CB  HB   sing N N 162 
ILE CG1 CD1  sing N N 163 
ILE CG1 HG12 sing N N 164 
ILE CG1 HG13 sing N N 165 
ILE CG2 HG21 sing N N 166 
ILE CG2 HG22 sing N N 167 
ILE CG2 HG23 sing N N 168 
ILE CD1 HD11 sing N N 169 
ILE CD1 HD12 sing N N 170 
ILE CD1 HD13 sing N N 171 
ILE OXT HXT  sing N N 172 
LEU N   CA   sing N N 173 
LEU N   H    sing N N 174 
LEU N   H2   sing N N 175 
LEU CA  C    sing N N 176 
LEU CA  CB   sing N N 177 
LEU CA  HA   sing N N 178 
LEU C   O    doub N N 179 
LEU C   OXT  sing N N 180 
LEU CB  CG   sing N N 181 
LEU CB  HB2  sing N N 182 
LEU CB  HB3  sing N N 183 
LEU CG  CD1  sing N N 184 
LEU CG  CD2  sing N N 185 
LEU CG  HG   sing N N 186 
LEU CD1 HD11 sing N N 187 
LEU CD1 HD12 sing N N 188 
LEU CD1 HD13 sing N N 189 
LEU CD2 HD21 sing N N 190 
LEU CD2 HD22 sing N N 191 
LEU CD2 HD23 sing N N 192 
LEU OXT HXT  sing N N 193 
LYS N   CA   sing N N 194 
LYS N   H    sing N N 195 
LYS N   H2   sing N N 196 
LYS CA  C    sing N N 197 
LYS CA  CB   sing N N 198 
LYS CA  HA   sing N N 199 
LYS C   O    doub N N 200 
LYS C   OXT  sing N N 201 
LYS CB  CG   sing N N 202 
LYS CB  HB2  sing N N 203 
LYS CB  HB3  sing N N 204 
LYS CG  CD   sing N N 205 
LYS CG  HG2  sing N N 206 
LYS CG  HG3  sing N N 207 
LYS CD  CE   sing N N 208 
LYS CD  HD2  sing N N 209 
LYS CD  HD3  sing N N 210 
LYS CE  NZ   sing N N 211 
LYS CE  HE2  sing N N 212 
LYS CE  HE3  sing N N 213 
LYS NZ  HZ1  sing N N 214 
LYS NZ  HZ2  sing N N 215 
LYS NZ  HZ3  sing N N 216 
LYS OXT HXT  sing N N 217 
MET N   CA   sing N N 218 
MET N   H    sing N N 219 
MET N   H2   sing N N 220 
MET CA  C    sing N N 221 
MET CA  CB   sing N N 222 
MET CA  HA   sing N N 223 
MET C   O    doub N N 224 
MET C   OXT  sing N N 225 
MET CB  CG   sing N N 226 
MET CB  HB2  sing N N 227 
MET CB  HB3  sing N N 228 
MET CG  SD   sing N N 229 
MET CG  HG2  sing N N 230 
MET CG  HG3  sing N N 231 
MET SD  CE   sing N N 232 
MET CE  HE1  sing N N 233 
MET CE  HE2  sing N N 234 
MET CE  HE3  sing N N 235 
MET OXT HXT  sing N N 236 
PHE N   CA   sing N N 237 
PHE N   H    sing N N 238 
PHE N   H2   sing N N 239 
PHE CA  C    sing N N 240 
PHE CA  CB   sing N N 241 
PHE CA  HA   sing N N 242 
PHE C   O    doub N N 243 
PHE C   OXT  sing N N 244 
PHE CB  CG   sing N N 245 
PHE CB  HB2  sing N N 246 
PHE CB  HB3  sing N N 247 
PHE CG  CD1  doub Y N 248 
PHE CG  CD2  sing Y N 249 
PHE CD1 CE1  sing Y N 250 
PHE CD1 HD1  sing N N 251 
PHE CD2 CE2  doub Y N 252 
PHE CD2 HD2  sing N N 253 
PHE CE1 CZ   doub Y N 254 
PHE CE1 HE1  sing N N 255 
PHE CE2 CZ   sing Y N 256 
PHE CE2 HE2  sing N N 257 
PHE CZ  HZ   sing N N 258 
PHE OXT HXT  sing N N 259 
PRO N   CA   sing N N 260 
PRO N   CD   sing N N 261 
PRO N   H    sing N N 262 
PRO CA  C    sing N N 263 
PRO CA  CB   sing N N 264 
PRO CA  HA   sing N N 265 
PRO C   O    doub N N 266 
PRO C   OXT  sing N N 267 
PRO CB  CG   sing N N 268 
PRO CB  HB2  sing N N 269 
PRO CB  HB3  sing N N 270 
PRO CG  CD   sing N N 271 
PRO CG  HG2  sing N N 272 
PRO CG  HG3  sing N N 273 
PRO CD  HD2  sing N N 274 
PRO CD  HD3  sing N N 275 
PRO OXT HXT  sing N N 276 
SER N   CA   sing N N 277 
SER N   H    sing N N 278 
SER N   H2   sing N N 279 
SER CA  C    sing N N 280 
SER CA  CB   sing N N 281 
SER CA  HA   sing N N 282 
SER C   O    doub N N 283 
SER C   OXT  sing N N 284 
SER CB  OG   sing N N 285 
SER CB  HB2  sing N N 286 
SER CB  HB3  sing N N 287 
SER OG  HG   sing N N 288 
SER OXT HXT  sing N N 289 
THR N   CA   sing N N 290 
THR N   H    sing N N 291 
THR N   H2   sing N N 292 
THR CA  C    sing N N 293 
THR CA  CB   sing N N 294 
THR CA  HA   sing N N 295 
THR C   O    doub N N 296 
THR C   OXT  sing N N 297 
THR CB  OG1  sing N N 298 
THR CB  CG2  sing N N 299 
THR CB  HB   sing N N 300 
THR OG1 HG1  sing N N 301 
THR CG2 HG21 sing N N 302 
THR CG2 HG22 sing N N 303 
THR CG2 HG23 sing N N 304 
THR OXT HXT  sing N N 305 
TRP N   CA   sing N N 306 
TRP N   H    sing N N 307 
TRP N   H2   sing N N 308 
TRP CA  C    sing N N 309 
TRP CA  CB   sing N N 310 
TRP CA  HA   sing N N 311 
TRP C   O    doub N N 312 
TRP C   OXT  sing N N 313 
TRP CB  CG   sing N N 314 
TRP CB  HB2  sing N N 315 
TRP CB  HB3  sing N N 316 
TRP CG  CD1  doub Y N 317 
TRP CG  CD2  sing Y N 318 
TRP CD1 NE1  sing Y N 319 
TRP CD1 HD1  sing N N 320 
TRP CD2 CE2  doub Y N 321 
TRP CD2 CE3  sing Y N 322 
TRP NE1 CE2  sing Y N 323 
TRP NE1 HE1  sing N N 324 
TRP CE2 CZ2  sing Y N 325 
TRP CE3 CZ3  doub Y N 326 
TRP CE3 HE3  sing N N 327 
TRP CZ2 CH2  doub Y N 328 
TRP CZ2 HZ2  sing N N 329 
TRP CZ3 CH2  sing Y N 330 
TRP CZ3 HZ3  sing N N 331 
TRP CH2 HH2  sing N N 332 
TRP OXT HXT  sing N N 333 
TYR N   CA   sing N N 334 
TYR N   H    sing N N 335 
TYR N   H2   sing N N 336 
TYR CA  C    sing N N 337 
TYR CA  CB   sing N N 338 
TYR CA  HA   sing N N 339 
TYR C   O    doub N N 340 
TYR C   OXT  sing N N 341 
TYR CB  CG   sing N N 342 
TYR CB  HB2  sing N N 343 
TYR CB  HB3  sing N N 344 
TYR CG  CD1  doub Y N 345 
TYR CG  CD2  sing Y N 346 
TYR CD1 CE1  sing Y N 347 
TYR CD1 HD1  sing N N 348 
TYR CD2 CE2  doub Y N 349 
TYR CD2 HD2  sing N N 350 
TYR CE1 CZ   doub Y N 351 
TYR CE1 HE1  sing N N 352 
TYR CE2 CZ   sing Y N 353 
TYR CE2 HE2  sing N N 354 
TYR CZ  OH   sing N N 355 
TYR OH  HH   sing N N 356 
TYR OXT HXT  sing N N 357 
VAL N   CA   sing N N 358 
VAL N   H    sing N N 359 
VAL N   H2   sing N N 360 
VAL CA  C    sing N N 361 
VAL CA  CB   sing N N 362 
VAL CA  HA   sing N N 363 
VAL C   O    doub N N 364 
VAL C   OXT  sing N N 365 
VAL CB  CG1  sing N N 366 
VAL CB  CG2  sing N N 367 
VAL CB  HB   sing N N 368 
VAL CG1 HG11 sing N N 369 
VAL CG1 HG12 sing N N 370 
VAL CG1 HG13 sing N N 371 
VAL CG2 HG21 sing N N 372 
VAL CG2 HG22 sing N N 373 
VAL CG2 HG23 sing N N 374 
VAL OXT HXT  sing N N 375 
# 
_atom_sites.entry_id                    1QNT 
_atom_sites.fract_transf_matrix[1][1]   0.00042317 
_atom_sites.fract_transf_matrix[1][2]   0.01604515 
_atom_sites.fract_transf_matrix[1][3]   0.00067714 
_atom_sites.fract_transf_matrix[2][1]   0.00954158 
_atom_sites.fract_transf_matrix[2][2]   0.00821149 
_atom_sites.fract_transf_matrix[2][3]   -0.00998067 
_atom_sites.fract_transf_matrix[3][1]   -0.01021438 
_atom_sites.fract_transf_matrix[3][2]   0.00065863 
_atom_sites.fract_transf_matrix[3][3]   -0.00922312 
_atom_sites.fract_transf_vector[1]      0.389561 
_atom_sites.fract_transf_vector[2]      0.766613 
_atom_sites.fract_transf_vector[3]      0.637368 
# 
loop_
_atom_type.symbol 
C 
N 
O 
S 
# 
loop_
_atom_site.group_PDB 
_atom_site.id 
_atom_site.type_symbol 
_atom_site.label_atom_id 
_atom_site.label_alt_id 
_atom_site.label_comp_id 
_atom_site.label_asym_id 
_atom_site.label_entity_id 
_atom_site.label_seq_id 
_atom_site.pdbx_PDB_ins_code 
_atom_site.Cartn_x 
_atom_site.Cartn_y 
_atom_site.Cartn_z 
_atom_site.occupancy 
_atom_site.B_iso_or_equiv 
_atom_site.pdbx_formal_charge 
_atom_site.auth_seq_id 
_atom_site.auth_comp_id 
_atom_site.auth_asym_id 
_atom_site.auth_atom_id 
_atom_site.pdbx_PDB_model_num 
ATOM   1    N N   . GLU A 1 6   ? 15.273  -13.787 -11.947 1.00 39.84 ? 6    GLU A N   1 
ATOM   2    C CA  . GLU A 1 6   ? 13.850  -13.508 -12.299 1.00 39.50 ? 6    GLU A CA  1 
ATOM   3    C C   . GLU A 1 6   ? 13.396  -12.183 -11.689 1.00 38.89 ? 6    GLU A C   1 
ATOM   4    O O   . GLU A 1 6   ? 12.622  -11.442 -12.295 1.00 39.02 ? 6    GLU A O   1 
ATOM   5    C CB  . GLU A 1 6   ? 12.952  -14.638 -11.785 1.00 40.09 ? 6    GLU A CB  1 
ATOM   6    C CG  . GLU A 1 6   ? 11.495  -14.522 -12.209 1.00 40.88 ? 6    GLU A CG  1 
ATOM   7    C CD  . GLU A 1 6   ? 10.597  -15.515 -11.493 1.00 41.42 ? 6    GLU A CD  1 
ATOM   8    O OE1 . GLU A 1 6   ? 11.084  -16.198 -10.564 1.00 41.71 ? 6    GLU A OE1 1 
ATOM   9    O OE2 . GLU A 1 6   ? 9.401   -15.610 -11.855 1.00 41.65 ? 6    GLU A OE2 1 
ATOM   10   N N   . MET A 1 7   ? 13.892  -11.890 -10.490 1.00 38.12 ? 7    MET A N   1 
ATOM   11   C CA  . MET A 1 7   ? 13.527  -10.668 -9.780  1.00 37.19 ? 7    MET A CA  1 
ATOM   12   C C   . MET A 1 7   ? 14.277  -9.433  -10.278 1.00 36.36 ? 7    MET A C   1 
ATOM   13   O O   . MET A 1 7   ? 15.509  -9.416  -10.318 1.00 36.22 ? 7    MET A O   1 
ATOM   14   C CB  . MET A 1 7   ? 13.793  -10.839 -8.285  1.00 37.81 ? 7    MET A CB  1 
ATOM   15   C CG  . MET A 1 7   ? 13.054  -9.846  -7.404  1.00 38.35 ? 7    MET A CG  1 
ATOM   16   S SD  . MET A 1 7   ? 11.302  -10.258 -7.283  1.00 39.10 ? 7    MET A SD  1 
ATOM   17   C CE  . MET A 1 7   ? 11.355  -11.497 -5.972  1.00 38.80 ? 7    MET A CE  1 
ATOM   18   N N   . LYS A 1 8   ? 13.526  -8.400  -10.645 1.00 34.99 ? 8    LYS A N   1 
ATOM   19   C CA  . LYS A 1 8   ? 14.111  -7.155  -11.125 1.00 33.95 ? 8    LYS A CA  1 
ATOM   20   C C   . LYS A 1 8   ? 13.760  -6.028  -10.162 1.00 33.21 ? 8    LYS A C   1 
ATOM   21   O O   . LYS A 1 8   ? 12.709  -6.059  -9.518  1.00 32.94 ? 8    LYS A O   1 
ATOM   22   C CB  . LYS A 1 8   ? 13.583  -6.828  -12.524 1.00 33.97 ? 8    LYS A CB  1 
ATOM   23   C CG  . LYS A 1 8   ? 13.865  -7.908  -13.555 1.00 34.36 ? 8    LYS A CG  1 
ATOM   24   C CD  . LYS A 1 8   ? 15.358  -8.153  -13.699 1.00 34.74 ? 8    LYS A CD  1 
ATOM   25   C CE  . LYS A 1 8   ? 15.641  -9.263  -14.700 1.00 35.23 ? 8    LYS A CE  1 
ATOM   26   N NZ  . LYS A 1 8   ? 15.048  -8.953  -16.031 1.00 35.74 ? 8    LYS A NZ  1 
ATOM   27   N N   . ARG A 1 9   ? 14.637  -5.034  -10.065 1.00 32.33 ? 9    ARG A N   1 
ATOM   28   C CA  . ARG A 1 9   ? 14.401  -3.909  -9.167  1.00 31.78 ? 9    ARG A CA  1 
ATOM   29   C C   . ARG A 1 9   ? 14.716  -2.561  -9.796  1.00 30.89 ? 9    ARG A C   1 
ATOM   30   O O   . ARG A 1 9   ? 15.515  -2.460  -10.730 1.00 30.59 ? 9    ARG A O   1 
ATOM   31   C CB  . ARG A 1 9   ? 15.247  -4.050  -7.897  1.00 32.44 ? 9    ARG A CB  1 
ATOM   32   C CG  . ARG A 1 9   ? 15.033  -5.332  -7.121  1.00 33.65 ? 9    ARG A CG  1 
ATOM   33   C CD  . ARG A 1 9   ? 15.798  -5.292  -5.799  1.00 34.69 ? 9    ARG A CD  1 
ATOM   34   N NE  . ARG A 1 9   ? 15.642  -6.530  -5.040  1.00 35.71 ? 9    ARG A NE  1 
ATOM   35   C CZ  . ARG A 1 9   ? 16.113  -7.711  -5.431  1.00 36.22 ? 9    ARG A CZ  1 
ATOM   36   N NH1 . ARG A 1 9   ? 16.774  -7.818  -6.577  1.00 36.71 ? 9    ARG A NH1 1 
ATOM   37   N NH2 . ARG A 1 9   ? 15.921  -8.787  -4.681  1.00 36.63 ? 9    ARG A NH2 1 
ATOM   38   N N   . THR A 1 10  ? 14.075  -1.528  -9.265  1.00 30.04 ? 10   THR A N   1 
ATOM   39   C CA  . THR A 1 10  ? 14.281  -0.158  -9.708  1.00 29.20 ? 10   THR A CA  1 
ATOM   40   C C   . THR A 1 10  ? 13.844  0.740   -8.554  1.00 28.42 ? 10   THR A C   1 
ATOM   41   O O   . THR A 1 10  ? 13.156  0.290   -7.638  1.00 28.45 ? 10   THR A O   1 
ATOM   42   C CB  . THR A 1 10  ? 13.453  0.172   -10.975 1.00 29.52 ? 10   THR A CB  1 
ATOM   43   O OG1 . THR A 1 10  ? 13.879  1.435   -11.501 1.00 30.44 ? 10   THR A OG1 1 
ATOM   44   C CG2 . THR A 1 10  ? 11.967  0.250   -10.653 1.00 29.67 ? 10   THR A CG2 1 
ATOM   45   N N   . THR A 1 11  ? 14.261  1.999   -8.580  1.00 27.31 ? 11   THR A N   1 
ATOM   46   C CA  . THR A 1 11  ? 13.885  2.933   -7.528  1.00 26.32 ? 11   THR A CA  1 
ATOM   47   C C   . THR A 1 11  ? 13.069  4.068   -8.121  1.00 25.56 ? 11   THR A C   1 
ATOM   48   O O   . THR A 1 11  ? 13.131  4.330   -9.322  1.00 25.47 ? 11   THR A O   1 
ATOM   49   C CB  . THR A 1 11  ? 15.123  3.510   -6.816  1.00 26.32 ? 11   THR A CB  1 
ATOM   50   O OG1 . THR A 1 11  ? 16.001  4.097   -7.781  1.00 26.34 ? 11   THR A OG1 1 
ATOM   51   C CG2 . THR A 1 11  ? 15.857  2.413   -6.064  1.00 26.69 ? 11   THR A CG2 1 
ATOM   52   N N   . LEU A 1 12  ? 12.304  4.738   -7.269  1.00 24.55 ? 12   LEU A N   1 
ATOM   53   C CA  . LEU A 1 12  ? 11.453  5.829   -7.700  1.00 23.78 ? 12   LEU A CA  1 
ATOM   54   C C   . LEU A 1 12  ? 11.369  6.887   -6.608  1.00 23.41 ? 12   LEU A C   1 
ATOM   55   O O   . LEU A 1 12  ? 10.986  6.583   -5.476  1.00 22.94 ? 12   LEU A O   1 
ATOM   56   C CB  . LEU A 1 12  ? 10.048  5.293   -7.992  1.00 23.75 ? 12   LEU A CB  1 
ATOM   57   C CG  . LEU A 1 12  ? 8.954   6.278   -8.403  1.00 23.76 ? 12   LEU A CG  1 
ATOM   58   C CD1 . LEU A 1 12  ? 9.276   6.853   -9.774  1.00 23.87 ? 12   LEU A CD1 1 
ATOM   59   C CD2 . LEU A 1 12  ? 7.610   5.561   -8.437  1.00 23.65 ? 12   LEU A CD2 1 
ATOM   60   N N   . ASP A 1 13  ? 11.733  8.123   -6.942  1.00 23.05 ? 13   ASP A N   1 
ATOM   61   C CA  . ASP A 1 13  ? 11.655  9.212   -5.973  1.00 23.03 ? 13   ASP A CA  1 
ATOM   62   C C   . ASP A 1 13  ? 10.191  9.612   -5.813  1.00 22.58 ? 13   ASP A C   1 
ATOM   63   O O   . ASP A 1 13  ? 9.409   9.520   -6.763  1.00 22.16 ? 13   ASP A O   1 
ATOM   64   C CB  . ASP A 1 13  ? 12.484  10.417  -6.431  1.00 23.65 ? 13   ASP A CB  1 
ATOM   65   C CG  . ASP A 1 13  ? 13.977  10.193  -6.275  1.00 24.67 ? 13   ASP A CG  1 
ATOM   66   O OD1 . ASP A 1 13  ? 14.383  9.563   -5.273  1.00 25.02 ? 13   ASP A OD1 1 
ATOM   67   O OD2 . ASP A 1 13  ? 14.748  10.660  -7.144  1.00 25.15 ? 13   ASP A OD2 1 
ATOM   68   N N   . SER A 1 14  ? 9.824   10.058  -4.615  1.00 22.21 ? 14   SER A N   1 
ATOM   69   C CA  . SER A 1 14  ? 8.445   10.443  -4.329  1.00 22.07 ? 14   SER A CA  1 
ATOM   70   C C   . SER A 1 14  ? 8.388   11.425  -3.163  1.00 22.11 ? 14   SER A C   1 
ATOM   71   O O   . SER A 1 14  ? 9.417   11.770  -2.579  1.00 21.87 ? 14   SER A O   1 
ATOM   72   C CB  . SER A 1 14  ? 7.625   9.205   -3.957  1.00 22.07 ? 14   SER A CB  1 
ATOM   73   O OG  . SER A 1 14  ? 7.945   8.762   -2.645  1.00 21.40 ? 14   SER A OG  1 
ATOM   74   N N   . PRO A 1 15  ? 7.178   11.901  -2.819  1.00 22.16 ? 15   PRO A N   1 
ATOM   75   C CA  . PRO A 1 15  ? 7.028   12.842  -1.705  1.00 22.52 ? 15   PRO A CA  1 
ATOM   76   C C   . PRO A 1 15  ? 7.370   12.188  -0.365  1.00 22.79 ? 15   PRO A C   1 
ATOM   77   O O   . PRO A 1 15  ? 7.521   12.872  0.649   1.00 22.84 ? 15   PRO A O   1 
ATOM   78   C CB  . PRO A 1 15  ? 5.554   13.244  -1.790  1.00 22.52 ? 15   PRO A CB  1 
ATOM   79   C CG  . PRO A 1 15  ? 5.264   13.143  -3.255  1.00 22.43 ? 15   PRO A CG  1 
ATOM   80   C CD  . PRO A 1 15  ? 5.939   11.841  -3.615  1.00 22.28 ? 15   PRO A CD  1 
ATOM   81   N N   . LEU A 1 16  ? 7.483   10.863  -0.358  1.00 22.89 ? 16   LEU A N   1 
ATOM   82   C CA  . LEU A 1 16  ? 7.808   10.129  0.864   1.00 23.54 ? 16   LEU A CA  1 
ATOM   83   C C   . LEU A 1 16  ? 9.246   9.637   0.845   1.00 23.92 ? 16   LEU A C   1 
ATOM   84   O O   . LEU A 1 16  ? 9.644   8.821   1.677   1.00 24.42 ? 16   LEU A O   1 
ATOM   85   C CB  . LEU A 1 16  ? 6.881   8.923   1.023   1.00 23.43 ? 16   LEU A CB  1 
ATOM   86   C CG  . LEU A 1 16  ? 5.393   9.189   1.221   1.00 23.85 ? 16   LEU A CG  1 
ATOM   87   C CD1 . LEU A 1 16  ? 4.652   7.861   1.262   1.00 23.69 ? 16   LEU A CD1 1 
ATOM   88   C CD2 . LEU A 1 16  ? 5.179   9.977   2.507   1.00 23.97 ? 16   LEU A CD2 1 
ATOM   89   N N   . GLY A 1 17  ? 10.024  10.130  -0.108  1.00 24.35 ? 17   GLY A N   1 
ATOM   90   C CA  . GLY A 1 17  ? 11.401  9.697   -0.219  1.00 24.85 ? 17   GLY A CA  1 
ATOM   91   C C   . GLY A 1 17  ? 11.524  8.625   -1.284  1.00 25.31 ? 17   GLY A C   1 
ATOM   92   O O   . GLY A 1 17  ? 10.547  8.288   -1.964  1.00 25.18 ? 17   GLY A O   1 
ATOM   93   N N   . LYS A 1 18  ? 12.725  8.076   -1.424  1.00 25.61 ? 18   LYS A N   1 
ATOM   94   C CA  . LYS A 1 18  ? 12.988  7.055   -2.424  1.00 25.88 ? 18   LYS A CA  1 
ATOM   95   C C   . LYS A 1 18  ? 12.255  5.745   -2.139  1.00 25.70 ? 18   LYS A C   1 
ATOM   96   O O   . LYS A 1 18  ? 12.239  5.266   -1.006  1.00 25.78 ? 18   LYS A O   1 
ATOM   97   C CB  . LYS A 1 18  ? 14.494  6.800   -2.511  1.00 26.80 ? 18   LYS A CB  1 
ATOM   98   C CG  . LYS A 1 18  ? 14.989  6.541   -3.924  1.00 27.84 ? 18   LYS A CG  1 
ATOM   99   C CD  . LYS A 1 18  ? 16.499  6.391   -3.954  1.00 28.67 ? 18   LYS A CD  1 
ATOM   100  C CE  . LYS A 1 18  ? 17.056  6.833   -5.292  1.00 29.42 ? 18   LYS A CE  1 
ATOM   101  N NZ  . LYS A 1 18  ? 16.687  8.250   -5.580  1.00 29.62 ? 18   LYS A NZ  1 
ATOM   102  N N   . LEU A 1 19  ? 11.650  5.175   -3.176  1.00 25.22 ? 19   LEU A N   1 
ATOM   103  C CA  . LEU A 1 19  ? 10.926  3.913   -3.050  1.00 24.99 ? 19   LEU A CA  1 
ATOM   104  C C   . LEU A 1 19  ? 11.649  2.844   -3.866  1.00 25.13 ? 19   LEU A C   1 
ATOM   105  O O   . LEU A 1 19  ? 12.062  3.104   -4.996  1.00 25.21 ? 19   LEU A O   1 
ATOM   106  C CB  . LEU A 1 19  ? 9.498   4.067   -3.586  1.00 24.82 ? 19   LEU A CB  1 
ATOM   107  C CG  . LEU A 1 19  ? 8.659   5.218   -3.021  1.00 24.87 ? 19   LEU A CG  1 
ATOM   108  C CD1 . LEU A 1 19  ? 7.320   5.294   -3.755  1.00 24.47 ? 19   LEU A CD1 1 
ATOM   109  C CD2 . LEU A 1 19  ? 8.443   5.002   -1.527  1.00 24.77 ? 19   LEU A CD2 1 
ATOM   110  N N   . GLU A 1 20  ? 11.810  1.652   -3.301  1.00 24.91 ? 20   GLU A N   1 
ATOM   111  C CA  . GLU A 1 20  ? 12.464  0.570   -4.030  1.00 24.99 ? 20   GLU A CA  1 
ATOM   112  C C   . GLU A 1 20  ? 11.387  -0.427  -4.440  1.00 24.45 ? 20   GLU A C   1 
ATOM   113  O O   . GLU A 1 20  ? 10.678  -0.970  -3.590  1.00 23.76 ? 20   GLU A O   1 
ATOM   114  C CB  . GLU A 1 20  ? 13.518  -0.124  -3.159  1.00 26.00 ? 20   GLU A CB  1 
ATOM   115  C CG  . GLU A 1 20  ? 14.396  -1.095  -3.941  1.00 27.96 ? 20   GLU A CG  1 
ATOM   116  C CD  . GLU A 1 20  ? 15.486  -1.736  -3.095  1.00 29.04 ? 20   GLU A CD  1 
ATOM   117  O OE1 . GLU A 1 20  ? 15.525  -1.504  -1.868  1.00 30.39 ? 20   GLU A OE1 1 
ATOM   118  O OE2 . GLU A 1 20  ? 16.308  -2.482  -3.660  1.00 29.91 ? 20   GLU A OE2 1 
ATOM   119  N N   . LEU A 1 21  ? 11.256  -0.653  -5.746  1.00 23.71 ? 21   LEU A N   1 
ATOM   120  C CA  . LEU A 1 21  ? 10.250  -1.573  -6.266  1.00 23.42 ? 21   LEU A CA  1 
ATOM   121  C C   . LEU A 1 21  ? 10.897  -2.846  -6.806  1.00 23.47 ? 21   LEU A C   1 
ATOM   122  O O   . LEU A 1 21  ? 11.910  -2.784  -7.497  1.00 23.56 ? 21   LEU A O   1 
ATOM   123  C CB  . LEU A 1 21  ? 9.456   -0.896  -7.387  1.00 22.76 ? 21   LEU A CB  1 
ATOM   124  C CG  . LEU A 1 21  ? 8.972   0.540   -7.148  1.00 22.83 ? 21   LEU A CG  1 
ATOM   125  C CD1 . LEU A 1 21  ? 8.167   1.006   -8.358  1.00 22.55 ? 21   LEU A CD1 1 
ATOM   126  C CD2 . LEU A 1 21  ? 8.117   0.612   -5.887  1.00 22.12 ? 21   LEU A CD2 1 
ATOM   127  N N   . SER A 1 22  ? 10.307  -3.997  -6.496  1.00 23.69 ? 22   SER A N   1 
ATOM   128  C CA  . SER A 1 22  ? 10.835  -5.276  -6.968  1.00 23.87 ? 22   SER A CA  1 
ATOM   129  C C   . SER A 1 22  ? 9.724   -6.217  -7.430  1.00 24.05 ? 22   SER A C   1 
ATOM   130  O O   . SER A 1 22  ? 8.636   -6.249  -6.846  1.00 23.57 ? 22   SER A O   1 
ATOM   131  C CB  . SER A 1 22  ? 11.646  -5.953  -5.863  1.00 24.16 ? 22   SER A CB  1 
ATOM   132  O OG  . SER A 1 22  ? 10.840  -6.189  -4.724  1.00 24.49 ? 22   SER A OG  1 
ATOM   133  N N   . GLY A 1 23  ? 10.007  -6.987  -8.477  1.00 24.02 ? 23   GLY A N   1 
ATOM   134  C CA  . GLY A 1 23  ? 9.025   -7.919  -9.001  1.00 24.78 ? 23   GLY A CA  1 
ATOM   135  C C   . GLY A 1 23  ? 9.550   -8.736  -10.167 1.00 25.07 ? 23   GLY A C   1 
ATOM   136  O O   . GLY A 1 23  ? 10.687  -8.555  -10.602 1.00 24.91 ? 23   GLY A O   1 
ATOM   137  N N   . CYS A 1 24  ? 8.719   -9.644  -10.664 1.00 25.55 ? 24   CYS A N   1 
ATOM   138  C CA  . CYS A 1 24  ? 9.076   -10.504 -11.786 1.00 26.20 ? 24   CYS A CA  1 
ATOM   139  C C   . CYS A 1 24  ? 7.881   -10.586 -12.726 1.00 26.61 ? 24   CYS A C   1 
ATOM   140  O O   . CYS A 1 24  ? 6.877   -9.916  -12.513 1.00 26.46 ? 24   CYS A O   1 
ATOM   141  C CB  . CYS A 1 24  ? 9.433   -11.904 -11.288 1.00 26.30 ? 24   CYS A CB  1 
ATOM   142  S SG  . CYS A 1 24  ? 8.073   -12.742 -10.456 1.00 27.02 ? 24   CYS A SG  1 
ATOM   143  N N   . GLU A 1 25  ? 7.984   -11.411 -13.762 1.00 27.16 ? 25   GLU A N   1 
ATOM   144  C CA  . GLU A 1 25  ? 6.891   -11.541 -14.718 1.00 27.81 ? 25   GLU A CA  1 
ATOM   145  C C   . GLU A 1 25  ? 5.602   -12.033 -14.069 1.00 27.75 ? 25   GLU A C   1 
ATOM   146  O O   . GLU A 1 25  ? 4.506   -11.697 -14.522 1.00 27.79 ? 25   GLU A O   1 
ATOM   147  C CB  . GLU A 1 25  ? 7.293   -12.484 -15.858 1.00 28.73 ? 25   GLU A CB  1 
ATOM   148  C CG  . GLU A 1 25  ? 8.415   -11.940 -16.733 1.00 30.27 ? 25   GLU A CG  1 
ATOM   149  C CD  . GLU A 1 25  ? 8.028   -10.668 -17.478 1.00 31.19 ? 25   GLU A CD  1 
ATOM   150  O OE1 . GLU A 1 25  ? 6.847   -10.253 -17.412 1.00 32.25 ? 25   GLU A OE1 1 
ATOM   151  O OE2 . GLU A 1 25  ? 8.913   -10.079 -18.137 1.00 31.91 ? 25   GLU A OE2 1 
ATOM   152  N N   . GLN A 1 26  ? 5.729   -12.811 -12.998 1.00 27.50 ? 26   GLN A N   1 
ATOM   153  C CA  . GLN A 1 26  ? 4.556   -13.345 -12.312 1.00 27.35 ? 26   GLN A CA  1 
ATOM   154  C C   . GLN A 1 26  ? 3.839   -12.319 -11.432 1.00 26.44 ? 26   GLN A C   1 
ATOM   155  O O   . GLN A 1 26  ? 2.698   -12.539 -11.022 1.00 26.26 ? 26   GLN A O   1 
ATOM   156  C CB  . GLN A 1 26  ? 4.945   -14.564 -11.473 1.00 28.26 ? 26   GLN A CB  1 
ATOM   157  C CG  . GLN A 1 26  ? 5.551   -15.699 -12.286 1.00 30.02 ? 26   GLN A CG  1 
ATOM   158  C CD  . GLN A 1 26  ? 5.811   -16.937 -11.455 1.00 30.83 ? 26   GLN A CD  1 
ATOM   159  O OE1 . GLN A 1 26  ? 4.877   -17.613 -11.020 1.00 31.91 ? 26   GLN A OE1 1 
ATOM   160  N NE2 . GLN A 1 26  ? 7.085   -17.240 -11.220 1.00 31.60 ? 26   GLN A NE2 1 
ATOM   161  N N   . GLY A 1 27  ? 4.499   -11.204 -11.140 1.00 25.54 ? 27   GLY A N   1 
ATOM   162  C CA  . GLY A 1 27  ? 3.860   -10.188 -10.321 1.00 24.38 ? 27   GLY A CA  1 
ATOM   163  C C   . GLY A 1 27  ? 4.788   -9.348  -9.463  1.00 23.84 ? 27   GLY A C   1 
ATOM   164  O O   . GLY A 1 27  ? 5.970   -9.659  -9.311  1.00 23.48 ? 27   GLY A O   1 
ATOM   165  N N   . LEU A 1 28  ? 4.235   -8.267  -8.914  1.00 23.08 ? 28   LEU A N   1 
ATOM   166  C CA  . LEU A 1 28  ? 4.969   -7.353  -8.045  1.00 22.66 ? 28   LEU A CA  1 
ATOM   167  C C   . LEU A 1 28  ? 5.263   -8.065  -6.723  1.00 22.56 ? 28   LEU A C   1 
ATOM   168  O O   . LEU A 1 28  ? 4.386   -8.705  -6.146  1.00 22.57 ? 28   LEU A O   1 
ATOM   169  C CB  . LEU A 1 28  ? 4.130   -6.093  -7.790  1.00 22.03 ? 28   LEU A CB  1 
ATOM   170  C CG  . LEU A 1 28  ? 4.735   -4.989  -6.915  1.00 21.79 ? 28   LEU A CG  1 
ATOM   171  C CD1 . LEU A 1 28  ? 5.927   -4.351  -7.613  1.00 21.39 ? 28   LEU A CD1 1 
ATOM   172  C CD2 . LEU A 1 28  ? 3.676   -3.938  -6.624  1.00 21.12 ? 28   LEU A CD2 1 
ATOM   173  N N   . HIS A 1 29  ? 6.497   -7.946  -6.246  1.00 22.74 ? 29   HIS A N   1 
ATOM   174  C CA  . HIS A 1 29  ? 6.911   -8.601  -5.010  1.00 23.11 ? 29   HIS A CA  1 
ATOM   175  C C   . HIS A 1 29  ? 6.912   -7.681  -3.790  1.00 23.24 ? 29   HIS A C   1 
ATOM   176  O O   . HIS A 1 29  ? 6.380   -8.042  -2.736  1.00 23.26 ? 29   HIS A O   1 
ATOM   177  C CB  . HIS A 1 29  ? 8.315   -9.196  -5.195  1.00 23.88 ? 29   HIS A CB  1 
ATOM   178  C CG  . HIS A 1 29  ? 8.778   -10.047 -4.051  1.00 24.69 ? 29   HIS A CG  1 
ATOM   179  N ND1 . HIS A 1 29  ? 8.249   -11.293 -3.787  1.00 24.98 ? 29   HIS A ND1 1 
ATOM   180  C CD2 . HIS A 1 29  ? 9.726   -9.835  -3.108  1.00 25.01 ? 29   HIS A CD2 1 
ATOM   181  C CE1 . HIS A 1 29  ? 8.852   -11.811 -2.731  1.00 25.28 ? 29   HIS A CE1 1 
ATOM   182  N NE2 . HIS A 1 29  ? 9.753   -10.946 -2.300  1.00 25.18 ? 29   HIS A NE2 1 
ATOM   183  N N   . GLU A 1 30  ? 7.489   -6.492  -3.925  1.00 23.12 ? 30   GLU A N   1 
ATOM   184  C CA  . GLU A 1 30  ? 7.567   -5.595  -2.777  1.00 23.46 ? 30   GLU A CA  1 
ATOM   185  C C   . GLU A 1 30  ? 7.748   -4.111  -3.104  1.00 23.27 ? 30   GLU A C   1 
ATOM   186  O O   . GLU A 1 30  ? 8.346   -3.753  -4.117  1.00 22.93 ? 30   GLU A O   1 
ATOM   187  C CB  . GLU A 1 30  ? 8.722   -6.071  -1.880  1.00 24.05 ? 30   GLU A CB  1 
ATOM   188  C CG  . GLU A 1 30  ? 8.939   -5.289  -0.605  1.00 25.48 ? 30   GLU A CG  1 
ATOM   189  C CD  . GLU A 1 30  ? 10.081  -5.851  0.228   1.00 26.59 ? 30   GLU A CD  1 
ATOM   190  O OE1 . GLU A 1 30  ? 10.804  -6.751  -0.261  1.00 26.89 ? 30   GLU A OE1 1 
ATOM   191  O OE2 . GLU A 1 30  ? 10.258  -5.388  1.373   1.00 27.18 ? 30   GLU A OE2 1 
ATOM   192  N N   . ILE A 1 31  ? 7.203   -3.258  -2.237  1.00 23.33 ? 31   ILE A N   1 
ATOM   193  C CA  . ILE A 1 31  ? 7.339   -1.808  -2.346  1.00 23.62 ? 31   ILE A CA  1 
ATOM   194  C C   . ILE A 1 31  ? 7.972   -1.408  -1.017  1.00 24.73 ? 31   ILE A C   1 
ATOM   195  O O   . ILE A 1 31  ? 7.367   -1.578  0.044   1.00 24.33 ? 31   ILE A O   1 
ATOM   196  C CB  . ILE A 1 31  ? 5.983   -1.080  -2.468  1.00 23.06 ? 31   ILE A CB  1 
ATOM   197  C CG1 . ILE A 1 31  ? 5.277   -1.480  -3.768  1.00 22.55 ? 31   ILE A CG1 1 
ATOM   198  C CG2 . ILE A 1 31  ? 6.208   0.432   -2.443  1.00 22.42 ? 31   ILE A CG2 1 
ATOM   199  C CD1 . ILE A 1 31  ? 3.900   -0.857  -3.924  1.00 22.20 ? 31   ILE A CD1 1 
ATOM   200  N N   . LYS A 1 32  ? 9.189   -0.886  -1.068  1.00 26.26 ? 32   LYS A N   1 
ATOM   201  C CA  . LYS A 1 32  ? 9.889   -0.506  0.153   1.00 28.30 ? 32   LYS A CA  1 
ATOM   202  C C   . LYS A 1 32  ? 10.214  0.983   0.237   1.00 29.40 ? 32   LYS A C   1 
ATOM   203  O O   . LYS A 1 32  ? 10.719  1.572   -0.718  1.00 29.19 ? 32   LYS A O   1 
ATOM   204  C CB  . LYS A 1 32  ? 11.176  -1.329  0.272   1.00 28.59 ? 32   LYS A CB  1 
ATOM   205  C CG  . LYS A 1 32  ? 12.004  -1.027  1.505   1.00 29.76 ? 32   LYS A CG  1 
ATOM   206  C CD  . LYS A 1 32  ? 13.266  -1.880  1.545   1.00 30.57 ? 32   LYS A CD  1 
ATOM   207  C CE  . LYS A 1 32  ? 14.113  -1.536  2.760   1.00 31.40 ? 32   LYS A CE  1 
ATOM   208  N NZ  . LYS A 1 32  ? 15.384  -2.320  2.790   1.00 32.05 ? 32   LYS A NZ  1 
ATOM   209  N N   . LEU A 1 33  ? 9.903   1.586   1.383   1.00 30.94 ? 33   LEU A N   1 
ATOM   210  C CA  . LEU A 1 33  ? 10.190  2.999   1.618   1.00 32.89 ? 33   LEU A CA  1 
ATOM   211  C C   . LEU A 1 33  ? 11.607  3.054   2.188   1.00 34.50 ? 33   LEU A C   1 
ATOM   212  O O   . LEU A 1 33  ? 11.859  2.550   3.282   1.00 34.40 ? 33   LEU A O   1 
ATOM   213  C CB  . LEU A 1 33  ? 9.190   3.590   2.622   1.00 32.63 ? 33   LEU A CB  1 
ATOM   214  C CG  . LEU A 1 33  ? 7.772   3.947   2.149   1.00 32.62 ? 33   LEU A CG  1 
ATOM   215  C CD1 . LEU A 1 33  ? 7.076   2.744   1.529   1.00 32.35 ? 33   LEU A CD1 1 
ATOM   216  C CD2 . LEU A 1 33  ? 6.977   4.466   3.340   1.00 32.63 ? 33   LEU A CD2 1 
ATOM   217  N N   . LEU A 1 34  ? 12.526  3.665   1.446   1.00 36.47 ? 34   LEU A N   1 
ATOM   218  C CA  . LEU A 1 34  ? 13.924  3.738   1.863   1.00 38.64 ? 34   LEU A CA  1 
ATOM   219  C C   . LEU A 1 34  ? 14.376  4.930   2.701   1.00 40.23 ? 34   LEU A C   1 
ATOM   220  O O   . LEU A 1 34  ? 15.299  4.798   3.505   1.00 40.56 ? 34   LEU A O   1 
ATOM   221  C CB  . LEU A 1 34  ? 14.831  3.628   0.633   1.00 38.70 ? 34   LEU A CB  1 
ATOM   222  C CG  . LEU A 1 34  ? 15.202  2.218   0.163   1.00 38.86 ? 34   LEU A CG  1 
ATOM   223  C CD1 . LEU A 1 34  ? 13.971  1.337   0.091   1.00 39.03 ? 34   LEU A CD1 1 
ATOM   224  C CD2 . LEU A 1 34  ? 15.888  2.312   -1.190  1.00 38.97 ? 34   LEU A CD2 1 
ATOM   225  N N   . GLY A 1 35  ? 13.752  6.088   2.526   1.00 39.46 ? 35   GLY A N   1 
ATOM   226  C CA  . GLY A 1 35  ? 14.183  7.242   3.299   1.00 41.53 ? 35   GLY A CA  1 
ATOM   227  C C   . GLY A 1 35  ? 13.078  8.143   3.801   1.00 43.24 ? 35   GLY A C   1 
ATOM   228  O O   . GLY A 1 35  ? 12.506  8.913   3.036   1.00 43.25 ? 35   GLY A O   1 
ATOM   229  N N   . LYS A 1 36  ? 12.776  8.056   5.093   1.00 44.42 ? 36   LYS A N   1 
ATOM   230  C CA  . LYS A 1 36  ? 11.735  8.889   5.683   1.00 45.81 ? 36   LYS A CA  1 
ATOM   231  C C   . LYS A 1 36  ? 12.381  10.008  6.490   1.00 46.31 ? 36   LYS A C   1 
ATOM   232  O O   . LYS A 1 36  ? 11.907  11.146  6.482   1.00 46.78 ? 36   LYS A O   1 
ATOM   233  C CB  . LYS A 1 36  ? 10.826  8.041   6.584   1.00 46.36 ? 36   LYS A CB  1 
ATOM   234  C CG  . LYS A 1 36  ? 9.581   8.760   7.114   1.00 47.15 ? 36   LYS A CG  1 
ATOM   235  C CD  . LYS A 1 36  ? 9.921   9.819   8.156   1.00 47.68 ? 36   LYS A CD  1 
ATOM   236  C CE  . LYS A 1 36  ? 8.676   10.568  8.612   1.00 47.96 ? 36   LYS A CE  1 
ATOM   237  N NZ  . LYS A 1 36  ? 8.979   11.653  9.597   1.00 48.64 ? 36   LYS A NZ  1 
ATOM   238  N N   . ASP A 1 42  ? 15.714  11.793  1.519   1.00 43.75 ? 42   ASP A N   1 
ATOM   239  C CA  . ASP A 1 42  ? 14.497  12.543  1.800   1.00 43.75 ? 42   ASP A CA  1 
ATOM   240  C C   . ASP A 1 42  ? 13.578  12.633  0.583   1.00 43.75 ? 42   ASP A C   1 
ATOM   241  O O   . ASP A 1 42  ? 13.870  12.072  -0.476  1.00 43.75 ? 42   ASP A O   1 
ATOM   242  C CB  . ASP A 1 42  ? 14.846  13.946  2.301   1.00 43.75 ? 42   ASP A CB  1 
ATOM   243  C CG  . ASP A 1 42  ? 16.219  14.398  1.849   1.00 43.75 ? 42   ASP A CG  1 
ATOM   244  O OD1 . ASP A 1 42  ? 17.225  13.913  2.416   1.00 43.75 ? 42   ASP A OD1 1 
ATOM   245  O OD2 . ASP A 1 42  ? 16.293  15.231  0.920   1.00 43.75 ? 42   ASP A OD2 1 
ATOM   246  N N   . ALA A 1 43  ? 12.483  13.367  0.737   1.00 40.18 ? 43   ALA A N   1 
ATOM   247  C CA  . ALA A 1 43  ? 11.477  13.497  -0.312  1.00 38.93 ? 43   ALA A CA  1 
ATOM   248  C C   . ALA A 1 43  ? 11.616  14.643  -1.308  1.00 38.02 ? 43   ALA A C   1 
ATOM   249  O O   . ALA A 1 43  ? 12.509  15.483  -1.209  1.00 37.94 ? 43   ALA A O   1 
ATOM   250  C CB  . ALA A 1 43  ? 10.115  13.567  0.331   1.00 39.18 ? 43   ALA A CB  1 
ATOM   251  N N   . VAL A 1 44  ? 10.694  14.656  -2.269  1.00 36.65 ? 44   VAL A N   1 
ATOM   252  C CA  . VAL A 1 44  ? 10.632  15.673  -3.312  1.00 35.22 ? 44   VAL A CA  1 
ATOM   253  C C   . VAL A 1 44  ? 9.203   15.693  -3.863  1.00 34.01 ? 44   VAL A C   1 
ATOM   254  O O   . VAL A 1 44  ? 8.585   14.638  -4.032  1.00 33.75 ? 44   VAL A O   1 
ATOM   255  C CB  . VAL A 1 44  ? 11.629  15.363  -4.459  1.00 35.53 ? 44   VAL A CB  1 
ATOM   256  C CG1 . VAL A 1 44  ? 11.268  14.043  -5.133  1.00 35.43 ? 44   VAL A CG1 1 
ATOM   257  C CG2 . VAL A 1 44  ? 11.629  16.509  -5.468  1.00 35.62 ? 44   VAL A CG2 1 
ATOM   258  N N   . GLU A 1 45  ? 8.680   16.887  -4.134  1.00 32.62 ? 45   GLU A N   1 
ATOM   259  C CA  . GLU A 1 45  ? 7.315   17.026  -4.642  1.00 31.48 ? 45   GLU A CA  1 
ATOM   260  C C   . GLU A 1 45  ? 7.201   16.965  -6.168  1.00 29.82 ? 45   GLU A C   1 
ATOM   261  O O   . GLU A 1 45  ? 6.109   16.784  -6.707  1.00 29.65 ? 45   GLU A O   1 
ATOM   262  C CB  . GLU A 1 45  ? 6.692   18.335  -4.126  1.00 32.53 ? 45   GLU A CB  1 
ATOM   263  C CG  . GLU A 1 45  ? 7.334   19.612  -4.662  1.00 34.12 ? 45   GLU A CG  1 
ATOM   264  C CD  . GLU A 1 45  ? 6.759   20.878  -4.030  1.00 35.02 ? 45   GLU A CD  1 
ATOM   265  O OE1 . GLU A 1 45  ? 7.100   21.182  -2.864  1.00 36.06 ? 45   GLU A OE1 1 
ATOM   266  O OE2 . GLU A 1 45  ? 5.958   21.572  -4.698  1.00 35.67 ? 45   GLU A OE2 1 
ATOM   267  N N   . VAL A 1 46  ? 8.327   17.109  -6.858  1.00 27.77 ? 46   VAL A N   1 
ATOM   268  C CA  . VAL A 1 46  ? 8.345   17.066  -8.323  1.00 25.65 ? 46   VAL A CA  1 
ATOM   269  C C   . VAL A 1 46  ? 8.254   15.631  -8.847  1.00 24.19 ? 46   VAL A C   1 
ATOM   270  O O   . VAL A 1 46  ? 9.053   14.778  -8.466  1.00 24.02 ? 46   VAL A O   1 
ATOM   271  C CB  . VAL A 1 46  ? 9.634   17.725  -8.867  1.00 25.83 ? 46   VAL A CB  1 
ATOM   272  C CG1 . VAL A 1 46  ? 9.665   17.663  -10.397 1.00 25.66 ? 46   VAL A CG1 1 
ATOM   273  C CG2 . VAL A 1 46  ? 9.703   19.165  -8.394  1.00 25.60 ? 46   VAL A CG2 1 
ATOM   274  N N   . PRO A 1 47  ? 7.277   15.347  -9.733  1.00 22.78 ? 47   PRO A N   1 
ATOM   275  C CA  . PRO A 1 47  ? 7.081   14.012  -10.311 1.00 21.78 ? 47   PRO A CA  1 
ATOM   276  C C   . PRO A 1 47  ? 8.360   13.475  -10.954 1.00 21.04 ? 47   PRO A C   1 
ATOM   277  O O   . PRO A 1 47  ? 8.981   14.148  -11.773 1.00 20.77 ? 47   PRO A O   1 
ATOM   278  C CB  . PRO A 1 47  ? 5.970   14.237  -11.339 1.00 21.66 ? 47   PRO A CB  1 
ATOM   279  C CG  . PRO A 1 47  ? 5.181   15.349  -10.725 1.00 22.13 ? 47   PRO A CG  1 
ATOM   280  C CD  . PRO A 1 47  ? 6.262   16.284  -10.239 1.00 22.29 ? 47   PRO A CD  1 
ATOM   281  N N   . ALA A 1 48  ? 8.736   12.256  -10.591 1.00 20.52 ? 48   ALA A N   1 
ATOM   282  C CA  . ALA A 1 48  ? 9.957   11.637  -11.105 1.00 20.20 ? 48   ALA A CA  1 
ATOM   283  C C   . ALA A 1 48  ? 9.708   10.280  -11.755 1.00 20.06 ? 48   ALA A C   1 
ATOM   284  O O   . ALA A 1 48  ? 8.752   9.586   -11.412 1.00 19.92 ? 48   ALA A O   1 
ATOM   285  C CB  . ALA A 1 48  ? 10.952  11.468  -9.966  1.00 20.50 ? 48   ALA A CB  1 
ATOM   286  N N   . PRO A 1 49  ? 10.574  9.886   -12.708 1.00 19.87 ? 49   PRO A N   1 
ATOM   287  C CA  . PRO A 1 49  ? 10.461  8.602   -13.402 1.00 19.76 ? 49   PRO A CA  1 
ATOM   288  C C   . PRO A 1 49  ? 11.307  7.572   -12.645 1.00 19.96 ? 49   PRO A C   1 
ATOM   289  O O   . PRO A 1 49  ? 12.131  7.944   -11.808 1.00 20.03 ? 49   PRO A O   1 
ATOM   290  C CB  . PRO A 1 49  ? 11.038  8.914   -14.773 1.00 20.07 ? 49   PRO A CB  1 
ATOM   291  C CG  . PRO A 1 49  ? 12.185  9.819   -14.421 1.00 20.23 ? 49   PRO A CG  1 
ATOM   292  C CD  . PRO A 1 49  ? 11.588  10.742  -13.359 1.00 20.15 ? 49   PRO A CD  1 
ATOM   293  N N   . ALA A 1 50  ? 11.103  6.289   -12.921 1.00 20.08 ? 50   ALA A N   1 
ATOM   294  C CA  . ALA A 1 50  ? 11.884  5.251   -12.254 1.00 20.27 ? 50   ALA A CA  1 
ATOM   295  C C   . ALA A 1 50  ? 13.321  5.331   -12.775 1.00 20.50 ? 50   ALA A C   1 
ATOM   296  O O   . ALA A 1 50  ? 13.551  5.746   -13.917 1.00 20.98 ? 50   ALA A O   1 
ATOM   297  C CB  . ALA A 1 50  ? 11.286  3.876   -12.541 1.00 20.14 ? 50   ALA A CB  1 
ATOM   298  N N   . ALA A 1 51  ? 14.281  4.939   -11.943 1.00 20.20 ? 51   ALA A N   1 
ATOM   299  C CA  . ALA A 1 51  ? 15.691  4.980   -12.326 1.00 20.13 ? 51   ALA A CA  1 
ATOM   300  C C   . ALA A 1 51  ? 15.935  4.189   -13.604 1.00 20.04 ? 51   ALA A C   1 
ATOM   301  O O   . ALA A 1 51  ? 16.644  4.640   -14.506 1.00 19.66 ? 51   ALA A O   1 
ATOM   302  C CB  . ALA A 1 51  ? 16.549  4.427   -11.203 1.00 19.87 ? 51   ALA A CB  1 
ATOM   303  N N   . VAL A 1 52  ? 15.350  3.000   -13.666 1.00 20.10 ? 52   VAL A N   1 
ATOM   304  C CA  . VAL A 1 52  ? 15.474  2.130   -14.826 1.00 20.45 ? 52   VAL A CA  1 
ATOM   305  C C   . VAL A 1 52  ? 14.079  1.901   -15.379 1.00 20.35 ? 52   VAL A C   1 
ATOM   306  O O   . VAL A 1 52  ? 13.210  1.374   -14.683 1.00 20.23 ? 52   VAL A O   1 
ATOM   307  C CB  . VAL A 1 52  ? 16.101  0.785   -14.432 1.00 20.31 ? 52   VAL A CB  1 
ATOM   308  C CG1 . VAL A 1 52  ? 16.152  -0.148  -15.632 1.00 20.71 ? 52   VAL A CG1 1 
ATOM   309  C CG2 . VAL A 1 52  ? 17.501  1.022   -13.888 1.00 20.92 ? 52   VAL A CG2 1 
ATOM   310  N N   . LEU A 1 53  ? 13.855  2.310   -16.622 1.00 20.53 ? 53   LEU A N   1 
ATOM   311  C CA  . LEU A 1 53  ? 12.542  2.149   -17.235 1.00 20.90 ? 53   LEU A CA  1 
ATOM   312  C C   . LEU A 1 53  ? 12.291  0.729   -17.716 1.00 21.36 ? 53   LEU A C   1 
ATOM   313  O O   . LEU A 1 53  ? 13.220  -0.067  -17.857 1.00 20.85 ? 53   LEU A O   1 
ATOM   314  C CB  . LEU A 1 53  ? 12.367  3.118   -18.410 1.00 20.85 ? 53   LEU A CB  1 
ATOM   315  C CG  . LEU A 1 53  ? 12.483  4.616   -18.124 1.00 20.82 ? 53   LEU A CG  1 
ATOM   316  C CD1 . LEU A 1 53  ? 12.064  5.387   -19.377 1.00 20.89 ? 53   LEU A CD1 1 
ATOM   317  C CD2 . LEU A 1 53  ? 11.600  5.010   -16.937 1.00 20.91 ? 53   LEU A CD2 1 
ATOM   318  N N   . GLY A 1 54  ? 11.019  0.418   -17.958 1.00 21.84 ? 54   GLY A N   1 
ATOM   319  C CA  . GLY A 1 54  ? 10.661  -0.907  -18.427 1.00 22.58 ? 54   GLY A CA  1 
ATOM   320  C C   . GLY A 1 54  ? 10.754  -1.958  -17.339 1.00 23.14 ? 54   GLY A C   1 
ATOM   321  O O   . GLY A 1 54  ? 10.645  -1.650  -16.151 1.00 23.54 ? 54   GLY A O   1 
ATOM   322  N N   . GLY A 1 55  ? 10.969  -3.203  -17.749 1.00 23.48 ? 55   GLY A N   1 
ATOM   323  C CA  . GLY A 1 55  ? 11.063  -4.294  -16.797 1.00 23.57 ? 55   GLY A CA  1 
ATOM   324  C C   . GLY A 1 55  ? 9.819   -5.150  -16.904 1.00 23.67 ? 55   GLY A C   1 
ATOM   325  O O   . GLY A 1 55  ? 9.014   -4.942  -17.815 1.00 23.89 ? 55   GLY A O   1 
ATOM   326  N N   . PRO A 1 56  ? 9.628   -6.124  -16.001 1.00 23.79 ? 56   PRO A N   1 
ATOM   327  C CA  . PRO A 1 56  ? 8.450   -6.997  -16.027 1.00 23.79 ? 56   PRO A CA  1 
ATOM   328  C C   . PRO A 1 56  ? 7.190   -6.140  -16.026 1.00 23.98 ? 56   PRO A C   1 
ATOM   329  O O   . PRO A 1 56  ? 7.179   -5.062  -15.428 1.00 23.60 ? 56   PRO A O   1 
ATOM   330  C CB  . PRO A 1 56  ? 8.592   -7.802  -14.741 1.00 23.83 ? 56   PRO A CB  1 
ATOM   331  C CG  . PRO A 1 56  ? 10.061  -7.869  -14.546 1.00 24.13 ? 56   PRO A CG  1 
ATOM   332  C CD  . PRO A 1 56  ? 10.498  -6.460  -14.862 1.00 23.88 ? 56   PRO A CD  1 
ATOM   333  N N   . GLU A 1 57  ? 6.137   -6.611  -16.688 1.00 24.11 ? 57   GLU A N   1 
ATOM   334  C CA  . GLU A 1 57  ? 4.884   -5.862  -16.757 1.00 24.67 ? 57   GLU A CA  1 
ATOM   335  C C   . GLU A 1 57  ? 4.384   -5.370  -15.391 1.00 24.42 ? 57   GLU A C   1 
ATOM   336  O O   . GLU A 1 57  ? 3.986   -4.212  -15.247 1.00 24.23 ? 57   GLU A O   1 
ATOM   337  C CB  . GLU A 1 57  ? 3.801   -6.712  -17.424 1.00 25.92 ? 57   GLU A CB  1 
ATOM   338  C CG  . GLU A 1 57  ? 2.471   -5.988  -17.613 1.00 28.21 ? 57   GLU A CG  1 
ATOM   339  C CD  . GLU A 1 57  ? 2.469   -5.038  -18.802 1.00 29.71 ? 57   GLU A CD  1 
ATOM   340  O OE1 . GLU A 1 57  ? 2.560   -5.520  -19.954 1.00 30.71 ? 57   GLU A OE1 1 
ATOM   341  O OE2 . GLU A 1 57  ? 2.370   -3.807  -18.589 1.00 30.95 ? 57   GLU A OE2 1 
ATOM   342  N N   . PRO A 1 58  ? 4.384   -6.246  -14.372 1.00 23.91 ? 58   PRO A N   1 
ATOM   343  C CA  . PRO A 1 58  ? 3.914   -5.815  -13.051 1.00 23.62 ? 58   PRO A CA  1 
ATOM   344  C C   . PRO A 1 58  ? 4.679   -4.615  -12.495 1.00 23.10 ? 58   PRO A C   1 
ATOM   345  O O   . PRO A 1 58  ? 4.115   -3.797  -11.773 1.00 22.77 ? 58   PRO A O   1 
ATOM   346  C CB  . PRO A 1 58  ? 4.101   -7.065  -12.198 1.00 23.96 ? 58   PRO A CB  1 
ATOM   347  C CG  . PRO A 1 58  ? 3.845   -8.172  -13.193 1.00 23.75 ? 58   PRO A CG  1 
ATOM   348  C CD  . PRO A 1 58  ? 4.640   -7.696  -14.388 1.00 24.01 ? 58   PRO A CD  1 
ATOM   349  N N   . LEU A 1 59  ? 5.963   -4.519  -12.829 1.00 22.79 ? 59   LEU A N   1 
ATOM   350  C CA  . LEU A 1 59  ? 6.786   -3.412  -12.363 1.00 22.36 ? 59   LEU A CA  1 
ATOM   351  C C   . LEU A 1 59  ? 6.378   -2.106  -13.044 1.00 21.92 ? 59   LEU A C   1 
ATOM   352  O O   . LEU A 1 59  ? 6.277   -1.068  -12.393 1.00 21.67 ? 59   LEU A O   1 
ATOM   353  C CB  . LEU A 1 59  ? 8.269   -3.688  -12.636 1.00 22.75 ? 59   LEU A CB  1 
ATOM   354  C CG  . LEU A 1 59  ? 9.217   -3.400  -11.468 1.00 23.21 ? 59   LEU A CG  1 
ATOM   355  C CD1 . LEU A 1 59  ? 10.662  -3.566  -11.931 1.00 23.27 ? 59   LEU A CD1 1 
ATOM   356  C CD2 . LEU A 1 59  ? 8.985   -1.993  -10.943 1.00 23.54 ? 59   LEU A CD2 1 
ATOM   357  N N   . MET A 1 60  ? 6.140   -2.155  -14.353 1.00 21.57 ? 60   MET A N   1 
ATOM   358  C CA  . MET A 1 60  ? 5.735   -0.961  -15.089 1.00 21.27 ? 60   MET A CA  1 
ATOM   359  C C   . MET A 1 60  ? 4.361   -0.478  -14.633 1.00 20.51 ? 60   MET A C   1 
ATOM   360  O O   . MET A 1 60  ? 4.100   0.725   -14.593 1.00 19.81 ? 60   MET A O   1 
ATOM   361  C CB  . MET A 1 60  ? 5.710   -1.238  -16.598 1.00 22.37 ? 60   MET A CB  1 
ATOM   362  C CG  . MET A 1 60  ? 7.058   -1.668  -17.165 1.00 23.69 ? 60   MET A CG  1 
ATOM   363  S SD  . MET A 1 60  ? 7.058   -1.885  -18.964 1.00 25.96 ? 60   MET A SD  1 
ATOM   364  C CE  . MET A 1 60  ? 6.535   -3.567  -19.097 1.00 25.61 ? 60   MET A CE  1 
ATOM   365  N N   . GLN A 1 61  ? 3.482   -1.414  -14.289 1.00 19.91 ? 61   GLN A N   1 
ATOM   366  C CA  . GLN A 1 61  ? 2.149   -1.040  -13.837 1.00 19.40 ? 61   GLN A CA  1 
ATOM   367  C C   . GLN A 1 61  ? 2.237   -0.407  -12.452 1.00 18.80 ? 61   GLN A C   1 
ATOM   368  O O   . GLN A 1 61  ? 1.467   0.495   -12.125 1.00 18.80 ? 61   GLN A O   1 
ATOM   369  C CB  . GLN A 1 61  ? 1.231   -2.266  -13.815 1.00 19.86 ? 61   GLN A CB  1 
ATOM   370  C CG  . GLN A 1 61  ? 1.066   -2.900  -15.193 1.00 20.61 ? 61   GLN A CG  1 
ATOM   371  C CD  . GLN A 1 61  ? 0.296   -4.202  -15.168 1.00 21.31 ? 61   GLN A CD  1 
ATOM   372  O OE1 . GLN A 1 61  ? 0.453   -5.018  -14.262 1.00 21.61 ? 61   GLN A OE1 1 
ATOM   373  N NE2 . GLN A 1 61  ? -0.523  -4.417  -16.189 1.00 21.86 ? 61   GLN A NE2 1 
ATOM   374  N N   . CYS A 1 62  ? 3.184   -0.875  -11.645 1.00 18.16 ? 62   CYS A N   1 
ATOM   375  C CA  . CYS A 1 62  ? 3.364   -0.331  -10.302 1.00 17.66 ? 62   CYS A CA  1 
ATOM   376  C C   . CYS A 1 62  ? 3.890   1.102   -10.371 1.00 17.11 ? 62   CYS A C   1 
ATOM   377  O O   . CYS A 1 62  ? 3.439   1.973   -9.624  1.00 16.75 ? 62   CYS A O   1 
ATOM   378  C CB  . CYS A 1 62  ? 4.335   -1.198  -9.492  1.00 17.89 ? 62   CYS A CB  1 
ATOM   379  S SG  . CYS A 1 62  ? 4.502   -0.679  -7.761  1.00 18.62 ? 62   CYS A SG  1 
ATOM   380  N N   . THR A 1 63  ? 4.841   1.357   -11.267 1.00 16.63 ? 63   THR A N   1 
ATOM   381  C CA  . THR A 1 63  ? 5.375   2.706   -11.387 1.00 16.35 ? 63   THR A CA  1 
ATOM   382  C C   . THR A 1 63  ? 4.290   3.656   -11.890 1.00 15.89 ? 63   THR A C   1 
ATOM   383  O O   . THR A 1 63  ? 4.191   4.793   -11.429 1.00 15.29 ? 63   THR A O   1 
ATOM   384  C CB  . THR A 1 63  ? 6.627   2.758   -12.312 1.00 16.64 ? 63   THR A CB  1 
ATOM   385  O OG1 . THR A 1 63  ? 6.337   2.154   -13.576 1.00 17.90 ? 63   THR A OG1 1 
ATOM   386  C CG2 . THR A 1 63  ? 7.781   2.008   -11.668 1.00 16.58 ? 63   THR A CG2 1 
ATOM   387  N N   . ALA A 1 64  ? 3.453   3.183   -12.812 1.00 15.48 ? 64   ALA A N   1 
ATOM   388  C CA  . ALA A 1 64  ? 2.380   4.016   -13.333 1.00 14.99 ? 64   ALA A CA  1 
ATOM   389  C C   . ALA A 1 64  ? 1.359   4.285   -12.225 1.00 14.99 ? 64   ALA A C   1 
ATOM   390  O O   . ALA A 1 64  ? 0.843   5.397   -12.108 1.00 14.73 ? 64   ALA A O   1 
ATOM   391  C CB  . ALA A 1 64  ? 1.705   3.329   -14.521 1.00 15.27 ? 64   ALA A CB  1 
ATOM   392  N N   . TRP A 1 65  ? 1.080   3.268   -11.414 1.00 14.78 ? 65   TRP A N   1 
ATOM   393  C CA  . TRP A 1 65  ? 0.112   3.398   -10.321 1.00 14.80 ? 65   TRP A CA  1 
ATOM   394  C C   . TRP A 1 65  ? 0.578   4.415   -9.276  1.00 14.94 ? 65   TRP A C   1 
ATOM   395  O O   . TRP A 1 65  ? -0.167  5.316   -8.901  1.00 14.88 ? 65   TRP A O   1 
ATOM   396  C CB  . TRP A 1 65  ? -0.106  2.043   -9.643  1.00 14.62 ? 65   TRP A CB  1 
ATOM   397  C CG  . TRP A 1 65  ? -1.300  2.005   -8.725  1.00 14.58 ? 65   TRP A CG  1 
ATOM   398  C CD1 . TRP A 1 65  ? -2.577  1.649   -9.056  1.00 14.81 ? 65   TRP A CD1 1 
ATOM   399  C CD2 . TRP A 1 65  ? -1.334  2.370   -7.338  1.00 14.87 ? 65   TRP A CD2 1 
ATOM   400  N NE1 . TRP A 1 65  ? -3.404  1.769   -7.959  1.00 14.97 ? 65   TRP A NE1 1 
ATOM   401  C CE2 . TRP A 1 65  ? -2.667  2.210   -6.894  1.00 14.81 ? 65   TRP A CE2 1 
ATOM   402  C CE3 . TRP A 1 65  ? -0.366  2.816   -6.426  1.00 15.07 ? 65   TRP A CE3 1 
ATOM   403  C CZ2 . TRP A 1 65  ? -3.059  2.485   -5.577  1.00 14.96 ? 65   TRP A CZ2 1 
ATOM   404  C CZ3 . TRP A 1 65  ? -0.758  3.093   -5.115  1.00 14.85 ? 65   TRP A CZ3 1 
ATOM   405  C CH2 . TRP A 1 65  ? -2.092  2.924   -4.704  1.00 15.30 ? 65   TRP A CH2 1 
ATOM   406  N N   . LEU A 1 66  ? 1.808   4.258   -8.800  1.00 15.14 ? 66   LEU A N   1 
ATOM   407  C CA  . LEU A 1 66  ? 2.352   5.173   -7.798  1.00 15.18 ? 66   LEU A CA  1 
ATOM   408  C C   . LEU A 1 66  ? 2.424   6.609   -8.305  1.00 15.23 ? 66   LEU A C   1 
ATOM   409  O O   . LEU A 1 66  ? 2.145   7.551   -7.561  1.00 15.04 ? 66   LEU A O   1 
ATOM   410  C CB  . LEU A 1 66  ? 3.735   4.693   -7.348  1.00 15.18 ? 66   LEU A CB  1 
ATOM   411  C CG  . LEU A 1 66  ? 3.760   3.404   -6.518  1.00 15.42 ? 66   LEU A CG  1 
ATOM   412  C CD1 . LEU A 1 66  ? 5.191   2.915   -6.380  1.00 15.01 ? 66   LEU A CD1 1 
ATOM   413  C CD2 . LEU A 1 66  ? 3.133   3.654   -5.143  1.00 15.10 ? 66   LEU A CD2 1 
ATOM   414  N N   . ASN A 1 67  ? 2.801   6.791   -9.570  1.00 15.34 ? 67   ASN A N   1 
ATOM   415  C CA  . ASN A 1 67  ? 2.867   8.136   -10.134 1.00 15.31 ? 67   ASN A CA  1 
ATOM   416  C C   . ASN A 1 67  ? 1.482   8.778   -10.067 1.00 15.39 ? 67   ASN A C   1 
ATOM   417  O O   . ASN A 1 67  ? 1.336   9.953   -9.698  1.00 14.62 ? 67   ASN A O   1 
ATOM   418  C CB  . ASN A 1 67  ? 3.330   8.093   -11.592 1.00 15.56 ? 67   ASN A CB  1 
ATOM   419  C CG  . ASN A 1 67  ? 3.297   9.459   -12.250 1.00 15.90 ? 67   ASN A CG  1 
ATOM   420  O OD1 . ASN A 1 67  ? 4.118   10.332  -11.949 1.00 15.79 ? 67   ASN A OD1 1 
ATOM   421  N ND2 . ASN A 1 67  ? 2.332   9.662   -13.142 1.00 15.70 ? 67   ASN A ND2 1 
ATOM   422  N N   . ALA A 1 68  ? 0.463   8.008   -10.436 1.00 15.06 ? 68   ALA A N   1 
ATOM   423  C CA  . ALA A 1 68  ? -0.903  8.511   -10.399 1.00 15.43 ? 68   ALA A CA  1 
ATOM   424  C C   . ALA A 1 68  ? -1.346  8.766   -8.957  1.00 15.53 ? 68   ALA A C   1 
ATOM   425  O O   . ALA A 1 68  ? -1.989  9.771   -8.667  1.00 15.71 ? 68   ALA A O   1 
ATOM   426  C CB  . ALA A 1 68  ? -1.845  7.513   -11.071 1.00 15.41 ? 68   ALA A CB  1 
ATOM   427  N N   . TYR A 1 69  ? -1.008  7.853   -8.053  1.00 15.97 ? 69   TYR A N   1 
ATOM   428  C CA  . TYR A 1 69  ? -1.402  8.016   -6.654  1.00 16.20 ? 69   TYR A CA  1 
ATOM   429  C C   . TYR A 1 69  ? -0.932  9.357   -6.096  1.00 16.43 ? 69   TYR A C   1 
ATOM   430  O O   . TYR A 1 69  ? -1.694  10.082  -5.460  1.00 15.87 ? 69   TYR A O   1 
ATOM   431  C CB  . TYR A 1 69  ? -0.827  6.886   -5.785  1.00 16.74 ? 69   TYR A CB  1 
ATOM   432  C CG  . TYR A 1 69  ? -1.144  7.064   -4.309  1.00 17.10 ? 69   TYR A CG  1 
ATOM   433  C CD1 . TYR A 1 69  ? -2.392  6.713   -3.799  1.00 17.20 ? 69   TYR A CD1 1 
ATOM   434  C CD2 . TYR A 1 69  ? -0.232  7.680   -3.448  1.00 17.10 ? 69   TYR A CD2 1 
ATOM   435  C CE1 . TYR A 1 69  ? -2.732  6.976   -2.474  1.00 17.41 ? 69   TYR A CE1 1 
ATOM   436  C CE2 . TYR A 1 69  ? -0.560  7.952   -2.115  1.00 17.22 ? 69   TYR A CE2 1 
ATOM   437  C CZ  . TYR A 1 69  ? -1.812  7.601   -1.640  1.00 17.67 ? 69   TYR A CZ  1 
ATOM   438  O OH  . TYR A 1 69  ? -2.167  7.901   -0.343  1.00 17.95 ? 69   TYR A OH  1 
ATOM   439  N N   . PHE A 1 70  ? 0.329   9.688   -6.340  1.00 16.79 ? 70   PHE A N   1 
ATOM   440  C CA  . PHE A 1 70  ? 0.888   10.933  -5.830  1.00 16.90 ? 70   PHE A CA  1 
ATOM   441  C C   . PHE A 1 70  ? 0.595   12.182  -6.646  1.00 17.26 ? 70   PHE A C   1 
ATOM   442  O O   . PHE A 1 70  ? 0.357   13.247  -6.081  1.00 17.16 ? 70   PHE A O   1 
ATOM   443  C CB  . PHE A 1 70  ? 2.415   10.825  -5.714  1.00 16.99 ? 70   PHE A CB  1 
ATOM   444  C CG  . PHE A 1 70  ? 2.892   9.893   -4.644  1.00 17.04 ? 70   PHE A CG  1 
ATOM   445  C CD1 . PHE A 1 70  ? 2.678   10.182  -3.299  1.00 17.17 ? 70   PHE A CD1 1 
ATOM   446  C CD2 . PHE A 1 70  ? 3.596   8.739   -4.978  1.00 17.03 ? 70   PHE A CD2 1 
ATOM   447  C CE1 . PHE A 1 70  ? 3.165   9.331   -2.300  1.00 17.28 ? 70   PHE A CE1 1 
ATOM   448  C CE2 . PHE A 1 70  ? 4.086   7.883   -3.985  1.00 17.51 ? 70   PHE A CE2 1 
ATOM   449  C CZ  . PHE A 1 70  ? 3.868   8.184   -2.643  1.00 17.20 ? 70   PHE A CZ  1 
ATOM   450  N N   . HIS A 1 71  ? 0.609   12.056  -7.972  1.00 17.79 ? 71   HIS A N   1 
ATOM   451  C CA  . HIS A 1 71  ? 0.458   13.224  -8.826  1.00 18.38 ? 71   HIS A CA  1 
ATOM   452  C C   . HIS A 1 71  ? -0.790  13.406  -9.687  1.00 18.81 ? 71   HIS A C   1 
ATOM   453  O O   . HIS A 1 71  ? -0.971  14.466  -10.287 1.00 18.88 ? 71   HIS A O   1 
ATOM   454  C CB  . HIS A 1 71  ? 1.727   13.332  -9.676  1.00 18.46 ? 71   HIS A CB  1 
ATOM   455  C CG  . HIS A 1 71  ? 2.985   13.263  -8.862  1.00 18.67 ? 71   HIS A CG  1 
ATOM   456  N ND1 . HIS A 1 71  ? 3.827   12.170  -8.877  1.00 18.63 ? 71   HIS A ND1 1 
ATOM   457  C CD2 . HIS A 1 71  ? 3.510   14.129  -7.964  1.00 18.25 ? 71   HIS A CD2 1 
ATOM   458  C CE1 . HIS A 1 71  ? 4.816   12.367  -8.024  1.00 18.32 ? 71   HIS A CE1 1 
ATOM   459  N NE2 . HIS A 1 71  ? 4.648   13.548  -7.457  1.00 18.45 ? 71   HIS A NE2 1 
ATOM   460  N N   . GLN A 1 72  ? -1.639  12.386  -9.764  1.00 19.42 ? 72   GLN A N   1 
ATOM   461  C CA  . GLN A 1 72  ? -2.900  12.489  -10.508 1.00 19.98 ? 72   GLN A CA  1 
ATOM   462  C C   . GLN A 1 72  ? -3.927  11.665  -9.723  1.00 19.99 ? 72   GLN A C   1 
ATOM   463  O O   . GLN A 1 72  ? -4.610  10.799  -10.282 1.00 19.71 ? 72   GLN A O   1 
ATOM   464  C CB  . GLN A 1 72  ? -2.751  11.951  -11.946 1.00 20.90 ? 72   GLN A CB  1 
ATOM   465  C CG  . GLN A 1 72  ? -4.060  12.009  -12.753 1.00 22.40 ? 72   GLN A CG  1 
ATOM   466  C CD  . GLN A 1 72  ? -3.923  11.626  -14.229 1.00 23.41 ? 72   GLN A CD  1 
ATOM   467  O OE1 . GLN A 1 72  ? -3.371  10.573  -14.577 1.00 23.67 ? 72   GLN A OE1 1 
ATOM   468  N NE2 . GLN A 1 72  ? -4.459  12.474  -15.102 1.00 23.74 ? 72   GLN A NE2 1 
ATOM   469  N N   . PRO A 1 73  ? -4.061  11.941  -8.412  1.00 20.05 ? 73   PRO A N   1 
ATOM   470  C CA  . PRO A 1 73  ? -4.995  11.212  -7.547  1.00 20.25 ? 73   PRO A CA  1 
ATOM   471  C C   . PRO A 1 73  ? -6.437  11.192  -8.022  1.00 20.42 ? 73   PRO A C   1 
ATOM   472  O O   . PRO A 1 73  ? -7.168  10.229  -7.780  1.00 20.42 ? 73   PRO A O   1 
ATOM   473  C CB  . PRO A 1 73  ? -4.824  11.899  -6.190  1.00 20.25 ? 73   PRO A CB  1 
ATOM   474  C CG  . PRO A 1 73  ? -4.482  13.296  -6.562  1.00 20.47 ? 73   PRO A CG  1 
ATOM   475  C CD  . PRO A 1 73  ? -3.489  13.095  -7.694  1.00 20.38 ? 73   PRO A CD  1 
ATOM   476  N N   . GLU A 1 74  ? -6.850  12.253  -8.702  1.00 20.79 ? 74   GLU A N   1 
ATOM   477  C CA  . GLU A 1 74  ? -8.212  12.316  -9.205  1.00 21.30 ? 74   GLU A CA  1 
ATOM   478  C C   . GLU A 1 74  ? -8.521  11.110  -10.098 1.00 20.85 ? 74   GLU A C   1 
ATOM   479  O O   . GLU A 1 74  ? -9.677  10.719  -10.247 1.00 21.18 ? 74   GLU A O   1 
ATOM   480  C CB  . GLU A 1 74  ? -8.429  13.628  -9.973  1.00 22.52 ? 74   GLU A CB  1 
ATOM   481  C CG  . GLU A 1 74  ? -7.577  13.803  -11.237 1.00 24.40 ? 74   GLU A CG  1 
ATOM   482  C CD  . GLU A 1 74  ? -6.158  14.319  -10.989 1.00 25.51 ? 74   GLU A CD  1 
ATOM   483  O OE1 . GLU A 1 74  ? -5.732  14.476  -9.822  1.00 25.85 ? 74   GLU A OE1 1 
ATOM   484  O OE2 . GLU A 1 74  ? -5.459  14.572  -11.992 1.00 26.64 ? 74   GLU A OE2 1 
ATOM   485  N N   . ALA A 1 75  ? -7.486  10.499  -10.674 1.00 20.41 ? 75   ALA A N   1 
ATOM   486  C CA  . ALA A 1 75  ? -7.691  9.352   -11.556 1.00 20.07 ? 75   ALA A CA  1 
ATOM   487  C C   . ALA A 1 75  ? -7.138  8.032   -11.031 1.00 20.14 ? 75   ALA A C   1 
ATOM   488  O O   . ALA A 1 75  ? -7.018  7.069   -11.792 1.00 19.53 ? 75   ALA A O   1 
ATOM   489  C CB  . ALA A 1 75  ? -7.083  9.645   -12.922 1.00 20.04 ? 75   ALA A CB  1 
ATOM   490  N N   . ILE A 1 76  ? -6.827  7.968   -9.740  1.00 20.42 ? 76   ILE A N   1 
ATOM   491  C CA  . ILE A 1 76  ? -6.246  6.754   -9.166  1.00 20.99 ? 76   ILE A CA  1 
ATOM   492  C C   . ILE A 1 76  ? -7.080  5.483   -9.310  1.00 21.35 ? 76   ILE A C   1 
ATOM   493  O O   . ILE A 1 76  ? -6.536  4.410   -9.583  1.00 21.29 ? 76   ILE A O   1 
ATOM   494  C CB  . ILE A 1 76  ? -5.885  6.954   -7.664  1.00 20.72 ? 76   ILE A CB  1 
ATOM   495  C CG1 . ILE A 1 76  ? -5.061  5.765   -7.169  1.00 20.71 ? 76   ILE A CG1 1 
ATOM   496  C CG2 . ILE A 1 76  ? -7.150  7.100   -6.824  1.00 21.11 ? 76   ILE A CG2 1 
ATOM   497  C CD1 . ILE A 1 76  ? -3.726  5.598   -7.885  1.00 19.99 ? 76   ILE A CD1 1 
ATOM   498  N N   . GLU A 1 77  ? -8.397  5.590   -9.136  1.00 22.04 ? 77   GLU A N   1 
ATOM   499  C CA  . GLU A 1 77  ? -9.255  4.415   -9.247  1.00 22.34 ? 77   GLU A CA  1 
ATOM   500  C C   . GLU A 1 77  ? -9.205  3.818   -10.649 1.00 22.39 ? 77   GLU A C   1 
ATOM   501  O O   . GLU A 1 77  ? -9.600  2.674   -10.846 1.00 22.33 ? 77   GLU A O   1 
ATOM   502  C CB  . GLU A 1 77  ? -10.712 4.759   -8.897  1.00 22.65 ? 77   GLU A CB  1 
ATOM   503  C CG  . GLU A 1 77  ? -10.954 5.250   -7.461  1.00 23.08 ? 77   GLU A CG  1 
ATOM   504  C CD  . GLU A 1 77  ? -10.689 4.182   -6.408  1.00 23.23 ? 77   GLU A CD  1 
ATOM   505  O OE1 . GLU A 1 77  ? -11.000 3.000   -6.664  1.00 23.27 ? 77   GLU A OE1 1 
ATOM   506  O OE2 . GLU A 1 77  ? -10.186 4.528   -5.316  1.00 23.19 ? 77   GLU A OE2 1 
ATOM   507  N N   . GLU A 1 78  ? -8.702  4.584   -11.616 1.00 22.60 ? 78   GLU A N   1 
ATOM   508  C CA  . GLU A 1 78  ? -8.623  4.126   -13.004 1.00 22.72 ? 78   GLU A CA  1 
ATOM   509  C C   . GLU A 1 78  ? -7.385  3.292   -13.357 1.00 22.52 ? 78   GLU A C   1 
ATOM   510  O O   . GLU A 1 78  ? -7.358  2.629   -14.396 1.00 22.95 ? 78   GLU A O   1 
ATOM   511  C CB  . GLU A 1 78  ? -8.744  5.335   -13.952 1.00 23.12 ? 78   GLU A CB  1 
ATOM   512  C CG  . GLU A 1 78  ? -10.109 6.019   -13.842 1.00 23.83 ? 78   GLU A CG  1 
ATOM   513  C CD  . GLU A 1 78  ? -10.255 7.292   -14.667 1.00 24.35 ? 78   GLU A CD  1 
ATOM   514  O OE1 . GLU A 1 78  ? -9.522  7.470   -15.674 1.00 24.26 ? 78   GLU A OE1 1 
ATOM   515  O OE2 . GLU A 1 78  ? -11.137 8.109   -14.312 1.00 24.31 ? 78   GLU A OE2 1 
ATOM   516  N N   . PHE A 1 79  ? -6.372  3.304   -12.495 1.00 21.94 ? 79   PHE A N   1 
ATOM   517  C CA  . PHE A 1 79  ? -5.147  2.539   -12.743 1.00 21.33 ? 79   PHE A CA  1 
ATOM   518  C C   . PHE A 1 79  ? -5.212  1.134   -12.153 1.00 21.18 ? 79   PHE A C   1 
ATOM   519  O O   . PHE A 1 79  ? -5.568  0.955   -10.991 1.00 21.23 ? 79   PHE A O   1 
ATOM   520  C CB  . PHE A 1 79  ? -3.939  3.286   -12.174 1.00 21.17 ? 79   PHE A CB  1 
ATOM   521  C CG  . PHE A 1 79  ? -3.498  4.436   -13.023 1.00 21.08 ? 79   PHE A CG  1 
ATOM   522  C CD1 . PHE A 1 79  ? -4.174  5.654   -12.972 1.00 20.77 ? 79   PHE A CD1 1 
ATOM   523  C CD2 . PHE A 1 79  ? -2.437  4.290   -13.917 1.00 21.07 ? 79   PHE A CD2 1 
ATOM   524  C CE1 . PHE A 1 79  ? -3.802  6.714   -13.801 1.00 20.92 ? 79   PHE A CE1 1 
ATOM   525  C CE2 . PHE A 1 79  ? -2.056  5.349   -14.752 1.00 21.08 ? 79   PHE A CE2 1 
ATOM   526  C CZ  . PHE A 1 79  ? -2.742  6.560   -14.692 1.00 20.63 ? 79   PHE A CZ  1 
ATOM   527  N N   . PRO A 1 80  ? -4.853  0.118   -12.950 1.00 20.93 ? 80   PRO A N   1 
ATOM   528  C CA  . PRO A 1 80  ? -4.882  -1.274  -12.497 1.00 20.78 ? 80   PRO A CA  1 
ATOM   529  C C   . PRO A 1 80  ? -3.798  -1.658  -11.498 1.00 20.67 ? 80   PRO A C   1 
ATOM   530  O O   . PRO A 1 80  ? -2.637  -1.249  -11.622 1.00 20.08 ? 80   PRO A O   1 
ATOM   531  C CB  . PRO A 1 80  ? -4.755  -2.055  -13.796 1.00 20.83 ? 80   PRO A CB  1 
ATOM   532  C CG  . PRO A 1 80  ? -3.859  -1.185  -14.606 1.00 20.96 ? 80   PRO A CG  1 
ATOM   533  C CD  . PRO A 1 80  ? -4.426  0.198   -14.361 1.00 21.10 ? 80   PRO A CD  1 
ATOM   534  N N   . VAL A 1 81  ? -4.194  -2.439  -10.501 1.00 20.32 ? 81   VAL A N   1 
ATOM   535  C CA  . VAL A 1 81  ? -3.258  -2.918  -9.499  1.00 20.29 ? 81   VAL A CA  1 
ATOM   536  C C   . VAL A 1 81  ? -2.613  -4.121  -10.169 1.00 20.36 ? 81   VAL A C   1 
ATOM   537  O O   . VAL A 1 81  ? -3.306  -4.979  -10.714 1.00 20.27 ? 81   VAL A O   1 
ATOM   538  C CB  . VAL A 1 81  ? -3.996  -3.359  -8.209  1.00 20.42 ? 81   VAL A CB  1 
ATOM   539  C CG1 . VAL A 1 81  ? -3.019  -3.991  -7.224  1.00 20.37 ? 81   VAL A CG1 1 
ATOM   540  C CG2 . VAL A 1 81  ? -4.670  -2.147  -7.568  1.00 20.55 ? 81   VAL A CG2 1 
ATOM   541  N N   . PRO A 1 82  ? -1.276  -4.189  -10.167 1.00 20.53 ? 82   PRO A N   1 
ATOM   542  C CA  . PRO A 1 82  ? -0.614  -5.327  -10.803 1.00 20.77 ? 82   PRO A CA  1 
ATOM   543  C C   . PRO A 1 82  ? -0.811  -6.638  -10.053 1.00 21.07 ? 82   PRO A C   1 
ATOM   544  O O   . PRO A 1 82  ? -1.209  -6.657  -8.883  1.00 20.39 ? 82   PRO A O   1 
ATOM   545  C CB  . PRO A 1 82  ? 0.848   -4.901  -10.815 1.00 20.94 ? 82   PRO A CB  1 
ATOM   546  C CG  . PRO A 1 82  ? 0.964   -4.143  -9.534  1.00 20.98 ? 82   PRO A CG  1 
ATOM   547  C CD  . PRO A 1 82  ? -0.285  -3.275  -9.572  1.00 20.60 ? 82   PRO A CD  1 
ATOM   548  N N   . ALA A 1 83  ? -0.548  -7.737  -10.748 1.00 21.41 ? 83   ALA A N   1 
ATOM   549  C CA  . ALA A 1 83  ? -0.643  -9.053  -10.132 1.00 22.13 ? 83   ALA A CA  1 
ATOM   550  C C   . ALA A 1 83  ? 0.444   -9.040  -9.064  1.00 22.56 ? 83   ALA A C   1 
ATOM   551  O O   . ALA A 1 83  ? 1.474   -8.373  -9.233  1.00 22.38 ? 83   ALA A O   1 
ATOM   552  C CB  . ALA A 1 83  ? -0.358  -10.140 -11.161 1.00 22.20 ? 83   ALA A CB  1 
ATOM   553  N N   . LEU A 1 84  ? 0.216   -9.753  -7.966  1.00 23.14 ? 84   LEU A N   1 
ATOM   554  C CA  . LEU A 1 84  ? 1.189   -9.798  -6.879  1.00 24.01 ? 84   LEU A CA  1 
ATOM   555  C C   . LEU A 1 84  ? 1.829   -11.180 -6.753  1.00 24.80 ? 84   LEU A C   1 
ATOM   556  O O   . LEU A 1 84  ? 1.159   -12.205 -6.884  1.00 24.79 ? 84   LEU A O   1 
ATOM   557  C CB  . LEU A 1 84  ? 0.519   -9.417  -5.556  1.00 23.98 ? 84   LEU A CB  1 
ATOM   558  C CG  . LEU A 1 84  ? -0.186  -8.059  -5.522  1.00 24.04 ? 84   LEU A CG  1 
ATOM   559  C CD1 . LEU A 1 84  ? -0.813  -7.842  -4.154  1.00 24.27 ? 84   LEU A CD1 1 
ATOM   560  C CD2 . LEU A 1 84  ? 0.818   -6.948  -5.840  1.00 23.92 ? 84   LEU A CD2 1 
ATOM   561  N N   . HIS A 1 85  ? 3.131   -11.203 -6.498  1.00 25.69 ? 85   HIS A N   1 
ATOM   562  C CA  . HIS A 1 85  ? 3.851   -12.463 -6.364  1.00 26.93 ? 85   HIS A CA  1 
ATOM   563  C C   . HIS A 1 85  ? 4.754   -12.379 -5.141  1.00 27.32 ? 85   HIS A C   1 
ATOM   564  O O   . HIS A 1 85  ? 5.854   -11.834 -5.203  1.00 27.66 ? 85   HIS A O   1 
ATOM   565  C CB  . HIS A 1 85  ? 4.675   -12.728 -7.627  1.00 27.57 ? 85   HIS A CB  1 
ATOM   566  C CG  . HIS A 1 85  ? 5.242   -14.111 -7.701  1.00 28.56 ? 85   HIS A CG  1 
ATOM   567  N ND1 . HIS A 1 85  ? 6.587   -14.373 -7.545  1.00 29.16 ? 85   HIS A ND1 1 
ATOM   568  C CD2 . HIS A 1 85  ? 4.645   -15.309 -7.904  1.00 28.99 ? 85   HIS A CD2 1 
ATOM   569  C CE1 . HIS A 1 85  ? 6.793   -15.675 -7.649  1.00 29.38 ? 85   HIS A CE1 1 
ATOM   570  N NE2 . HIS A 1 85  ? 5.632   -16.264 -7.866  1.00 29.48 ? 85   HIS A NE2 1 
ATOM   571  N N   . HIS A 1 86  ? 4.268   -12.911 -4.028  1.00 27.88 ? 86   HIS A N   1 
ATOM   572  C CA  . HIS A 1 86  ? 4.999   -12.895 -2.768  1.00 28.21 ? 86   HIS A CA  1 
ATOM   573  C C   . HIS A 1 86  ? 4.458   -14.069 -1.964  1.00 28.53 ? 86   HIS A C   1 
ATOM   574  O O   . HIS A 1 86  ? 3.275   -14.391 -2.053  1.00 28.71 ? 86   HIS A O   1 
ATOM   575  C CB  . HIS A 1 86  ? 4.743   -11.566 -2.042  1.00 28.15 ? 86   HIS A CB  1 
ATOM   576  C CG  . HIS A 1 86  ? 5.525   -11.393 -0.776  1.00 28.22 ? 86   HIS A CG  1 
ATOM   577  N ND1 . HIS A 1 86  ? 5.204   -12.042 0.396   1.00 28.17 ? 86   HIS A ND1 1 
ATOM   578  C CD2 . HIS A 1 86  ? 6.623   -10.648 -0.504  1.00 28.18 ? 86   HIS A CD2 1 
ATOM   579  C CE1 . HIS A 1 86  ? 6.070   -11.706 1.334   1.00 28.35 ? 86   HIS A CE1 1 
ATOM   580  N NE2 . HIS A 1 86  ? 6.941   -10.862 0.815   1.00 28.46 ? 86   HIS A NE2 1 
ATOM   581  N N   . PRO A 1 87  ? 5.315   -14.739 -1.182  1.00 28.80 ? 87   PRO A N   1 
ATOM   582  C CA  . PRO A 1 87  ? 4.841   -15.877 -0.391  1.00 28.91 ? 87   PRO A CA  1 
ATOM   583  C C   . PRO A 1 87  ? 3.607   -15.613 0.473   1.00 29.10 ? 87   PRO A C   1 
ATOM   584  O O   . PRO A 1 87  ? 2.804   -16.518 0.697   1.00 28.91 ? 87   PRO A O   1 
ATOM   585  C CB  . PRO A 1 87  ? 6.072   -16.263 0.436   1.00 29.15 ? 87   PRO A CB  1 
ATOM   586  C CG  . PRO A 1 87  ? 6.890   -14.998 0.475   1.00 29.30 ? 87   PRO A CG  1 
ATOM   587  C CD  . PRO A 1 87  ? 6.741   -14.479 -0.924  1.00 28.86 ? 87   PRO A CD  1 
ATOM   588  N N   . VAL A 1 88  ? 3.435   -14.383 0.948   1.00 29.26 ? 88   VAL A N   1 
ATOM   589  C CA  . VAL A 1 88  ? 2.279   -14.091 1.788   1.00 29.50 ? 88   VAL A CA  1 
ATOM   590  C C   . VAL A 1 88  ? 0.973   -14.304 1.022   1.00 29.81 ? 88   VAL A C   1 
ATOM   591  O O   . VAL A 1 88  ? -0.065  -14.582 1.621   1.00 29.62 ? 88   VAL A O   1 
ATOM   592  C CB  . VAL A 1 88  ? 2.319   -12.644 2.342   1.00 29.45 ? 88   VAL A CB  1 
ATOM   593  C CG1 . VAL A 1 88  ? 1.936   -11.645 1.256   1.00 29.55 ? 88   VAL A CG1 1 
ATOM   594  C CG2 . VAL A 1 88  ? 1.390   -12.528 3.541   1.00 29.42 ? 88   VAL A CG2 1 
ATOM   595  N N   . PHE A 1 89  ? 1.032   -14.189 -0.303  1.00 30.24 ? 89   PHE A N   1 
ATOM   596  C CA  . PHE A 1 89  ? -0.152  -14.370 -1.139  1.00 30.94 ? 89   PHE A CA  1 
ATOM   597  C C   . PHE A 1 89  ? -0.229  -15.769 -1.751  1.00 31.99 ? 89   PHE A C   1 
ATOM   598  O O   . PHE A 1 89  ? -1.244  -16.132 -2.345  1.00 31.97 ? 89   PHE A O   1 
ATOM   599  C CB  . PHE A 1 89  ? -0.171  -13.331 -2.268  1.00 30.22 ? 89   PHE A CB  1 
ATOM   600  C CG  . PHE A 1 89  ? -0.142  -11.906 -1.786  1.00 29.47 ? 89   PHE A CG  1 
ATOM   601  C CD1 . PHE A 1 89  ? -1.166  -11.408 -0.985  1.00 29.12 ? 89   PHE A CD1 1 
ATOM   602  C CD2 . PHE A 1 89  ? 0.924   -11.073 -2.101  1.00 28.86 ? 89   PHE A CD2 1 
ATOM   603  C CE1 . PHE A 1 89  ? -1.124  -10.100 -0.503  1.00 28.87 ? 89   PHE A CE1 1 
ATOM   604  C CE2 . PHE A 1 89  ? 0.975   -9.766  -1.625  1.00 28.61 ? 89   PHE A CE2 1 
ATOM   605  C CZ  . PHE A 1 89  ? -0.051  -9.279  -0.823  1.00 28.49 ? 89   PHE A CZ  1 
ATOM   606  N N   . GLN A 1 90  ? 0.834   -16.557 -1.600  1.00 33.23 ? 90   GLN A N   1 
ATOM   607  C CA  . GLN A 1 90  ? 0.866   -17.900 -2.181  1.00 34.70 ? 90   GLN A CA  1 
ATOM   608  C C   . GLN A 1 90  ? 0.198   -18.983 -1.339  1.00 35.28 ? 90   GLN A C   1 
ATOM   609  O O   . GLN A 1 90  ? -0.146  -20.051 -1.856  1.00 35.65 ? 90   GLN A O   1 
ATOM   610  C CB  . GLN A 1 90  ? 2.313   -18.304 -2.498  1.00 35.42 ? 90   GLN A CB  1 
ATOM   611  C CG  . GLN A 1 90  ? 3.014   -17.347 -3.456  1.00 36.38 ? 90   GLN A CG  1 
ATOM   612  C CD  . GLN A 1 90  ? 4.416   -17.793 -3.833  1.00 37.18 ? 90   GLN A CD  1 
ATOM   613  O OE1 . GLN A 1 90  ? 5.190   -17.021 -4.402  1.00 37.84 ? 90   GLN A OE1 1 
ATOM   614  N NE2 . GLN A 1 90  ? 4.748   -19.044 -3.525  1.00 37.47 ? 90   GLN A NE2 1 
ATOM   615  N N   . GLN A 1 91  ? 0.012   -18.720 -0.050  1.00 35.70 ? 91   GLN A N   1 
ATOM   616  C CA  . GLN A 1 91  ? -0.633  -19.689 0.826   1.00 36.14 ? 91   GLN A CA  1 
ATOM   617  C C   . GLN A 1 91  ? -1.763  -19.056 1.631   1.00 36.00 ? 91   GLN A C   1 
ATOM   618  O O   . GLN A 1 91  ? -1.765  -17.851 1.879   1.00 36.19 ? 91   GLN A O   1 
ATOM   619  C CB  . GLN A 1 91  ? 0.383   -20.333 1.779   1.00 36.64 ? 91   GLN A CB  1 
ATOM   620  C CG  . GLN A 1 91  ? 1.364   -19.366 2.429   1.00 37.58 ? 91   GLN A CG  1 
ATOM   621  C CD  . GLN A 1 91  ? 2.737   -19.388 1.769   1.00 38.10 ? 91   GLN A CD  1 
ATOM   622  O OE1 . GLN A 1 91  ? 2.876   -19.098 0.581   1.00 38.36 ? 91   GLN A OE1 1 
ATOM   623  N NE2 . GLN A 1 91  ? 3.759   -19.735 2.546   1.00 38.32 ? 91   GLN A NE2 1 
ATOM   624  N N   . GLU A 1 92  ? -2.722  -19.883 2.029   1.00 35.75 ? 92   GLU A N   1 
ATOM   625  C CA  . GLU A 1 92  ? -3.872  -19.432 2.804   1.00 35.34 ? 92   GLU A CA  1 
ATOM   626  C C   . GLU A 1 92  ? -3.475  -19.080 4.238   1.00 34.50 ? 92   GLU A C   1 
ATOM   627  O O   . GLU A 1 92  ? -2.774  -19.839 4.907   1.00 34.52 ? 92   GLU A O   1 
ATOM   628  C CB  . GLU A 1 92  ? -4.935  -20.533 2.815   1.00 36.21 ? 92   GLU A CB  1 
ATOM   629  C CG  . GLU A 1 92  ? -6.209  -20.214 3.588   1.00 37.42 ? 92   GLU A CG  1 
ATOM   630  C CD  . GLU A 1 92  ? -7.049  -19.132 2.931   1.00 38.17 ? 92   GLU A CD  1 
ATOM   631  O OE1 . GLU A 1 92  ? -6.704  -17.936 3.058   1.00 39.02 ? 92   GLU A OE1 1 
ATOM   632  O OE2 . GLU A 1 92  ? -8.057  -19.481 2.279   1.00 38.72 ? 92   GLU A OE2 1 
ATOM   633  N N   . SER A 1 93  ? -3.921  -17.915 4.697   1.00 33.21 ? 93   SER A N   1 
ATOM   634  C CA  . SER A 1 93  ? -3.639  -17.455 6.054   1.00 31.73 ? 93   SER A CA  1 
ATOM   635  C C   . SER A 1 93  ? -4.598  -16.319 6.368   1.00 30.81 ? 93   SER A C   1 
ATOM   636  O O   . SER A 1 93  ? -5.207  -15.749 5.462   1.00 30.76 ? 93   SER A O   1 
ATOM   637  C CB  . SER A 1 93  ? -2.201  -16.948 6.172   1.00 31.77 ? 93   SER A CB  1 
ATOM   638  O OG  . SER A 1 93  ? -2.043  -15.694 5.526   1.00 31.17 ? 93   SER A OG  1 
ATOM   639  N N   . PHE A 1 94  ? -4.747  -15.992 7.646   1.00 29.51 ? 94   PHE A N   1 
ATOM   640  C CA  . PHE A 1 94  ? -5.634  -14.905 8.024   1.00 28.39 ? 94   PHE A CA  1 
ATOM   641  C C   . PHE A 1 94  ? -5.056  -13.617 7.442   1.00 27.57 ? 94   PHE A C   1 
ATOM   642  O O   . PHE A 1 94  ? -5.794  -12.737 7.003   1.00 27.22 ? 94   PHE A O   1 
ATOM   643  C CB  . PHE A 1 94  ? -5.736  -14.793 9.549   1.00 28.27 ? 94   PHE A CB  1 
ATOM   644  C CG  . PHE A 1 94  ? -6.721  -13.754 10.017  1.00 28.15 ? 94   PHE A CG  1 
ATOM   645  C CD1 . PHE A 1 94  ? -8.071  -13.859 9.696   1.00 28.04 ? 94   PHE A CD1 1 
ATOM   646  C CD2 . PHE A 1 94  ? -6.296  -12.661 10.768  1.00 28.13 ? 94   PHE A CD2 1 
ATOM   647  C CE1 . PHE A 1 94  ? -8.983  -12.891 10.113  1.00 28.05 ? 94   PHE A CE1 1 
ATOM   648  C CE2 . PHE A 1 94  ? -7.200  -11.689 11.189  1.00 27.73 ? 94   PHE A CE2 1 
ATOM   649  C CZ  . PHE A 1 94  ? -8.545  -11.804 10.862  1.00 27.73 ? 94   PHE A CZ  1 
ATOM   650  N N   . THR A 1 95  ? -3.729  -13.517 7.436   1.00 26.84 ? 95   THR A N   1 
ATOM   651  C CA  . THR A 1 95  ? -3.059  -12.334 6.906   1.00 26.03 ? 95   THR A CA  1 
ATOM   652  C C   . THR A 1 95  ? -3.417  -12.106 5.438   1.00 25.51 ? 95   THR A C   1 
ATOM   653  O O   . THR A 1 95  ? -3.712  -10.980 5.032   1.00 24.76 ? 95   THR A O   1 
ATOM   654  C CB  . THR A 1 95  ? -1.527  -12.449 7.041   1.00 26.20 ? 95   THR A CB  1 
ATOM   655  O OG1 . THR A 1 95  ? -1.169  -12.416 8.426   1.00 26.68 ? 95   THR A OG1 1 
ATOM   656  C CG2 . THR A 1 95  ? -0.835  -11.291 6.331   1.00 26.35 ? 95   THR A CG2 1 
ATOM   657  N N   . ARG A 1 96  ? -3.402  -13.172 4.641   1.00 24.92 ? 96   ARG A N   1 
ATOM   658  C CA  . ARG A 1 96  ? -3.739  -13.030 3.228   1.00 24.72 ? 96   ARG A CA  1 
ATOM   659  C C   . ARG A 1 96  ? -5.186  -12.580 3.081   1.00 24.24 ? 96   ARG A C   1 
ATOM   660  O O   . ARG A 1 96  ? -5.488  -11.687 2.291   1.00 23.82 ? 96   ARG A O   1 
ATOM   661  C CB  . ARG A 1 96  ? -3.537  -14.348 2.471   1.00 25.09 ? 96   ARG A CB  1 
ATOM   662  C CG  . ARG A 1 96  ? -3.627  -14.177 0.957   1.00 25.70 ? 96   ARG A CG  1 
ATOM   663  C CD  . ARG A 1 96  ? -3.320  -15.456 0.194   1.00 26.18 ? 96   ARG A CD  1 
ATOM   664  N NE  . ARG A 1 96  ? -4.418  -16.415 0.265   1.00 26.76 ? 96   ARG A NE  1 
ATOM   665  C CZ  . ARG A 1 96  ? -4.461  -17.558 -0.414  1.00 27.10 ? 96   ARG A CZ  1 
ATOM   666  N NH1 . ARG A 1 96  ? -3.462  -17.896 -1.222  1.00 26.74 ? 96   ARG A NH1 1 
ATOM   667  N NH2 . ARG A 1 96  ? -5.508  -18.366 -0.285  1.00 27.01 ? 96   ARG A NH2 1 
ATOM   668  N N   . GLN A 1 97  ? -6.080  -13.203 3.843   1.00 24.10 ? 97   GLN A N   1 
ATOM   669  C CA  . GLN A 1 97  ? -7.499  -12.854 3.794   1.00 24.03 ? 97   GLN A CA  1 
ATOM   670  C C   . GLN A 1 97  ? -7.698  -11.369 4.053   1.00 23.22 ? 97   GLN A C   1 
ATOM   671  O O   . GLN A 1 97  ? -8.446  -10.695 3.351   1.00 22.82 ? 97   GLN A O   1 
ATOM   672  C CB  . GLN A 1 97  ? -8.285  -13.614 4.859   1.00 25.22 ? 97   GLN A CB  1 
ATOM   673  C CG  . GLN A 1 97  ? -8.487  -15.087 4.625   1.00 27.36 ? 97   GLN A CG  1 
ATOM   674  C CD  . GLN A 1 97  ? -9.411  -15.673 5.674   1.00 28.36 ? 97   GLN A CD  1 
ATOM   675  O OE1 . GLN A 1 97  ? -10.611 -15.386 5.693   1.00 29.63 ? 97   GLN A OE1 1 
ATOM   676  N NE2 . GLN A 1 97  ? -8.854  -16.479 6.569   1.00 29.34 ? 97   GLN A NE2 1 
ATOM   677  N N   . VAL A 1 98  ? -7.033  -10.878 5.093   1.00 22.57 ? 98   VAL A N   1 
ATOM   678  C CA  . VAL A 1 98  ? -7.124  -9.481  5.490   1.00 21.67 ? 98   VAL A CA  1 
ATOM   679  C C   . VAL A 1 98  ? -6.547  -8.525  4.450   1.00 21.29 ? 98   VAL A C   1 
ATOM   680  O O   . VAL A 1 98  ? -7.168  -7.515  4.115   1.00 20.88 ? 98   VAL A O   1 
ATOM   681  C CB  . VAL A 1 98  ? -6.412  -9.271  6.840   1.00 21.76 ? 98   VAL A CB  1 
ATOM   682  C CG1 . VAL A 1 98  ? -6.328  -7.792  7.168   1.00 21.60 ? 98   VAL A CG1 1 
ATOM   683  C CG2 . VAL A 1 98  ? -7.167  -10.012 7.929   1.00 21.73 ? 98   VAL A CG2 1 
ATOM   684  N N   . LEU A 1 99  ? -5.363  -8.841  3.939   1.00 20.69 ? 99   LEU A N   1 
ATOM   685  C CA  . LEU A 1 99  ? -4.733  -7.989  2.941   1.00 20.54 ? 99   LEU A CA  1 
ATOM   686  C C   . LEU A 1 99  ? -5.551  -7.936  1.649   1.00 20.62 ? 99   LEU A C   1 
ATOM   687  O O   . LEU A 1 99  ? -5.691  -6.872  1.048   1.00 20.28 ? 99   LEU A O   1 
ATOM   688  C CB  . LEU A 1 99  ? -3.302  -8.467  2.650   1.00 20.16 ? 99   LEU A CB  1 
ATOM   689  C CG  . LEU A 1 99  ? -2.277  -8.287  3.786   1.00 19.88 ? 99   LEU A CG  1 
ATOM   690  C CD1 . LEU A 1 99  ? -0.917  -8.830  3.362   1.00 19.59 ? 99   LEU A CD1 1 
ATOM   691  C CD2 . LEU A 1 99  ? -2.154  -6.818  4.137   1.00 19.49 ? 99   LEU A CD2 1 
ATOM   692  N N   . TRP A 1 100 ? -6.091  -9.075  1.222   1.00 21.12 ? 100  TRP A N   1 
ATOM   693  C CA  . TRP A 1 100 ? -6.897  -9.108  -0.001  1.00 21.61 ? 100  TRP A CA  1 
ATOM   694  C C   . TRP A 1 100 ? -8.227  -8.368  0.151   1.00 21.26 ? 100  TRP A C   1 
ATOM   695  O O   . TRP A 1 100 ? -8.694  -7.717  -0.784  1.00 20.99 ? 100  TRP A O   1 
ATOM   696  C CB  . TRP A 1 100 ? -7.162  -10.554 -0.444  1.00 22.89 ? 100  TRP A CB  1 
ATOM   697  C CG  . TRP A 1 100 ? -6.081  -11.141 -1.313  1.00 24.12 ? 100  TRP A CG  1 
ATOM   698  C CD1 . TRP A 1 100 ? -5.064  -10.468 -1.930  1.00 24.76 ? 100  TRP A CD1 1 
ATOM   699  C CD2 . TRP A 1 100 ? -5.943  -12.513 -1.697  1.00 25.09 ? 100  TRP A CD2 1 
ATOM   700  N NE1 . TRP A 1 100 ? -4.300  -11.338 -2.676  1.00 25.24 ? 100  TRP A NE1 1 
ATOM   701  C CE2 . TRP A 1 100 ? -4.819  -12.599 -2.548  1.00 25.24 ? 100  TRP A CE2 1 
ATOM   702  C CE3 . TRP A 1 100 ? -6.662  -13.680 -1.403  1.00 25.58 ? 100  TRP A CE3 1 
ATOM   703  C CZ2 . TRP A 1 100 ? -4.395  -13.810 -3.112  1.00 26.22 ? 100  TRP A CZ2 1 
ATOM   704  C CZ3 . TRP A 1 100 ? -6.241  -14.885 -1.965  1.00 26.18 ? 100  TRP A CZ3 1 
ATOM   705  C CH2 . TRP A 1 100 ? -5.118  -14.939 -2.810  1.00 26.18 ? 100  TRP A CH2 1 
ATOM   706  N N   . LYS A 1 101 ? -8.850  -8.471  1.319   1.00 21.19 ? 101  LYS A N   1 
ATOM   707  C CA  . LYS A 1 101 ? -10.115 -7.778  1.545   1.00 20.98 ? 101  LYS A CA  1 
ATOM   708  C C   . LYS A 1 101 ? -9.875  -6.277  1.538   1.00 20.42 ? 101  LYS A C   1 
ATOM   709  O O   . LYS A 1 101 ? -10.655 -5.509  0.973   1.00 20.03 ? 101  LYS A O   1 
ATOM   710  C CB  . LYS A 1 101 ? -10.732 -8.191  2.887   1.00 22.09 ? 101  LYS A CB  1 
ATOM   711  C CG  . LYS A 1 101 ? -11.818 -9.250  2.776   1.00 23.92 ? 101  LYS A CG  1 
ATOM   712  C CD  . LYS A 1 101 ? -13.026 -8.713  2.011   1.00 24.51 ? 101  LYS A CD  1 
ATOM   713  C CE  . LYS A 1 101 ? -14.090 -9.787  1.824   1.00 25.64 ? 101  LYS A CE  1 
ATOM   714  N NZ  . LYS A 1 101 ? -13.582 -10.919 1.004   1.00 26.53 ? 101  LYS A NZ  1 
ATOM   715  N N   . LEU A 1 102 ? -8.789  -5.864  2.181   1.00 19.91 ? 102  LEU A N   1 
ATOM   716  C CA  . LEU A 1 102 ? -8.427  -4.450  2.250   1.00 19.73 ? 102  LEU A CA  1 
ATOM   717  C C   . LEU A 1 102 ? -8.213  -3.897  0.842   1.00 19.66 ? 102  LEU A C   1 
ATOM   718  O O   . LEU A 1 102 ? -8.734  -2.841  0.492   1.00 19.68 ? 102  LEU A O   1 
ATOM   719  C CB  . LEU A 1 102 ? -7.148  -4.294  3.080   1.00 19.67 ? 102  LEU A CB  1 
ATOM   720  C CG  . LEU A 1 102 ? -6.524  -2.911  3.260   1.00 19.69 ? 102  LEU A CG  1 
ATOM   721  C CD1 . LEU A 1 102 ? -7.488  -1.978  3.970   1.00 19.42 ? 102  LEU A CD1 1 
ATOM   722  C CD2 . LEU A 1 102 ? -5.237  -3.061  4.071   1.00 19.63 ? 102  LEU A CD2 1 
ATOM   723  N N   . LEU A 1 103 ? -7.447  -4.624  0.035   1.00 19.76 ? 103  LEU A N   1 
ATOM   724  C CA  . LEU A 1 103 ? -7.168  -4.213  -1.338  1.00 19.99 ? 103  LEU A CA  1 
ATOM   725  C C   . LEU A 1 103 ? -8.445  -4.093  -2.166  1.00 20.15 ? 103  LEU A C   1 
ATOM   726  O O   . LEU A 1 103 ? -8.614  -3.152  -2.937  1.00 20.02 ? 103  LEU A O   1 
ATOM   727  C CB  . LEU A 1 103 ? -6.226  -5.224  -2.007  1.00 19.71 ? 103  LEU A CB  1 
ATOM   728  C CG  . LEU A 1 103 ? -5.989  -5.089  -3.516  1.00 19.87 ? 103  LEU A CG  1 
ATOM   729  C CD1 . LEU A 1 103 ? -5.355  -3.733  -3.828  1.00 19.79 ? 103  LEU A CD1 1 
ATOM   730  C CD2 . LEU A 1 103 ? -5.097  -6.217  -3.996  1.00 19.69 ? 103  LEU A CD2 1 
ATOM   731  N N   . LYS A 1 104 ? -9.349  -5.047  -1.994  1.00 20.46 ? 104  LYS A N   1 
ATOM   732  C CA  . LYS A 1 104 ? -10.587 -5.050  -2.757  1.00 21.25 ? 104  LYS A CA  1 
ATOM   733  C C   . LYS A 1 104 ? -11.615 -3.997  -2.361  1.00 21.09 ? 104  LYS A C   1 
ATOM   734  O O   . LYS A 1 104 ? -12.174 -3.316  -3.221  1.00 21.52 ? 104  LYS A O   1 
ATOM   735  C CB  . LYS A 1 104 ? -11.241 -6.433  -2.672  1.00 21.83 ? 104  LYS A CB  1 
ATOM   736  C CG  . LYS A 1 104 ? -12.545 -6.569  -3.457  1.00 23.39 ? 104  LYS A CG  1 
ATOM   737  C CD  . LYS A 1 104 ? -13.122 -7.971  -3.297  1.00 24.62 ? 104  LYS A CD  1 
ATOM   738  C CE  . LYS A 1 104 ? -14.398 -8.155  -4.111  1.00 25.61 ? 104  LYS A CE  1 
ATOM   739  N NZ  . LYS A 1 104 ? -15.506 -7.276  -3.624  1.00 26.44 ? 104  LYS A NZ  1 
ATOM   740  N N   . VAL A 1 105 ? -11.837 -3.856  -1.062  1.00 20.90 ? 105  VAL A N   1 
ATOM   741  C CA  . VAL A 1 105 ? -12.865 -2.965  -0.528  1.00 21.03 ? 105  VAL A CA  1 
ATOM   742  C C   . VAL A 1 105 ? -12.645 -1.474  -0.273  1.00 20.60 ? 105  VAL A C   1 
ATOM   743  O O   . VAL A 1 105 ? -13.515 -0.661  -0.598  1.00 20.43 ? 105  VAL A O   1 
ATOM   744  C CB  . VAL A 1 105 ? -13.424 -3.578  0.787   1.00 21.34 ? 105  VAL A CB  1 
ATOM   745  C CG1 . VAL A 1 105 ? -14.352 -2.600  1.487   1.00 22.27 ? 105  VAL A CG1 1 
ATOM   746  C CG2 . VAL A 1 105 ? -14.158 -4.863  0.471   1.00 21.87 ? 105  VAL A CG2 1 
ATOM   747  N N   . VAL A 1 106 ? -11.503 -1.114  0.303   1.00 20.24 ? 106  VAL A N   1 
ATOM   748  C CA  . VAL A 1 106 ? -11.241 0.275   0.680   1.00 19.80 ? 106  VAL A CA  1 
ATOM   749  C C   . VAL A 1 106 ? -10.667 1.201   -0.391  1.00 19.61 ? 106  VAL A C   1 
ATOM   750  O O   . VAL A 1 106 ? -9.518  1.059   -0.806  1.00 19.32 ? 106  VAL A O   1 
ATOM   751  C CB  . VAL A 1 106 ? -10.336 0.301   1.931   1.00 19.62 ? 106  VAL A CB  1 
ATOM   752  C CG1 . VAL A 1 106 ? -10.334 1.688   2.552   1.00 19.74 ? 106  VAL A CG1 1 
ATOM   753  C CG2 . VAL A 1 106 ? -10.834 -0.727  2.941   1.00 19.15 ? 106  VAL A CG2 1 
ATOM   754  N N   . LYS A 1 107 ? -11.476 2.172   -0.806  1.00 19.58 ? 107  LYS A N   1 
ATOM   755  C CA  . LYS A 1 107 ? -11.087 3.125   -1.842  1.00 19.30 ? 107  LYS A CA  1 
ATOM   756  C C   . LYS A 1 107 ? -10.300 4.323   -1.324  1.00 18.72 ? 107  LYS A C   1 
ATOM   757  O O   . LYS A 1 107 ? -10.165 4.524   -0.119  1.00 17.95 ? 107  LYS A O   1 
ATOM   758  C CB  . LYS A 1 107 ? -12.332 3.637   -2.573  1.00 19.96 ? 107  LYS A CB  1 
ATOM   759  C CG  . LYS A 1 107 ? -13.214 4.548   -1.727  1.00 20.81 ? 107  LYS A CG  1 
ATOM   760  C CD  . LYS A 1 107 ? -14.347 5.151   -2.548  1.00 21.40 ? 107  LYS A CD  1 
ATOM   761  C CE  . LYS A 1 107 ? -15.088 6.230   -1.764  1.00 21.98 ? 107  LYS A CE  1 
ATOM   762  N NZ  . LYS A 1 107 ? -16.111 6.946   -2.591  1.00 22.31 ? 107  LYS A NZ  1 
ATOM   763  N N   . PHE A 1 108 ? -9.786  5.119   -2.260  1.00 18.38 ? 108  PHE A N   1 
ATOM   764  C CA  . PHE A 1 108 ? -9.025  6.325   -1.949  1.00 18.17 ? 108  PHE A CA  1 
ATOM   765  C C   . PHE A 1 108 ? -9.938  7.299   -1.193  1.00 18.03 ? 108  PHE A C   1 
ATOM   766  O O   . PHE A 1 108 ? -11.055 7.586   -1.629  1.00 17.77 ? 108  PHE A O   1 
ATOM   767  C CB  . PHE A 1 108 ? -8.515  6.941   -3.267  1.00 18.16 ? 108  PHE A CB  1 
ATOM   768  C CG  . PHE A 1 108 ? -7.687  8.201   -3.103  1.00 17.74 ? 108  PHE A CG  1 
ATOM   769  C CD1 . PHE A 1 108 ? -8.294  9.429   -2.846  1.00 18.00 ? 108  PHE A CD1 1 
ATOM   770  C CD2 . PHE A 1 108 ? -6.303  8.163   -3.278  1.00 17.95 ? 108  PHE A CD2 1 
ATOM   771  C CE1 . PHE A 1 108 ? -7.538  10.605  -2.773  1.00 17.65 ? 108  PHE A CE1 1 
ATOM   772  C CE2 . PHE A 1 108 ? -5.533  9.333   -3.207  1.00 17.72 ? 108  PHE A CE2 1 
ATOM   773  C CZ  . PHE A 1 108 ? -6.154  10.557  -2.955  1.00 17.75 ? 108  PHE A CZ  1 
ATOM   774  N N   . GLY A 1 109 ? -9.469  7.785   -0.047  1.00 17.79 ? 109  GLY A N   1 
ATOM   775  C CA  . GLY A 1 109 ? -10.263 8.721   0.735   1.00 17.69 ? 109  GLY A CA  1 
ATOM   776  C C   . GLY A 1 109 ? -11.128 8.089   1.815   1.00 17.71 ? 109  GLY A C   1 
ATOM   777  O O   . GLY A 1 109 ? -11.665 8.784   2.678   1.00 17.56 ? 109  GLY A O   1 
ATOM   778  N N   . GLU A 1 110 ? -11.260 6.767   1.772   1.00 17.88 ? 110  GLU A N   1 
ATOM   779  C CA  . GLU A 1 110 ? -12.066 6.031   2.746   1.00 17.91 ? 110  GLU A CA  1 
ATOM   780  C C   . GLU A 1 110 ? -11.184 5.390   3.822   1.00 17.41 ? 110  GLU A C   1 
ATOM   781  O O   . GLU A 1 110 ? -10.017 5.083   3.575   1.00 17.07 ? 110  GLU A O   1 
ATOM   782  C CB  . GLU A 1 110 ? -12.879 4.953   2.008   1.00 19.21 ? 110  GLU A CB  1 
ATOM   783  C CG  . GLU A 1 110 ? -13.412 3.803   2.868   1.00 20.67 ? 110  GLU A CG  1 
ATOM   784  C CD  . GLU A 1 110 ? -14.261 2.800   2.076   1.00 21.86 ? 110  GLU A CD  1 
ATOM   785  O OE1 . GLU A 1 110 ? -13.960 2.537   0.887   1.00 21.78 ? 110  GLU A OE1 1 
ATOM   786  O OE2 . GLU A 1 110 ? -15.230 2.251   2.652   1.00 22.66 ? 110  GLU A OE2 1 
ATOM   787  N N   . VAL A 1 111 ? -11.732 5.217   5.025   1.00 16.96 ? 111  VAL A N   1 
ATOM   788  C CA  . VAL A 1 111 ? -10.999 4.565   6.110   1.00 17.02 ? 111  VAL A CA  1 
ATOM   789  C C   . VAL A 1 111 ? -11.884 3.467   6.697   1.00 16.78 ? 111  VAL A C   1 
ATOM   790  O O   . VAL A 1 111 ? -13.108 3.501   6.551   1.00 16.88 ? 111  VAL A O   1 
ATOM   791  C CB  . VAL A 1 111 ? -10.580 5.553   7.249   1.00 17.15 ? 111  VAL A CB  1 
ATOM   792  C CG1 . VAL A 1 111 ? -9.509  6.508   6.743   1.00 17.11 ? 111  VAL A CG1 1 
ATOM   793  C CG2 . VAL A 1 111 ? -11.786 6.329   7.759   1.00 17.07 ? 111  VAL A CG2 1 
ATOM   794  N N   . ILE A 1 112 ? -11.256 2.492   7.345   1.00 16.31 ? 112  ILE A N   1 
ATOM   795  C CA  . ILE A 1 112 ? -11.960 1.365   7.944   1.00 16.02 ? 112  ILE A CA  1 
ATOM   796  C C   . ILE A 1 112 ? -11.301 1.080   9.293   1.00 15.81 ? 112  ILE A C   1 
ATOM   797  O O   . ILE A 1 112 ? -10.092 1.258   9.436   1.00 15.73 ? 112  ILE A O   1 
ATOM   798  C CB  . ILE A 1 112 ? -11.855 0.123   7.015   1.00 16.20 ? 112  ILE A CB  1 
ATOM   799  C CG1 . ILE A 1 112 ? -12.650 -1.050  7.582   1.00 16.60 ? 112  ILE A CG1 1 
ATOM   800  C CG2 . ILE A 1 112 ? -10.382 -0.272  6.830   1.00 16.28 ? 112  ILE A CG2 1 
ATOM   801  C CD1 . ILE A 1 112 ? -12.755 -2.222  6.607   1.00 16.98 ? 112  ILE A CD1 1 
ATOM   802  N N   . SER A 1 113 ? -12.082 0.661   10.287  1.00 15.54 ? 113  SER A N   1 
ATOM   803  C CA  . SER A 1 113 ? -11.502 0.374   11.597  1.00 15.24 ? 113  SER A CA  1 
ATOM   804  C C   . SER A 1 113 ? -10.917 -1.028  11.651  1.00 15.21 ? 113  SER A C   1 
ATOM   805  O O   . SER A 1 113 ? -11.235 -1.873  10.816  1.00 14.92 ? 113  SER A O   1 
ATOM   806  C CB  . SER A 1 113 ? -12.550 0.538   12.711  1.00 15.54 ? 113  SER A CB  1 
ATOM   807  O OG  . SER A 1 113 ? -13.615 -0.392  12.577  1.00 15.36 ? 113  SER A OG  1 
ATOM   808  N N   . TYR A 1 114 ? -10.044 -1.269  12.627  1.00 15.02 ? 114  TYR A N   1 
ATOM   809  C CA  . TYR A 1 114 ? -9.443  -2.588  12.796  1.00 15.11 ? 114  TYR A CA  1 
ATOM   810  C C   . TYR A 1 114 ? -10.566 -3.617  12.973  1.00 15.25 ? 114  TYR A C   1 
ATOM   811  O O   . TYR A 1 114 ? -10.484 -4.739  12.464  1.00 14.84 ? 114  TYR A O   1 
ATOM   812  C CB  . TYR A 1 114 ? -8.535  -2.597  14.035  1.00 14.92 ? 114  TYR A CB  1 
ATOM   813  C CG  . TYR A 1 114 ? -7.299  -1.728  13.912  1.00 14.87 ? 114  TYR A CG  1 
ATOM   814  C CD1 . TYR A 1 114 ? -6.137  -2.217  13.314  1.00 14.78 ? 114  TYR A CD1 1 
ATOM   815  C CD2 . TYR A 1 114 ? -7.299  -0.409  14.374  1.00 14.78 ? 114  TYR A CD2 1 
ATOM   816  C CE1 . TYR A 1 114 ? -4.995  -1.409  13.179  1.00 14.92 ? 114  TYR A CE1 1 
ATOM   817  C CE2 . TYR A 1 114 ? -6.168  0.408   14.241  1.00 15.18 ? 114  TYR A CE2 1 
ATOM   818  C CZ  . TYR A 1 114 ? -5.021  -0.104  13.640  1.00 15.08 ? 114  TYR A CZ  1 
ATOM   819  O OH  . TYR A 1 114 ? -3.897  0.695   13.503  1.00 15.27 ? 114  TYR A OH  1 
ATOM   820  N N   . GLN A 1 115 ? -11.611 -3.220  13.701  1.00 15.68 ? 115  GLN A N   1 
ATOM   821  C CA  . GLN A 1 115 ? -12.768 -4.077  13.970  1.00 16.62 ? 115  GLN A CA  1 
ATOM   822  C C   . GLN A 1 115 ? -13.586 -4.401  12.720  1.00 16.74 ? 115  GLN A C   1 
ATOM   823  O O   . GLN A 1 115 ? -14.014 -5.540  12.538  1.00 16.67 ? 115  GLN A O   1 
ATOM   824  C CB  . GLN A 1 115 ? -13.697 -3.423  15.003  1.00 17.08 ? 115  GLN A CB  1 
ATOM   825  C CG  . GLN A 1 115 ? -13.165 -3.356  16.431  1.00 18.30 ? 115  GLN A CG  1 
ATOM   826  C CD  . GLN A 1 115 ? -11.978 -2.427  16.582  1.00 19.30 ? 115  GLN A CD  1 
ATOM   827  O OE1 . GLN A 1 115 ? -11.923 -1.355  15.963  1.00 19.40 ? 115  GLN A OE1 1 
ATOM   828  N NE2 . GLN A 1 115 ? -11.023 -2.824  17.420  1.00 19.87 ? 115  GLN A NE2 1 
ATOM   829  N N   . GLN A 1 116 ? -13.821 -3.396  11.879  1.00 17.11 ? 116  GLN A N   1 
ATOM   830  C CA  . GLN A 1 116 ? -14.581 -3.588  10.642  1.00 17.50 ? 116  GLN A CA  1 
ATOM   831  C C   . GLN A 1 116 ? -13.839 -4.508  9.676   1.00 17.75 ? 116  GLN A C   1 
ATOM   832  O O   . GLN A 1 116 ? -14.452 -5.345  9.005   1.00 17.58 ? 116  GLN A O   1 
ATOM   833  C CB  . GLN A 1 116 ? -14.845 -2.244  9.946   1.00 17.40 ? 116  GLN A CB  1 
ATOM   834  C CG  . GLN A 1 116 ? -15.873 -1.358  10.640  1.00 17.55 ? 116  GLN A CG  1 
ATOM   835  C CD  . GLN A 1 116 ? -16.075 -0.031  9.935   1.00 17.74 ? 116  GLN A CD  1 
ATOM   836  O OE1 . GLN A 1 116 ? -15.113 0.624   9.535   1.00 17.64 ? 116  GLN A OE1 1 
ATOM   837  N NE2 . GLN A 1 116 ? -17.331 0.380   9.791   1.00 17.79 ? 116  GLN A NE2 1 
ATOM   838  N N   . LEU A 1 117 ? -12.520 -4.355  9.592   1.00 17.73 ? 117  LEU A N   1 
ATOM   839  C CA  . LEU A 1 117 ? -11.743 -5.198  8.684   1.00 18.39 ? 117  LEU A CA  1 
ATOM   840  C C   . LEU A 1 117 ? -11.720 -6.638  9.197   1.00 18.72 ? 117  LEU A C   1 
ATOM   841  O O   . LEU A 1 117 ? -11.760 -7.582  8.409   1.00 18.75 ? 117  LEU A O   1 
ATOM   842  C CB  . LEU A 1 117 ? -10.312 -4.653  8.530   1.00 18.27 ? 117  LEU A CB  1 
ATOM   843  C CG  . LEU A 1 117 ? -9.346  -5.394  7.588   1.00 18.41 ? 117  LEU A CG  1 
ATOM   844  C CD1 . LEU A 1 117 ? -10.009 -5.671  6.231   1.00 18.39 ? 117  LEU A CD1 1 
ATOM   845  C CD2 . LEU A 1 117 ? -8.094  -4.552  7.393   1.00 18.33 ? 117  LEU A CD2 1 
ATOM   846  N N   . ALA A 1 118 ? -11.666 -6.806  10.515  1.00 19.36 ? 118  ALA A N   1 
ATOM   847  C CA  . ALA A 1 118 ? -11.658 -8.141  11.105  1.00 20.12 ? 118  ALA A CA  1 
ATOM   848  C C   . ALA A 1 118 ? -12.984 -8.826  10.796  1.00 20.79 ? 118  ALA A C   1 
ATOM   849  O O   . ALA A 1 118 ? -13.020 -10.009 10.461  1.00 21.29 ? 118  ALA A O   1 
ATOM   850  C CB  . ALA A 1 118 ? -11.456 -8.056  12.614  1.00 20.11 ? 118  ALA A CB  1 
ATOM   851  N N   . ALA A 1 119 ? -14.073 -8.074  10.908  1.00 21.44 ? 119  ALA A N   1 
ATOM   852  C CA  . ALA A 1 119 ? -15.402 -8.609  10.634  1.00 22.27 ? 119  ALA A CA  1 
ATOM   853  C C   . ALA A 1 119 ? -15.520 -8.989  9.157   1.00 22.84 ? 119  ALA A C   1 
ATOM   854  O O   . ALA A 1 119 ? -16.061 -10.044 8.818   1.00 22.88 ? 119  ALA A O   1 
ATOM   855  C CB  . ALA A 1 119 ? -16.461 -7.584  11.004  1.00 22.17 ? 119  ALA A CB  1 
ATOM   856  N N   . LEU A 1 120 ? -15.004 -8.133  8.279   1.00 23.59 ? 120  LEU A N   1 
ATOM   857  C CA  . LEU A 1 120 ? -15.063 -8.414  6.851   1.00 24.47 ? 120  LEU A CA  1 
ATOM   858  C C   . LEU A 1 120 ? -14.294 -9.688  6.528   1.00 25.04 ? 120  LEU A C   1 
ATOM   859  O O   . LEU A 1 120 ? -14.659 -10.418 5.604   1.00 24.94 ? 120  LEU A O   1 
ATOM   860  C CB  . LEU A 1 120 ? -14.485 -7.250  6.039   1.00 24.74 ? 120  LEU A CB  1 
ATOM   861  C CG  . LEU A 1 120 ? -15.322 -5.972  5.947   1.00 25.14 ? 120  LEU A CG  1 
ATOM   862  C CD1 . LEU A 1 120 ? -14.642 -4.996  4.998   1.00 25.16 ? 120  LEU A CD1 1 
ATOM   863  C CD2 . LEU A 1 120 ? -16.729 -6.305  5.448   1.00 25.42 ? 120  LEU A CD2 1 
ATOM   864  N N   . ALA A 1 121 ? -13.239 -9.951  7.296   1.00 25.43 ? 121  ALA A N   1 
ATOM   865  C CA  . ALA A 1 121 ? -12.411 -11.135 7.092   1.00 26.44 ? 121  ALA A CA  1 
ATOM   866  C C   . ALA A 1 121 ? -12.974 -12.378 7.781   1.00 26.92 ? 121  ALA A C   1 
ATOM   867  O O   . ALA A 1 121 ? -12.295 -13.399 7.879   1.00 27.25 ? 121  ALA A O   1 
ATOM   868  C CB  . ALA A 1 121 ? -10.982 -10.868 7.573   1.00 26.27 ? 121  ALA A CB  1 
ATOM   869  N N   . GLY A 1 122 ? -14.208 -12.282 8.270   1.00 27.45 ? 122  GLY A N   1 
ATOM   870  C CA  . GLY A 1 122 ? -14.841 -13.428 8.903   1.00 27.87 ? 122  GLY A CA  1 
ATOM   871  C C   . GLY A 1 122 ? -14.659 -13.670 10.391  1.00 28.24 ? 122  GLY A C   1 
ATOM   872  O O   . GLY A 1 122 ? -15.086 -14.709 10.894  1.00 28.49 ? 122  GLY A O   1 
ATOM   873  N N   . ASN A 1 123 ? -14.026 -12.747 11.105  1.00 28.50 ? 123  ASN A N   1 
ATOM   874  C CA  . ASN A 1 123 ? -13.844 -12.928 12.544  1.00 28.79 ? 123  ASN A CA  1 
ATOM   875  C C   . ASN A 1 123 ? -13.828 -11.584 13.263  1.00 28.56 ? 123  ASN A C   1 
ATOM   876  O O   . ASN A 1 123 ? -12.773 -10.980 13.450  1.00 28.25 ? 123  ASN A O   1 
ATOM   877  C CB  . ASN A 1 123 ? -12.553 -13.699 12.828  1.00 29.57 ? 123  ASN A CB  1 
ATOM   878  C CG  . ASN A 1 123 ? -12.384 -14.028 14.304  1.00 30.34 ? 123  ASN A CG  1 
ATOM   879  O OD1 . ASN A 1 123 ? -13.356 -14.055 15.064  1.00 31.03 ? 123  ASN A OD1 1 
ATOM   880  N ND2 . ASN A 1 123 ? -11.150 -14.296 14.711  1.00 30.93 ? 123  ASN A ND2 1 
ATOM   881  N N   . PRO A 1 124 ? -15.010 -11.109 13.687  1.00 28.33 ? 124  PRO A N   1 
ATOM   882  C CA  . PRO A 1 124 ? -15.229 -9.841  14.391  1.00 28.18 ? 124  PRO A CA  1 
ATOM   883  C C   . PRO A 1 124 ? -14.401 -9.627  15.655  1.00 27.90 ? 124  PRO A C   1 
ATOM   884  O O   . PRO A 1 124 ? -14.212 -8.492  16.089  1.00 28.18 ? 124  PRO A O   1 
ATOM   885  C CB  . PRO A 1 124 ? -16.723 -9.876  14.709  1.00 28.37 ? 124  PRO A CB  1 
ATOM   886  C CG  . PRO A 1 124 ? -17.288 -10.725 13.625  1.00 28.52 ? 124  PRO A CG  1 
ATOM   887  C CD  . PRO A 1 124 ? -16.283 -11.836 13.538  1.00 28.56 ? 124  PRO A CD  1 
ATOM   888  N N   . LYS A 1 125 ? -13.917 -10.710 16.250  1.00 27.65 ? 125  LYS A N   1 
ATOM   889  C CA  . LYS A 1 125 ? -13.144 -10.604 17.481  1.00 27.49 ? 125  LYS A CA  1 
ATOM   890  C C   . LYS A 1 125 ? -11.636 -10.552 17.257  1.00 26.91 ? 125  LYS A C   1 
ATOM   891  O O   . LYS A 1 125 ? -10.874 -10.438 18.217  1.00 27.06 ? 125  LYS A O   1 
ATOM   892  C CB  . LYS A 1 125 ? -13.463 -11.783 18.410  1.00 28.35 ? 125  LYS A CB  1 
ATOM   893  C CG  . LYS A 1 125 ? -14.946 -12.005 18.700  1.00 29.44 ? 125  LYS A CG  1 
ATOM   894  C CD  . LYS A 1 125 ? -15.673 -12.596 17.495  1.00 30.51 ? 125  LYS A CD  1 
ATOM   895  C CE  . LYS A 1 125 ? -17.127 -12.924 17.813  1.00 31.12 ? 125  LYS A CE  1 
ATOM   896  N NZ  . LYS A 1 125 ? -17.803 -13.578 16.655  1.00 31.59 ? 125  LYS A NZ  1 
ATOM   897  N N   . ALA A 1 126 ? -11.205 -10.613 15.998  1.00 25.89 ? 126  ALA A N   1 
ATOM   898  C CA  . ALA A 1 126 ? -9.776  -10.614 15.689  1.00 24.82 ? 126  ALA A CA  1 
ATOM   899  C C   . ALA A 1 126 ? -9.146  -9.272  15.302  1.00 23.85 ? 126  ALA A C   1 
ATOM   900  O O   . ALA A 1 126 ? -8.246  -9.234  14.464  1.00 23.63 ? 126  ALA A O   1 
ATOM   901  C CB  . ALA A 1 126 ? -9.501  -11.647 14.595  1.00 25.14 ? 126  ALA A CB  1 
ATOM   902  N N   . ALA A 1 127 ? -9.589  -8.178  15.914  1.00 22.81 ? 127  ALA A N   1 
ATOM   903  C CA  . ALA A 1 127 ? -9.033  -6.864  15.589  1.00 21.96 ? 127  ALA A CA  1 
ATOM   904  C C   . ALA A 1 127 ? -7.536  -6.757  15.880  1.00 21.27 ? 127  ALA A C   1 
ATOM   905  O O   . ALA A 1 127 ? -6.821  -6.023  15.196  1.00 20.83 ? 127  ALA A O   1 
ATOM   906  C CB  . ALA A 1 127 ? -9.782  -5.769  16.343  1.00 22.04 ? 127  ALA A CB  1 
ATOM   907  N N   . ARG A 1 128 ? -7.066  -7.472  16.901  1.00 20.61 ? 128  ARG A N   1 
ATOM   908  C CA  . ARG A 1 128 ? -5.649  -7.432  17.264  1.00 20.13 ? 128  ARG A CA  1 
ATOM   909  C C   . ARG A 1 128 ? -4.815  -8.094  16.177  1.00 19.62 ? 128  ARG A C   1 
ATOM   910  O O   . ARG A 1 128 ? -3.762  -7.589  15.795  1.00 19.36 ? 128  ARG A O   1 
ATOM   911  C CB  . ARG A 1 128 ? -5.405  -8.154  18.600  1.00 20.42 ? 128  ARG A CB  1 
ATOM   912  C CG  . ARG A 1 128 ? -4.571  -7.350  19.593  1.00 21.55 ? 128  ARG A CG  1 
ATOM   913  C CD  . ARG A 1 128 ? -3.419  -8.145  20.224  1.00 21.14 ? 128  ARG A CD  1 
ATOM   914  N NE  . ARG A 1 128 ? -3.832  -9.407  20.840  1.00 21.22 ? 128  ARG A NE  1 
ATOM   915  C CZ  . ARG A 1 128 ? -3.942  -9.619  22.151  1.00 21.49 ? 128  ARG A CZ  1 
ATOM   916  N NH1 . ARG A 1 128 ? -3.674  -8.651  23.021  1.00 20.74 ? 128  ARG A NH1 1 
ATOM   917  N NH2 . ARG A 1 128 ? -4.303  -10.815 22.596  1.00 21.46 ? 128  ARG A NH2 1 
ATOM   918  N N   . ALA A 1 129 ? -5.302  -9.228  15.681  1.00 19.47 ? 129  ALA A N   1 
ATOM   919  C CA  . ALA A 1 129 ? -4.612  -9.977  14.635  1.00 19.31 ? 129  ALA A CA  1 
ATOM   920  C C   . ALA A 1 129 ? -4.616  -9.205  13.319  1.00 19.24 ? 129  ALA A C   1 
ATOM   921  O O   . ALA A 1 129 ? -3.716  -9.376  12.495  1.00 19.12 ? 129  ALA A O   1 
ATOM   922  C CB  . ALA A 1 129 ? -5.270  -11.345 14.448  1.00 19.42 ? 129  ALA A CB  1 
ATOM   923  N N   . VAL A 1 130 ? -5.633  -8.370  13.116  1.00 19.12 ? 130  VAL A N   1 
ATOM   924  C CA  . VAL A 1 130 ? -5.710  -7.562  11.901  1.00 19.19 ? 130  VAL A CA  1 
ATOM   925  C C   . VAL A 1 130 ? -4.603  -6.519  11.978  1.00 19.11 ? 130  VAL A C   1 
ATOM   926  O O   . VAL A 1 130 ? -3.925  -6.236  10.984  1.00 19.12 ? 130  VAL A O   1 
ATOM   927  C CB  . VAL A 1 130 ? -7.078  -6.849  11.768  1.00 19.07 ? 130  VAL A CB  1 
ATOM   928  C CG1 . VAL A 1 130 ? -6.991  -5.733  10.722  1.00 19.06 ? 130  VAL A CG1 1 
ATOM   929  C CG2 . VAL A 1 130 ? -8.140  -7.852  11.350  1.00 19.32 ? 130  VAL A CG2 1 
ATOM   930  N N   . GLY A 1 131 ? -4.421  -5.951  13.167  1.00 19.08 ? 131  GLY A N   1 
ATOM   931  C CA  . GLY A 1 131 ? -3.378  -4.961  13.354  1.00 19.04 ? 131  GLY A CA  1 
ATOM   932  C C   . GLY A 1 131 ? -2.036  -5.620  13.105  1.00 19.03 ? 131  GLY A C   1 
ATOM   933  O O   . GLY A 1 131 ? -1.141  -5.027  12.506  1.00 19.07 ? 131  GLY A O   1 
ATOM   934  N N   . GLY A 1 132 ? -1.897  -6.856  13.573  1.00 19.23 ? 132  GLY A N   1 
ATOM   935  C CA  . GLY A 1 132 ? -0.653  -7.580  13.373  1.00 19.35 ? 132  GLY A CA  1 
ATOM   936  C C   . GLY A 1 132 ? -0.415  -7.906  11.909  1.00 19.49 ? 132  GLY A C   1 
ATOM   937  O O   . GLY A 1 132 ? 0.721   -7.895  11.440  1.00 19.61 ? 132  GLY A O   1 
ATOM   938  N N   . ALA A 1 133 ? -1.489  -8.196  11.182  1.00 19.39 ? 133  ALA A N   1 
ATOM   939  C CA  . ALA A 1 133 ? -1.389  -8.530  9.765   1.00 19.29 ? 133  ALA A CA  1 
ATOM   940  C C   . ALA A 1 133 ? -0.856  -7.372  8.923   1.00 19.33 ? 133  ALA A C   1 
ATOM   941  O O   . ALA A 1 133 ? -0.192  -7.593  7.910   1.00 19.27 ? 133  ALA A O   1 
ATOM   942  C CB  . ALA A 1 133 ? -2.750  -8.972  9.239   1.00 19.43 ? 133  ALA A CB  1 
ATOM   943  N N   . MET A 1 134 ? -1.147  -6.140  9.333   1.00 19.48 ? 134  MET A N   1 
ATOM   944  C CA  . MET A 1 134 ? -0.678  -4.975  8.588   1.00 19.57 ? 134  MET A CA  1 
ATOM   945  C C   . MET A 1 134 ? 0.853   -4.975  8.498   1.00 19.59 ? 134  MET A C   1 
ATOM   946  O O   . MET A 1 134 ? 1.425   -4.509  7.514   1.00 19.20 ? 134  MET A O   1 
ATOM   947  C CB  . MET A 1 134 ? -1.145  -3.672  9.254   1.00 20.04 ? 134  MET A CB  1 
ATOM   948  C CG  . MET A 1 134 ? -2.662  -3.486  9.374   1.00 20.49 ? 134  MET A CG  1 
ATOM   949  S SD  . MET A 1 134 ? -3.551  -3.437  7.806   1.00 21.44 ? 134  MET A SD  1 
ATOM   950  C CE  . MET A 1 134 ? -3.970  -5.158  7.625   1.00 20.95 ? 134  MET A CE  1 
ATOM   951  N N   . ARG A 1 135 ? 1.510   -5.496  9.530   1.00 19.79 ? 135  ARG A N   1 
ATOM   952  C CA  . ARG A 1 135 ? 2.972   -5.546  9.559   1.00 19.96 ? 135  ARG A CA  1 
ATOM   953  C C   . ARG A 1 135 ? 3.526   -6.405  8.429   1.00 19.95 ? 135  ARG A C   1 
ATOM   954  O O   . ARG A 1 135 ? 4.653   -6.196  7.976   1.00 20.39 ? 135  ARG A O   1 
ATOM   955  C CB  . ARG A 1 135 ? 3.464   -6.125  10.893  1.00 20.16 ? 135  ARG A CB  1 
ATOM   956  C CG  . ARG A 1 135 ? 3.122   -5.303  12.128  1.00 20.47 ? 135  ARG A CG  1 
ATOM   957  C CD  . ARG A 1 135 ? 3.419   -6.117  13.385  1.00 20.27 ? 135  ARG A CD  1 
ATOM   958  N NE  . ARG A 1 135 ? 3.062   -5.416  14.616  1.00 20.72 ? 135  ARG A NE  1 
ATOM   959  C CZ  . ARG A 1 135 ? 3.850   -4.556  15.252  1.00 20.97 ? 135  ARG A CZ  1 
ATOM   960  N NH1 . ARG A 1 135 ? 5.065   -4.284  14.791  1.00 20.63 ? 135  ARG A NH1 1 
ATOM   961  N NH2 . ARG A 1 135 ? 3.424   -3.975  16.368  1.00 21.56 ? 135  ARG A NH2 1 
ATOM   962  N N   . GLY A 1 136 ? 2.735   -7.372  7.977   1.00 19.62 ? 136  GLY A N   1 
ATOM   963  C CA  . GLY A 1 136 ? 3.188   -8.253  6.919   1.00 19.57 ? 136  GLY A CA  1 
ATOM   964  C C   . GLY A 1 136 ? 2.876   -7.811  5.502   1.00 19.29 ? 136  GLY A C   1 
ATOM   965  O O   . GLY A 1 136 ? 3.089   -8.578  4.565   1.00 19.49 ? 136  GLY A O   1 
ATOM   966  N N   . ASN A 1 137 ? 2.381   -6.588  5.326   1.00 18.80 ? 137  ASN A N   1 
ATOM   967  C CA  . ASN A 1 137 ? 2.055   -6.102  3.988   1.00 18.18 ? 137  ASN A CA  1 
ATOM   968  C C   . ASN A 1 137 ? 3.345   -5.790  3.238   1.00 17.97 ? 137  ASN A C   1 
ATOM   969  O O   . ASN A 1 137 ? 4.084   -4.885  3.616   1.00 17.25 ? 137  ASN A O   1 
ATOM   970  C CB  . ASN A 1 137 ? 1.178   -4.847  4.081   1.00 17.87 ? 137  ASN A CB  1 
ATOM   971  C CG  . ASN A 1 137 ? 0.779   -4.299  2.714   1.00 17.86 ? 137  ASN A CG  1 
ATOM   972  O OD1 . ASN A 1 137 ? 0.844   -4.997  1.704   1.00 17.62 ? 137  ASN A OD1 1 
ATOM   973  N ND2 . ASN A 1 137 ? 0.343   -3.051  2.689   1.00 17.38 ? 137  ASN A ND2 1 
ATOM   974  N N   . PRO A 1 138 ? 3.634   -6.541  2.161   1.00 17.91 ? 138  PRO A N   1 
ATOM   975  C CA  . PRO A 1 138 ? 4.858   -6.303  1.387   1.00 17.89 ? 138  PRO A CA  1 
ATOM   976  C C   . PRO A 1 138 ? 4.725   -5.159  0.383   1.00 17.70 ? 138  PRO A C   1 
ATOM   977  O O   . PRO A 1 138 ? 5.723   -4.676  -0.153  1.00 18.12 ? 138  PRO A O   1 
ATOM   978  C CB  . PRO A 1 138 ? 5.089   -7.648  0.706   1.00 17.81 ? 138  PRO A CB  1 
ATOM   979  C CG  . PRO A 1 138 ? 3.691   -8.077  0.390   1.00 18.33 ? 138  PRO A CG  1 
ATOM   980  C CD  . PRO A 1 138 ? 2.924   -7.734  1.664   1.00 18.27 ? 138  PRO A CD  1 
ATOM   981  N N   . VAL A 1 139 ? 3.494   -4.735  0.120   1.00 17.45 ? 139  VAL A N   1 
ATOM   982  C CA  . VAL A 1 139 ? 3.266   -3.653  -0.826  1.00 17.29 ? 139  VAL A CA  1 
ATOM   983  C C   . VAL A 1 139 ? 2.441   -2.496  -0.252  1.00 17.30 ? 139  VAL A C   1 
ATOM   984  O O   . VAL A 1 139 ? 1.259   -2.336  -0.573  1.00 16.65 ? 139  VAL A O   1 
ATOM   985  C CB  . VAL A 1 139 ? 2.599   -4.175  -2.134  1.00 17.02 ? 139  VAL A CB  1 
ATOM   986  C CG1 . VAL A 1 139 ? 3.622   -4.956  -2.960  1.00 17.11 ? 139  VAL A CG1 1 
ATOM   987  C CG2 . VAL A 1 139 ? 1.419   -5.078  -1.812  1.00 17.13 ? 139  VAL A CG2 1 
ATOM   988  N N   . PRO A 1 140 ? 3.066   -1.673  0.611   1.00 17.62 ? 140  PRO A N   1 
ATOM   989  C CA  . PRO A 1 140 ? 2.416   -0.514  1.239   1.00 17.87 ? 140  PRO A CA  1 
ATOM   990  C C   . PRO A 1 140 ? 1.876   0.439   0.174   1.00 17.75 ? 140  PRO A C   1 
ATOM   991  O O   . PRO A 1 140 ? 2.367   0.459   -0.962  1.00 17.98 ? 140  PRO A O   1 
ATOM   992  C CB  . PRO A 1 140 ? 3.543   0.142   2.038   1.00 18.09 ? 140  PRO A CB  1 
ATOM   993  C CG  . PRO A 1 140 ? 4.514   -0.963  2.273   1.00 18.70 ? 140  PRO A CG  1 
ATOM   994  C CD  . PRO A 1 140 ? 4.477   -1.778  1.023   1.00 17.97 ? 140  PRO A CD  1 
ATOM   995  N N   . ILE A 1 141 ? 0.895   1.245   0.569   1.00 17.49 ? 141  ILE A N   1 
ATOM   996  C CA  . ILE A 1 141 ? 0.234   2.223   -0.295  1.00 17.61 ? 141  ILE A CA  1 
ATOM   997  C C   . ILE A 1 141 ? -0.683  1.527   -1.292  1.00 17.10 ? 141  ILE A C   1 
ATOM   998  O O   . ILE A 1 141 ? -1.886  1.794   -1.312  1.00 16.89 ? 141  ILE A O   1 
ATOM   999  C CB  . ILE A 1 141 ? 1.250   3.107   -1.061  1.00 17.97 ? 141  ILE A CB  1 
ATOM   1000 C CG1 . ILE A 1 141 ? 2.281   3.680   -0.085  1.00 18.47 ? 141  ILE A CG1 1 
ATOM   1001 C CG2 . ILE A 1 141 ? 0.515   4.267   -1.742  1.00 18.64 ? 141  ILE A CG2 1 
ATOM   1002 C CD1 . ILE A 1 141 ? 3.306   4.600   -0.731  1.00 19.39 ? 141  ILE A CD1 1 
ATOM   1003 N N   . LEU A 1 142 ? -0.111  0.634   -2.104  1.00 16.71 ? 142  LEU A N   1 
ATOM   1004 C CA  . LEU A 1 142 ? -0.862  -0.134  -3.108  1.00 16.14 ? 142  LEU A CA  1 
ATOM   1005 C C   . LEU A 1 142 ? -1.962  -0.928  -2.402  1.00 15.93 ? 142  LEU A C   1 
ATOM   1006 O O   . LEU A 1 142 ? -3.119  -0.914  -2.824  1.00 15.38 ? 142  LEU A O   1 
ATOM   1007 C CB  . LEU A 1 142 ? 0.076   -1.073  -3.855  1.00 15.99 ? 142  LEU A CB  1 
ATOM   1008 C CG  . LEU A 1 142 ? -0.560  -1.915  -4.963  1.00 16.06 ? 142  LEU A CG  1 
ATOM   1009 C CD1 . LEU A 1 142 ? -1.209  -1.001  -5.985  1.00 16.36 ? 142  LEU A CD1 1 
ATOM   1010 C CD2 . LEU A 1 142 ? 0.507   -2.774  -5.621  1.00 15.77 ? 142  LEU A CD2 1 
ATOM   1011 N N   . ILE A 1 143 ? -1.580  -1.668  -1.364  1.00 15.73 ? 143  ILE A N   1 
ATOM   1012 C CA  . ILE A 1 143 ? -2.556  -2.356  -0.523  1.00 15.58 ? 143  ILE A CA  1 
ATOM   1013 C C   . ILE A 1 143 ? -2.514  -1.311  0.596   1.00 15.38 ? 143  ILE A C   1 
ATOM   1014 O O   . ILE A 1 143 ? -1.524  -1.197  1.321   1.00 15.67 ? 143  ILE A O   1 
ATOM   1015 C CB  . ILE A 1 143 ? -2.069  -3.749  -0.062  1.00 15.65 ? 143  ILE A CB  1 
ATOM   1016 C CG1 . ILE A 1 143 ? -2.248  -4.753  -1.211  1.00 15.58 ? 143  ILE A CG1 1 
ATOM   1017 C CG2 . ILE A 1 143 ? -2.889  -4.216  1.137   1.00 15.60 ? 143  ILE A CG2 1 
ATOM   1018 C CD1 . ILE A 1 143 ? -1.887  -6.194  -0.852  1.00 15.98 ? 143  ILE A CD1 1 
ATOM   1019 N N   . PRO A 1 144 ? -3.587  -0.514  0.723   1.00 15.50 ? 144  PRO A N   1 
ATOM   1020 C CA  . PRO A 1 144 ? -3.760  0.574   1.688   1.00 15.21 ? 144  PRO A CA  1 
ATOM   1021 C C   . PRO A 1 144 ? -3.850  0.318   3.186   1.00 15.16 ? 144  PRO A C   1 
ATOM   1022 O O   . PRO A 1 144 ? -4.870  0.625   3.796   1.00 14.70 ? 144  PRO A O   1 
ATOM   1023 C CB  . PRO A 1 144 ? -4.996  1.283   1.148   1.00 15.03 ? 144  PRO A CB  1 
ATOM   1024 C CG  . PRO A 1 144 ? -5.847  0.141   0.745   1.00 15.42 ? 144  PRO A CG  1 
ATOM   1025 C CD  . PRO A 1 144 ? -4.872  -0.801  0.048   1.00 15.53 ? 144  PRO A CD  1 
ATOM   1026 N N   . CYS A 1 145 ? -2.781  -0.205  3.785   1.00 15.08 ? 145  CYS A N   1 
ATOM   1027 C CA  . CYS A 1 145 ? -2.789  -0.465  5.224   1.00 15.73 ? 145  CYS A CA  1 
ATOM   1028 C C   . CYS A 1 145 ? -2.867  0.843   6.013   1.00 15.53 ? 145  CYS A C   1 
ATOM   1029 O O   . CYS A 1 145 ? -3.215  0.846   7.200   1.00 15.75 ? 145  CYS A O   1 
ATOM   1030 C CB  . CYS A 1 145 ? -1.546  -1.269  5.639   1.00 16.27 ? 145  CYS A CB  1 
ATOM   1031 S SG  . CYS A 1 145 ? 0.019   -0.668  4.977   1.00 18.29 ? 145  CYS A SG  1 
ATOM   1032 N N   . HIS A 1 146 ? -2.548  1.957   5.356   1.00 15.07 ? 146  HIS A N   1 
ATOM   1033 C CA  . HIS A 1 146 ? -2.621  3.254   6.017   1.00 14.99 ? 146  HIS A CA  1 
ATOM   1034 C C   . HIS A 1 146 ? -4.080  3.674   6.236   1.00 14.88 ? 146  HIS A C   1 
ATOM   1035 O O   . HIS A 1 146 ? -4.356  4.559   7.044   1.00 14.96 ? 146  HIS A O   1 
ATOM   1036 C CB  . HIS A 1 146 ? -1.885  4.329   5.200   1.00 14.79 ? 146  HIS A CB  1 
ATOM   1037 C CG  . HIS A 1 146 ? -2.416  4.505   3.812   1.00 14.44 ? 146  HIS A CG  1 
ATOM   1038 N ND1 . HIS A 1 146 ? -2.203  3.583   2.810   1.00 13.89 ? 146  HIS A ND1 1 
ATOM   1039 C CD2 . HIS A 1 146 ? -3.156  5.496   3.260   1.00 14.36 ? 146  HIS A CD2 1 
ATOM   1040 C CE1 . HIS A 1 146 ? -2.787  4.000   1.700   1.00 14.58 ? 146  HIS A CE1 1 
ATOM   1041 N NE2 . HIS A 1 146 ? -3.373  5.157   1.946   1.00 14.40 ? 146  HIS A NE2 1 
ATOM   1042 N N   . ARG A 1 147 ? -5.011  3.035   5.522   1.00 14.65 ? 147  ARG A N   1 
ATOM   1043 C CA  . ARG A 1 147 ? -6.435  3.349   5.663   1.00 14.63 ? 147  ARG A CA  1 
ATOM   1044 C C   . ARG A 1 147 ? -7.120  2.582   6.803   1.00 14.64 ? 147  ARG A C   1 
ATOM   1045 O O   . ARG A 1 147 ? -8.318  2.750   7.034   1.00 14.83 ? 147  ARG A O   1 
ATOM   1046 C CB  . ARG A 1 147 ? -7.181  3.082   4.342   1.00 14.65 ? 147  ARG A CB  1 
ATOM   1047 C CG  . ARG A 1 147 ? -6.759  4.008   3.210   1.00 14.69 ? 147  ARG A CG  1 
ATOM   1048 C CD  . ARG A 1 147 ? -7.414  3.674   1.865   1.00 15.21 ? 147  ARG A CD  1 
ATOM   1049 N NE  . ARG A 1 147 ? -6.774  4.469   0.817   1.00 15.48 ? 147  ARG A NE  1 
ATOM   1050 C CZ  . ARG A 1 147 ? -6.675  4.119   -0.461  1.00 15.33 ? 147  ARG A CZ  1 
ATOM   1051 N NH1 . ARG A 1 147 ? -7.189  2.973   -0.895  1.00 15.18 ? 147  ARG A NH1 1 
ATOM   1052 N NH2 . ARG A 1 147 ? -6.015  4.904   -1.304  1.00 15.17 ? 147  ARG A NH2 1 
ATOM   1053 N N   . VAL A 1 148 ? -6.367  1.750   7.516   1.00 14.81 ? 148  VAL A N   1 
ATOM   1054 C CA  . VAL A 1 148 ? -6.920  0.981   8.634   1.00 14.76 ? 148  VAL A CA  1 
ATOM   1055 C C   . VAL A 1 148 ? -6.603  1.797   9.890   1.00 14.86 ? 148  VAL A C   1 
ATOM   1056 O O   . VAL A 1 148 ? -5.437  1.936   10.268  1.00 14.69 ? 148  VAL A O   1 
ATOM   1057 C CB  . VAL A 1 148 ? -6.269  -0.431  8.706   1.00 14.98 ? 148  VAL A CB  1 
ATOM   1058 C CG1 . VAL A 1 148 ? -6.907  -1.264  9.819   1.00 15.05 ? 148  VAL A CG1 1 
ATOM   1059 C CG2 . VAL A 1 148 ? -6.435  -1.140  7.363   1.00 14.87 ? 148  VAL A CG2 1 
ATOM   1060 N N   . VAL A 1 149 ? -7.649  2.328   10.525  1.00 14.94 ? 149  VAL A N   1 
ATOM   1061 C CA  . VAL A 1 149 ? -7.507  3.200   11.691  1.00 15.09 ? 149  VAL A CA  1 
ATOM   1062 C C   . VAL A 1 149 ? -8.336  2.796   12.924  1.00 15.15 ? 149  VAL A C   1 
ATOM   1063 O O   . VAL A 1 149 ? -9.038  1.787   12.911  1.00 14.74 ? 149  VAL A O   1 
ATOM   1064 C CB  . VAL A 1 149 ? -7.888  4.648   11.296  1.00 14.97 ? 149  VAL A CB  1 
ATOM   1065 C CG1 . VAL A 1 149 ? -7.023  5.115   10.107  1.00 15.59 ? 149  VAL A CG1 1 
ATOM   1066 C CG2 . VAL A 1 149 ? -9.375  4.711   10.897  1.00 15.41 ? 149  VAL A CG2 1 
ATOM   1067 N N   . CYS A 1 150 ? -8.248  3.598   13.988  1.00 15.66 ? 150  CYS A N   1 
ATOM   1068 C CA  . CYS A 1 150 ? -8.987  3.344   15.232  1.00 16.13 ? 150  CYS A CA  1 
ATOM   1069 C C   . CYS A 1 150 ? -10.448 3.794   15.143  1.00 16.22 ? 150  CYS A C   1 
ATOM   1070 O O   . CYS A 1 150 ? -10.747 4.814   14.537  1.00 15.96 ? 150  CYS A O   1 
ATOM   1071 C CB  . CYS A 1 150 ? -8.341  4.096   16.401  1.00 16.55 ? 150  CYS A CB  1 
ATOM   1072 S SG  . CYS A 1 150 ? -6.593  3.779   16.655  1.00 18.30 ? 150  CYS A SG  1 
ATOM   1073 N N   . SER A 1 151 ? -11.353 3.050   15.777  1.00 16.59 ? 151  SER A N   1 
ATOM   1074 C CA  . SER A 1 151 ? -12.769 3.420   15.762  1.00 16.69 ? 151  SER A CA  1 
ATOM   1075 C C   . SER A 1 151 ? -12.995 4.708   16.568  1.00 16.87 ? 151  SER A C   1 
ATOM   1076 O O   . SER A 1 151 ? -14.047 5.340   16.463  1.00 16.44 ? 151  SER A O   1 
ATOM   1077 C CB  . SER A 1 151 ? -13.627 2.278   16.331  1.00 16.38 ? 151  SER A CB  1 
ATOM   1078 O OG  . SER A 1 151 ? -13.260 1.967   17.666  1.00 16.53 ? 151  SER A OG  1 
ATOM   1079 N N   . SER A 1 152 ? -11.992 5.097   17.357  1.00 17.02 ? 152  SER A N   1 
ATOM   1080 C CA  . SER A 1 152 ? -12.059 6.309   18.171  1.00 17.42 ? 152  SER A CA  1 
ATOM   1081 C C   . SER A 1 152 ? -11.824 7.556   17.321  1.00 18.02 ? 152  SER A C   1 
ATOM   1082 O O   . SER A 1 152 ? -12.130 8.675   17.740  1.00 18.35 ? 152  SER A O   1 
ATOM   1083 C CB  . SER A 1 152 ? -10.985 6.270   19.258  1.00 17.50 ? 152  SER A CB  1 
ATOM   1084 O OG  . SER A 1 152 ? -9.697  6.373   18.666  1.00 16.91 ? 152  SER A OG  1 
ATOM   1085 N N   . GLY A 1 153 ? -11.269 7.359   16.131  1.00 18.17 ? 153  GLY A N   1 
ATOM   1086 C CA  . GLY A 1 153 ? -10.978 8.482   15.262  1.00 18.54 ? 153  GLY A CA  1 
ATOM   1087 C C   . GLY A 1 153 ? -9.479  8.687   15.150  1.00 18.89 ? 153  GLY A C   1 
ATOM   1088 O O   . GLY A 1 153 ? -9.008  9.378   14.246  1.00 19.11 ? 153  GLY A O   1 
ATOM   1089 N N   . ALA A 1 154 ? -8.727  8.094   16.078  1.00 18.99 ? 154  ALA A N   1 
ATOM   1090 C CA  . ALA A 1 154 ? -7.267  8.194   16.076  1.00 19.21 ? 154  ALA A CA  1 
ATOM   1091 C C   . ALA A 1 154 ? -6.714  7.455   14.850  1.00 19.26 ? 154  ALA A C   1 
ATOM   1092 O O   . ALA A 1 154 ? -7.275  6.445   14.431  1.00 19.06 ? 154  ALA A O   1 
ATOM   1093 C CB  . ALA A 1 154 ? -6.703  7.587   17.358  1.00 18.89 ? 154  ALA A CB  1 
ATOM   1094 N N   . VAL A 1 155 ? -5.616  7.941   14.272  1.00 19.55 ? 155  VAL A N   1 
ATOM   1095 C CA  . VAL A 1 155 ? -5.081  7.284   13.078  1.00 19.70 ? 155  VAL A CA  1 
ATOM   1096 C C   . VAL A 1 155 ? -4.489  5.903   13.314  1.00 19.59 ? 155  VAL A C   1 
ATOM   1097 O O   . VAL A 1 155 ? -4.583  5.045   12.443  1.00 19.87 ? 155  VAL A O   1 
ATOM   1098 C CB  . VAL A 1 155 ? -4.035  8.166   12.354  1.00 20.40 ? 155  VAL A CB  1 
ATOM   1099 C CG1 . VAL A 1 155 ? -4.660  9.509   11.989  1.00 20.51 ? 155  VAL A CG1 1 
ATOM   1100 C CG2 . VAL A 1 155 ? -2.814  8.354   13.221  1.00 20.68 ? 155  VAL A CG2 1 
ATOM   1101 N N   . GLY A 1 156 ? -3.880  5.679   14.477  1.00 19.51 ? 156  GLY A N   1 
ATOM   1102 C CA  . GLY A 1 156 ? -3.319  4.366   14.764  1.00 19.38 ? 156  GLY A CA  1 
ATOM   1103 C C   . GLY A 1 156 ? -1.868  4.175   14.361  1.00 19.54 ? 156  GLY A C   1 
ATOM   1104 O O   . GLY A 1 156 ? -1.256  5.070   13.785  1.00 19.61 ? 156  GLY A O   1 
ATOM   1105 N N   . ASN A 1 157 ? -1.325  2.993   14.645  1.00 19.48 ? 157  ASN A N   1 
ATOM   1106 C CA  . ASN A 1 157 ? 0.072   2.680   14.333  1.00 19.49 ? 157  ASN A CA  1 
ATOM   1107 C C   . ASN A 1 157 ? 0.288   2.445   12.838  1.00 19.59 ? 157  ASN A C   1 
ATOM   1108 O O   . ASN A 1 157 ? -0.666  2.219   12.092  1.00 19.10 ? 157  ASN A O   1 
ATOM   1109 C CB  . ASN A 1 157 ? 0.513   1.435   15.109  1.00 19.60 ? 157  ASN A CB  1 
ATOM   1110 C CG  . ASN A 1 157 ? 2.027   1.276   15.159  1.00 20.07 ? 157  ASN A CG  1 
ATOM   1111 O OD1 . ASN A 1 157 ? 2.542   0.170   15.342  1.00 20.64 ? 157  ASN A OD1 1 
ATOM   1112 N ND2 . ASN A 1 157 ? 2.743   2.384   15.018  1.00 19.28 ? 157  ASN A ND2 1 
ATOM   1113 N N   . TYR A 1 158 ? 1.547   2.497   12.406  1.00 19.41 ? 158  TYR A N   1 
ATOM   1114 C CA  . TYR A 1 158 ? 1.887   2.289   10.997  1.00 19.46 ? 158  TYR A CA  1 
ATOM   1115 C C   . TYR A 1 158 ? 3.324   1.793   10.840  1.00 19.85 ? 158  TYR A C   1 
ATOM   1116 O O   . TYR A 1 158 ? 4.236   2.292   11.500  1.00 19.66 ? 158  TYR A O   1 
ATOM   1117 C CB  . TYR A 1 158 ? 1.717   3.594   10.216  1.00 19.26 ? 158  TYR A CB  1 
ATOM   1118 C CG  . TYR A 1 158 ? 1.865   3.443   8.712   1.00 19.25 ? 158  TYR A CG  1 
ATOM   1119 C CD1 . TYR A 1 158 ? 1.029   2.583   7.992   1.00 19.37 ? 158  TYR A CD1 1 
ATOM   1120 C CD2 . TYR A 1 158 ? 2.833   4.166   8.007   1.00 19.41 ? 158  TYR A CD2 1 
ATOM   1121 C CE1 . TYR A 1 158 ? 1.155   2.445   6.605   1.00 18.95 ? 158  TYR A CE1 1 
ATOM   1122 C CE2 . TYR A 1 158 ? 2.967   4.035   6.621   1.00 18.97 ? 158  TYR A CE2 1 
ATOM   1123 C CZ  . TYR A 1 158 ? 2.126   3.173   5.930   1.00 18.97 ? 158  TYR A CZ  1 
ATOM   1124 O OH  . TYR A 1 158 ? 2.264   3.028   4.565   1.00 18.42 ? 158  TYR A OH  1 
ATOM   1125 N N   . SER A 1 159 ? 3.515   0.821   9.954   1.00 20.22 ? 159  SER A N   1 
ATOM   1126 C CA  . SER A 1 159 ? 4.828   0.241   9.692   1.00 21.07 ? 159  SER A CA  1 
ATOM   1127 C C   . SER A 1 159 ? 5.861   1.269   9.246   1.00 21.58 ? 159  SER A C   1 
ATOM   1128 O O   . SER A 1 159 ? 7.060   1.098   9.488   1.00 22.34 ? 159  SER A O   1 
ATOM   1129 C CB  . SER A 1 159 ? 4.708   -0.836  8.614   1.00 21.15 ? 159  SER A CB  1 
ATOM   1130 O OG  . SER A 1 159 ? 4.097   -0.298  7.450   1.00 21.45 ? 159  SER A OG  1 
ATOM   1131 N N   . GLY A 1 160 ? 5.398   2.327   8.589   1.00 21.70 ? 160  GLY A N   1 
ATOM   1132 C CA  . GLY A 1 160 ? 6.302   3.349   8.107   1.00 21.97 ? 160  GLY A CA  1 
ATOM   1133 C C   . GLY A 1 160 ? 6.405   4.548   9.024   1.00 22.00 ? 160  GLY A C   1 
ATOM   1134 O O   . GLY A 1 160 ? 7.052   5.536   8.685   1.00 22.10 ? 160  GLY A O   1 
ATOM   1135 N N   . GLY A 1 161 ? 5.771   4.464   10.188  1.00 21.93 ? 161  GLY A N   1 
ATOM   1136 C CA  . GLY A 1 161 ? 5.810   5.566   11.130  1.00 21.84 ? 161  GLY A CA  1 
ATOM   1137 C C   . GLY A 1 161 ? 4.546   6.405   11.096  1.00 22.13 ? 161  GLY A C   1 
ATOM   1138 O O   . GLY A 1 161 ? 3.888   6.515   10.061  1.00 21.72 ? 161  GLY A O   1 
ATOM   1139 N N   . LEU A 1 162 ? 4.211   7.007   12.233  1.00 22.27 ? 162  LEU A N   1 
ATOM   1140 C CA  . LEU A 1 162 ? 3.021   7.847   12.350  1.00 22.29 ? 162  LEU A CA  1 
ATOM   1141 C C   . LEU A 1 162 ? 3.002   9.012   11.359  1.00 22.21 ? 162  LEU A C   1 
ATOM   1142 O O   . LEU A 1 162 ? 1.962   9.315   10.751  1.00 21.90 ? 162  LEU A O   1 
ATOM   1143 C CB  . LEU A 1 162 ? 2.923   8.393   13.777  1.00 23.05 ? 162  LEU A CB  1 
ATOM   1144 C CG  . LEU A 1 162 ? 1.767   9.340   14.095  1.00 23.61 ? 162  LEU A CG  1 
ATOM   1145 C CD1 . LEU A 1 162 ? 0.442   8.635   13.851  1.00 23.97 ? 162  LEU A CD1 1 
ATOM   1146 C CD2 . LEU A 1 162 ? 1.872   9.790   15.550  1.00 24.12 ? 162  LEU A CD2 1 
ATOM   1147 N N   . ALA A 1 163 ? 4.149   9.670   11.204  1.00 21.77 ? 163  ALA A N   1 
ATOM   1148 C CA  . ALA A 1 163 ? 4.267   10.805  10.295  1.00 21.50 ? 163  ALA A CA  1 
ATOM   1149 C C   . ALA A 1 163 ? 3.833   10.463  8.867   1.00 21.06 ? 163  ALA A C   1 
ATOM   1150 O O   . ALA A 1 163 ? 3.101   11.226  8.231   1.00 21.17 ? 163  ALA A O   1 
ATOM   1151 C CB  . ALA A 1 163 ? 5.705   11.318  10.292  1.00 21.66 ? 163  ALA A CB  1 
ATOM   1152 N N   . VAL A 1 164 ? 4.291   9.323   8.358   1.00 20.67 ? 164  VAL A N   1 
ATOM   1153 C CA  . VAL A 1 164 ? 3.928   8.914   7.006   1.00 20.09 ? 164  VAL A CA  1 
ATOM   1154 C C   . VAL A 1 164 ? 2.443   8.554   6.899   1.00 19.71 ? 164  VAL A C   1 
ATOM   1155 O O   . VAL A 1 164 ? 1.798   8.879   5.901   1.00 19.31 ? 164  VAL A O   1 
ATOM   1156 C CB  . VAL A 1 164 ? 4.788   7.721   6.525   1.00 20.26 ? 164  VAL A CB  1 
ATOM   1157 C CG1 . VAL A 1 164 ? 4.267   7.194   5.193   1.00 20.14 ? 164  VAL A CG1 1 
ATOM   1158 C CG2 . VAL A 1 164 ? 6.238   8.166   6.365   1.00 20.54 ? 164  VAL A CG2 1 
ATOM   1159 N N   . LYS A 1 165 ? 1.894   7.899   7.916   1.00 19.28 ? 165  LYS A N   1 
ATOM   1160 C CA  . LYS A 1 165 ? 0.477   7.538   7.868   1.00 19.07 ? 165  LYS A CA  1 
ATOM   1161 C C   . LYS A 1 165 ? -0.357  8.812   7.806   1.00 19.08 ? 165  LYS A C   1 
ATOM   1162 O O   . LYS A 1 165 ? -1.305  8.907   7.030   1.00 18.95 ? 165  LYS A O   1 
ATOM   1163 C CB  . LYS A 1 165 ? 0.068   6.709   9.092   1.00 18.77 ? 165  LYS A CB  1 
ATOM   1164 C CG  . LYS A 1 165 ? -1.258  5.949   8.901   1.00 18.22 ? 165  LYS A CG  1 
ATOM   1165 C CD  . LYS A 1 165 ? -1.628  5.107   10.125  1.00 17.84 ? 165  LYS A CD  1 
ATOM   1166 C CE  . LYS A 1 165 ? -2.723  4.093   9.798   1.00 17.61 ? 165  LYS A CE  1 
ATOM   1167 N NZ  . LYS A 1 165 ? -3.074  3.223   10.965  1.00 16.53 ? 165  LYS A NZ  1 
ATOM   1168 N N   . GLU A 1 166 ? 0.008   9.798   8.623   1.00 19.31 ? 166  GLU A N   1 
ATOM   1169 C CA  . GLU A 1 166 ? -0.702  11.068  8.643   1.00 19.46 ? 166  GLU A CA  1 
ATOM   1170 C C   . GLU A 1 166 ? -0.570  11.791  7.307   1.00 19.12 ? 166  GLU A C   1 
ATOM   1171 O O   . GLU A 1 166 ? -1.523  12.413  6.832   1.00 18.69 ? 166  GLU A O   1 
ATOM   1172 C CB  . GLU A 1 166 ? -0.175  11.947  9.783   1.00 20.60 ? 166  GLU A CB  1 
ATOM   1173 C CG  . GLU A 1 166 ? -0.704  11.525  11.144  1.00 21.85 ? 166  GLU A CG  1 
ATOM   1174 C CD  . GLU A 1 166 ? -0.036  12.246  12.297  1.00 23.40 ? 166  GLU A CD  1 
ATOM   1175 O OE1 . GLU A 1 166 ? 1.067   12.798  12.109  1.00 24.32 ? 166  GLU A OE1 1 
ATOM   1176 O OE2 . GLU A 1 166 ? -0.613  12.246  13.403  1.00 24.19 ? 166  GLU A OE2 1 
ATOM   1177 N N   . TRP A 1 167 ? 0.604   11.696  6.691   1.00 18.69 ? 167  TRP A N   1 
ATOM   1178 C CA  . TRP A 1 167 ? 0.825   12.345  5.402   1.00 18.30 ? 167  TRP A CA  1 
ATOM   1179 C C   . TRP A 1 167 ? -0.118  11.737  4.364   1.00 17.91 ? 167  TRP A C   1 
ATOM   1180 O O   . TRP A 1 167 ? -0.765  12.455  3.603   1.00 17.41 ? 167  TRP A O   1 
ATOM   1181 C CB  . TRP A 1 167 ? 2.273   12.145  4.932   1.00 18.99 ? 167  TRP A CB  1 
ATOM   1182 C CG  . TRP A 1 167 ? 2.638   13.009  3.758   1.00 19.57 ? 167  TRP A CG  1 
ATOM   1183 C CD1 . TRP A 1 167 ? 3.235   14.238  3.801   1.00 20.23 ? 167  TRP A CD1 1 
ATOM   1184 C CD2 . TRP A 1 167 ? 2.354   12.750  2.375   1.00 20.21 ? 167  TRP A CD2 1 
ATOM   1185 N NE1 . TRP A 1 167 ? 3.336   14.761  2.535   1.00 20.47 ? 167  TRP A NE1 1 
ATOM   1186 C CE2 . TRP A 1 167 ? 2.801   13.870  1.640   1.00 20.32 ? 167  TRP A CE2 1 
ATOM   1187 C CE3 . TRP A 1 167 ? 1.760   11.680  1.687   1.00 19.98 ? 167  TRP A CE3 1 
ATOM   1188 C CZ2 . TRP A 1 167 ? 2.672   13.956  0.249   1.00 20.60 ? 167  TRP A CZ2 1 
ATOM   1189 C CZ3 . TRP A 1 167 ? 1.632   11.764  0.304   1.00 20.35 ? 167  TRP A CZ3 1 
ATOM   1190 C CH2 . TRP A 1 167 ? 2.088   12.895  -0.401  1.00 20.52 ? 167  TRP A CH2 1 
ATOM   1191 N N   . LEU A 1 168 ? -0.181  10.408  4.333   1.00 17.42 ? 168  LEU A N   1 
ATOM   1192 C CA  . LEU A 1 168 ? -1.030  9.707   3.372   1.00 17.04 ? 168  LEU A CA  1 
ATOM   1193 C C   . LEU A 1 168 ? -2.512  10.002  3.559   1.00 16.95 ? 168  LEU A C   1 
ATOM   1194 O O   . LEU A 1 168 ? -3.242  10.205  2.582   1.00 16.47 ? 168  LEU A O   1 
ATOM   1195 C CB  . LEU A 1 168 ? -0.789  8.200   3.459   1.00 16.58 ? 168  LEU A CB  1 
ATOM   1196 C CG  . LEU A 1 168 ? 0.593   7.720   3.007   1.00 16.51 ? 168  LEU A CG  1 
ATOM   1197 C CD1 . LEU A 1 168 ? 0.797   6.268   3.431   1.00 16.07 ? 168  LEU A CD1 1 
ATOM   1198 C CD2 . LEU A 1 168 ? 0.722   7.863   1.504   1.00 15.87 ? 168  LEU A CD2 1 
ATOM   1199 N N   . LEU A 1 169 ? -2.964  10.016  4.807   1.00 16.94 ? 169  LEU A N   1 
ATOM   1200 C CA  . LEU A 1 169 ? -4.365  10.296  5.081   1.00 17.05 ? 169  LEU A CA  1 
ATOM   1201 C C   . LEU A 1 169 ? -4.712  11.736  4.727   1.00 17.22 ? 169  LEU A C   1 
ATOM   1202 O O   . LEU A 1 169 ? -5.789  11.999  4.187   1.00 16.71 ? 169  LEU A O   1 
ATOM   1203 C CB  . LEU A 1 169 ? -4.690  9.988   6.547   1.00 17.46 ? 169  LEU A CB  1 
ATOM   1204 C CG  . LEU A 1 169 ? -4.669  8.486   6.854   1.00 17.68 ? 169  LEU A CG  1 
ATOM   1205 C CD1 . LEU A 1 169 ? -4.678  8.238   8.359   1.00 17.96 ? 169  LEU A CD1 1 
ATOM   1206 C CD2 . LEU A 1 169 ? -5.862  7.822   6.195   1.00 18.30 ? 169  LEU A CD2 1 
ATOM   1207 N N   . ALA A 1 170 ? -3.801  12.666  5.009   1.00 17.22 ? 170  ALA A N   1 
ATOM   1208 C CA  . ALA A 1 170 ? -4.034  14.073  4.677   1.00 17.42 ? 170  ALA A CA  1 
ATOM   1209 C C   . ALA A 1 170 ? -4.101  14.223  3.158   1.00 17.55 ? 170  ALA A C   1 
ATOM   1210 O O   . ALA A 1 170 ? -4.924  14.970  2.622   1.00 17.38 ? 170  ALA A O   1 
ATOM   1211 C CB  . ALA A 1 170 ? -2.911  14.942  5.245   1.00 17.73 ? 170  ALA A CB  1 
ATOM   1212 N N   . HIS A 1 171 ? -3.222  13.501  2.469   1.00 17.86 ? 171  HIS A N   1 
ATOM   1213 C CA  . HIS A 1 171 ? -3.169  13.514  1.010   1.00 18.32 ? 171  HIS A CA  1 
ATOM   1214 C C   . HIS A 1 171 ? -4.518  13.045  0.451   1.00 18.54 ? 171  HIS A C   1 
ATOM   1215 O O   . HIS A 1 171 ? -4.977  13.522  -0.593  1.00 18.49 ? 171  HIS A O   1 
ATOM   1216 C CB  . HIS A 1 171 ? -2.029  12.588  0.547   1.00 18.49 ? 171  HIS A CB  1 
ATOM   1217 C CG  . HIS A 1 171 ? -1.953  12.394  -0.937  1.00 18.89 ? 171  HIS A CG  1 
ATOM   1218 N ND1 . HIS A 1 171 ? -1.691  13.423  -1.815  1.00 19.03 ? 171  HIS A ND1 1 
ATOM   1219 C CD2 . HIS A 1 171 ? -2.074  11.276  -1.693  1.00 18.84 ? 171  HIS A CD2 1 
ATOM   1220 C CE1 . HIS A 1 171 ? -1.654  12.949  -3.049  1.00 19.18 ? 171  HIS A CE1 1 
ATOM   1221 N NE2 . HIS A 1 171 ? -1.884  11.648  -3.002  1.00 19.26 ? 171  HIS A NE2 1 
ATOM   1222 N N   . GLU A 1 172 ? -5.162  12.123  1.161   1.00 18.68 ? 172  GLU A N   1 
ATOM   1223 C CA  . GLU A 1 172 ? -6.448  11.594  0.725   1.00 18.92 ? 172  GLU A CA  1 
ATOM   1224 C C   . GLU A 1 172 ? -7.673  12.372  1.215   1.00 19.38 ? 172  GLU A C   1 
ATOM   1225 O O   . GLU A 1 172 ? -8.795  11.867  1.179   1.00 19.50 ? 172  GLU A O   1 
ATOM   1226 C CB  . GLU A 1 172 ? -6.550  10.114  1.107   1.00 18.48 ? 172  GLU A CB  1 
ATOM   1227 C CG  . GLU A 1 172 ? -5.606  9.240   0.277   1.00 18.28 ? 172  GLU A CG  1 
ATOM   1228 C CD  . GLU A 1 172 ? -5.678  7.765   0.616   1.00 18.10 ? 172  GLU A CD  1 
ATOM   1229 O OE1 . GLU A 1 172 ? -6.729  7.305   1.113   1.00 17.77 ? 172  GLU A OE1 1 
ATOM   1230 O OE2 . GLU A 1 172 ? -4.679  7.056   0.367   1.00 18.05 ? 172  GLU A OE2 1 
ATOM   1231 N N   . GLY A 1 173 ? -7.457  13.601  1.675   1.00 19.79 ? 173  GLY A N   1 
ATOM   1232 C CA  . GLY A 1 173 ? -8.571  14.430  2.107   1.00 20.54 ? 173  GLY A CA  1 
ATOM   1233 C C   . GLY A 1 173 ? -8.947  14.543  3.576   1.00 21.02 ? 173  GLY A C   1 
ATOM   1234 O O   . GLY A 1 173 ? -9.801  15.354  3.921   1.00 21.24 ? 173  GLY A O   1 
ATOM   1235 N N   . HIS A 1 174 ? -8.339  13.752  4.448   1.00 21.57 ? 174  HIS A N   1 
ATOM   1236 C CA  . HIS A 1 174 ? -8.679  13.832  5.867   1.00 22.22 ? 174  HIS A CA  1 
ATOM   1237 C C   . HIS A 1 174 ? -8.133  15.112  6.496   1.00 23.04 ? 174  HIS A C   1 
ATOM   1238 O O   . HIS A 1 174 ? -7.064  15.594  6.121   1.00 23.18 ? 174  HIS A O   1 
ATOM   1239 C CB  . HIS A 1 174 ? -8.178  12.583  6.579   1.00 21.38 ? 174  HIS A CB  1 
ATOM   1240 C CG  . HIS A 1 174 ? -8.816  11.329  6.070   1.00 21.14 ? 174  HIS A CG  1 
ATOM   1241 N ND1 . HIS A 1 174 ? -10.099 10.958  6.414   1.00 20.63 ? 174  HIS A ND1 1 
ATOM   1242 C CD2 . HIS A 1 174 ? -8.391  10.417  5.163   1.00 20.83 ? 174  HIS A CD2 1 
ATOM   1243 C CE1 . HIS A 1 174 ? -10.438 9.875   5.738   1.00 20.76 ? 174  HIS A CE1 1 
ATOM   1244 N NE2 . HIS A 1 174 ? -9.419  9.526   4.970   1.00 20.23 ? 174  HIS A NE2 1 
ATOM   1245 N N   . ARG A 1 175 ? -8.891  15.667  7.438   1.00 24.05 ? 175  ARG A N   1 
ATOM   1246 C CA  . ARG A 1 175 ? -8.535  16.920  8.098   1.00 25.19 ? 175  ARG A CA  1 
ATOM   1247 C C   . ARG A 1 175 ? -7.471  16.763  9.180   1.00 26.01 ? 175  ARG A C   1 
ATOM   1248 O O   . ARG A 1 175 ? -7.722  17.012  10.359  1.00 25.96 ? 175  ARG A O   1 
ATOM   1249 C CB  . ARG A 1 175 ? -9.805  17.554  8.678   1.00 25.64 ? 175  ARG A CB  1 
ATOM   1250 C CG  . ARG A 1 175 ? -10.855 17.881  7.608   1.00 26.40 ? 175  ARG A CG  1 
ATOM   1251 C CD  . ARG A 1 175 ? -12.285 17.878  8.156   1.00 26.98 ? 175  ARG A CD  1 
ATOM   1252 N NE  . ARG A 1 175 ? -13.240 18.284  7.128   1.00 27.83 ? 175  ARG A NE  1 
ATOM   1253 C CZ  . ARG A 1 175 ? -14.538 17.995  7.137   1.00 28.00 ? 175  ARG A CZ  1 
ATOM   1254 N NH1 . ARG A 1 175 ? -15.062 17.281  8.124   1.00 28.11 ? 175  ARG A NH1 1 
ATOM   1255 N NH2 . ARG A 1 175 ? -15.316 18.425  6.151   1.00 28.31 ? 175  ARG A NH2 1 
ATOM   1256 N N   . LEU A 1 176 ? -6.274  16.370  8.755   1.00 26.84 ? 176  LEU A N   1 
ATOM   1257 C CA  . LEU A 1 176 ? -5.144  16.155  9.654   1.00 28.02 ? 176  LEU A CA  1 
ATOM   1258 C C   . LEU A 1 176 ? -3.976  17.050  9.257   1.00 28.64 ? 176  LEU A C   1 
ATOM   1259 O O   . LEU A 1 176 ? -3.253  17.522  10.164  1.00 29.25 ? 176  LEU A O   1 
ATOM   1260 C CB  . LEU A 1 176 ? -4.696  14.694  9.596   1.00 28.11 ? 176  LEU A CB  1 
ATOM   1261 C CG  . LEU A 1 176 ? -5.736  13.630  9.955   1.00 28.28 ? 176  LEU A CG  1 
ATOM   1262 C CD1 . LEU A 1 176 ? -5.158  12.249  9.686   1.00 28.52 ? 176  LEU A CD1 1 
ATOM   1263 C CD2 . LEU A 1 176 ? -6.133  13.767  11.414  1.00 28.46 ? 176  LEU A CD2 1 
ATOM   1264 O OXT . LEU A 1 176 ? -3.786  17.246  8.038   1.00 28.98 ? 176  LEU A OXT 1 
HETATM 1265 O O   . HOH B 2 .   ? 15.732  -7.399  -18.663 1.00 43.07 ? 2001 HOH A O   1 
HETATM 1266 O O   . HOH B 2 .   ? 13.188  -7.438  -17.312 1.00 30.87 ? 2002 HOH A O   1 
HETATM 1267 O O   . HOH B 2 .   ? 17.569  0.971   -10.416 1.00 31.40 ? 2003 HOH A O   1 
HETATM 1268 O O   . HOH B 2 .   ? 18.215  -1.855  -11.199 1.00 51.26 ? 2004 HOH A O   1 
HETATM 1269 O O   . HOH B 2 .   ? 17.053  7.977   -10.072 1.00 45.94 ? 2005 HOH A O   1 
HETATM 1270 O O   . HOH B 2 .   ? 6.072   12.637  5.942   1.00 53.49 ? 2006 HOH A O   1 
HETATM 1271 O O   . HOH B 2 .   ? 8.157   11.296  4.905   1.00 43.75 ? 2007 HOH A O   1 
HETATM 1272 O O   . HOH B 2 .   ? 18.635  5.016   -7.468  1.00 40.35 ? 2008 HOH A O   1 
HETATM 1273 O O   . HOH B 2 .   ? 15.363  6.770   -8.329  1.00 20.59 ? 2009 HOH A O   1 
HETATM 1274 O O   . HOH B 2 .   ? 14.511  10.887  -9.761  1.00 23.96 ? 2010 HOH A O   1 
HETATM 1275 O O   . HOH B 2 .   ? 7.344   10.963  -8.292  1.00 19.45 ? 2011 HOH A O   1 
HETATM 1276 O O   . HOH B 2 .   ? 1.356   -9.258  -15.461 1.00 39.88 ? 2012 HOH A O   1 
HETATM 1277 O O   . HOH B 2 .   ? -1.270  -11.429 -14.851 1.00 43.69 ? 2013 HOH A O   1 
HETATM 1278 O O   . HOH B 2 .   ? 9.150   8.530   4.156   1.00 43.75 ? 2014 HOH A O   1 
HETATM 1279 O O   . HOH B 2 .   ? 7.357   1.277   5.130   1.00 36.93 ? 2015 HOH A O   1 
HETATM 1280 O O   . HOH B 2 .   ? 14.216  -6.743  3.771   1.00 45.64 ? 2016 HOH A O   1 
HETATM 1281 O O   . HOH B 2 .   ? 10.881  6.292   1.147   1.00 40.45 ? 2017 HOH A O   1 
HETATM 1282 O O   . HOH B 2 .   ? 15.006  8.672   0.657   1.00 41.80 ? 2018 HOH A O   1 
HETATM 1283 O O   . HOH B 2 .   ? 11.453  -3.841  -3.192  1.00 22.07 ? 2019 HOH A O   1 
HETATM 1284 O O   . HOH B 2 .   ? 19.392  6.804   -11.335 1.00 47.31 ? 2020 HOH A O   1 
HETATM 1285 O O   . HOH B 2 .   ? -16.172 -1.027  5.608   1.00 43.38 ? 2021 HOH A O   1 
HETATM 1286 O O   . HOH B 2 .   ? -19.736 -5.233  3.404   1.00 40.40 ? 2022 HOH A O   1 
HETATM 1287 O O   . HOH B 2 .   ? 3.804   -10.399 -16.770 1.00 33.44 ? 2023 HOH A O   1 
HETATM 1288 O O   . HOH B 2 .   ? -19.958 -6.373  5.807   1.00 53.16 ? 2024 HOH A O   1 
HETATM 1289 O O   . HOH B 2 .   ? -19.866 -1.525  7.219   1.00 48.34 ? 2025 HOH A O   1 
HETATM 1290 O O   . HOH B 2 .   ? 0.834   -13.056 -12.801 1.00 53.09 ? 2026 HOH A O   1 
HETATM 1291 O O   . HOH B 2 .   ? -0.851  0.614   -15.897 1.00 24.13 ? 2027 HOH A O   1 
HETATM 1292 O O   . HOH B 2 .   ? -2.099  -8.974  -14.532 1.00 31.54 ? 2028 HOH A O   1 
HETATM 1293 O O   . HOH B 2 .   ? 3.018   2.400   -18.112 1.00 37.34 ? 2029 HOH A O   1 
HETATM 1294 O O   . HOH B 2 .   ? 3.546   -8.844  -3.407  1.00 23.16 ? 2030 HOH A O   1 
HETATM 1295 O O   . HOH B 2 .   ? 0.107   7.094   -16.908 1.00 26.13 ? 2031 HOH A O   1 
HETATM 1296 O O   . HOH B 2 .   ? -5.018  16.474  14.034  1.00 44.07 ? 2032 HOH A O   1 
HETATM 1297 O O   . HOH B 2 .   ? 2.380   16.202  -13.016 1.00 31.23 ? 2033 HOH A O   1 
HETATM 1298 O O   . HOH B 2 .   ? 2.411   16.748  -8.038  1.00 43.40 ? 2034 HOH A O   1 
HETATM 1299 O O   . HOH B 2 .   ? 8.054   -2.978  2.174   1.00 31.38 ? 2035 HOH A O   1 
HETATM 1300 O O   . HOH B 2 .   ? 15.670  -4.504  4.331   1.00 50.63 ? 2036 HOH A O   1 
HETATM 1301 O O   . HOH B 2 .   ? 9.152   0.068   3.491   1.00 32.63 ? 2037 HOH A O   1 
HETATM 1302 O O   . HOH B 2 .   ? 18.589  3.851   2.588   1.00 54.83 ? 2038 HOH A O   1 
HETATM 1303 O O   . HOH B 2 .   ? -6.032  -6.821  -8.046  1.00 34.51 ? 2039 HOH A O   1 
HETATM 1304 O O   . HOH B 2 .   ? 7.653   13.247  -6.218  1.00 20.41 ? 2040 HOH A O   1 
HETATM 1305 O O   . HOH B 2 .   ? -9.436  -14.518 0.605   1.00 41.10 ? 2041 HOH A O   1 
HETATM 1306 O O   . HOH B 2 .   ? -9.983  -10.849 -3.436  1.00 37.41 ? 2042 HOH A O   1 
HETATM 1307 O O   . HOH B 2 .   ? -7.813  -12.747 -4.886  1.00 39.04 ? 2043 HOH A O   1 
HETATM 1308 O O   . HOH B 2 .   ? -17.513 -3.235  -0.539  1.00 32.50 ? 2044 HOH A O   1 
HETATM 1309 O O   . HOH B 2 .   ? 13.125  8.322   -9.507  1.00 18.08 ? 2045 HOH A O   1 
HETATM 1310 O O   . HOH B 2 .   ? 15.270  8.626   -12.556 1.00 22.05 ? 2046 HOH A O   1 
HETATM 1311 O O   . HOH B 2 .   ? -19.962 9.390   -3.377  1.00 37.42 ? 2047 HOH A O   1 
HETATM 1312 O O   . HOH B 2 .   ? 8.847   5.183   -13.899 1.00 30.14 ? 2048 HOH A O   1 
HETATM 1313 O O   . HOH B 2 .   ? -15.393 7.122   2.169   1.00 47.76 ? 2049 HOH A O   1 
HETATM 1314 O O   . HOH B 2 .   ? -17.467 11.458  3.539   1.00 38.42 ? 2050 HOH A O   1 
HETATM 1315 O O   . HOH B 2 .   ? 17.522  7.339   -14.315 1.00 18.56 ? 2051 HOH A O   1 
HETATM 1316 O O   . HOH B 2 .   ? -17.042 -2.189  3.390   1.00 43.75 ? 2052 HOH A O   1 
HETATM 1317 O O   . HOH B 2 .   ? 10.641  0.612   -14.365 1.00 26.37 ? 2053 HOH A O   1 
HETATM 1318 O O   . HOH B 2 .   ? -15.143 -5.320  19.023  1.00 35.71 ? 2054 HOH A O   1 
HETATM 1319 O O   . HOH B 2 .   ? -19.477 -3.545  10.260  1.00 50.54 ? 2055 HOH A O   1 
HETATM 1320 O O   . HOH B 2 .   ? -18.917 -7.053  8.283   1.00 42.80 ? 2056 HOH A O   1 
HETATM 1321 O O   . HOH B 2 .   ? -17.530 -2.619  7.166   1.00 40.29 ? 2057 HOH A O   1 
HETATM 1322 O O   . HOH B 2 .   ? -7.592  -13.629 16.468  1.00 38.13 ? 2058 HOH A O   1 
HETATM 1323 O O   . HOH B 2 .   ? 1.657   0.276   -17.107 1.00 36.84 ? 2059 HOH A O   1 
HETATM 1324 O O   . HOH B 2 .   ? 4.978   2.600   -16.200 1.00 17.72 ? 2060 HOH A O   1 
HETATM 1325 O O   . HOH B 2 .   ? 0.122   -7.632  -13.704 1.00 30.06 ? 2061 HOH A O   1 
HETATM 1326 O O   . HOH B 2 .   ? -1.138  0.696   -13.128 1.00 15.86 ? 2062 HOH A O   1 
HETATM 1327 O O   . HOH B 2 .   ? 8.829   2.532   -14.945 1.00 27.34 ? 2063 HOH A O   1 
HETATM 1328 O O   . HOH B 2 .   ? 0.667   7.397   -14.210 1.00 14.00 ? 2064 HOH A O   1 
HETATM 1329 O O   . HOH B 2 .   ? 6.148   9.486   -10.460 1.00 17.92 ? 2065 HOH A O   1 
HETATM 1330 O O   . HOH B 2 .   ? 0.800   10.979  -15.883 1.00 41.16 ? 2066 HOH A O   1 
HETATM 1331 O O   . HOH B 2 .   ? -6.179  11.493  18.101  1.00 44.88 ? 2067 HOH A O   1 
HETATM 1332 O O   . HOH B 2 .   ? -5.456  13.991  14.744  1.00 52.46 ? 2068 HOH A O   1 
HETATM 1333 O O   . HOH B 2 .   ? -0.948  15.475  -6.322  1.00 22.96 ? 2069 HOH A O   1 
HETATM 1334 O O   . HOH B 2 .   ? 1.897   14.455  -4.074  1.00 23.69 ? 2070 HOH A O   1 
HETATM 1335 O O   . HOH B 2 .   ? 1.048   16.644  -10.474 1.00 41.14 ? 2071 HOH A O   1 
HETATM 1336 O O   . HOH B 2 .   ? -4.845  8.928   -16.601 1.00 40.21 ? 2072 HOH A O   1 
HETATM 1337 O O   . HOH B 2 .   ? -1.084  9.798   -14.207 1.00 23.50 ? 2073 HOH A O   1 
HETATM 1338 O O   . HOH B 2 .   ? 1.223   15.334  7.104   1.00 45.42 ? 2074 HOH A O   1 
HETATM 1339 O O   . HOH B 2 .   ? -3.852  14.253  16.807  1.00 54.40 ? 2075 HOH A O   1 
HETATM 1340 O O   . HOH B 2 .   ? 0.615   16.857  0.758   1.00 39.96 ? 2076 HOH A O   1 
HETATM 1341 O O   . HOH B 2 .   ? -11.432 10.923  -12.285 1.00 39.22 ? 2077 HOH A O   1 
HETATM 1342 O O   . HOH B 2 .   ? -5.988  16.573  -7.996  1.00 49.91 ? 2078 HOH A O   1 
HETATM 1343 O O   . HOH B 2 .   ? -10.222 7.808   -10.132 1.00 16.49 ? 2079 HOH A O   1 
HETATM 1344 O O   . HOH B 2 .   ? -20.074 18.503  4.062   1.00 44.82 ? 2080 HOH A O   1 
HETATM 1345 O O   . HOH B 2 .   ? -10.420 1.274   -8.554  1.00 18.51 ? 2081 HOH A O   1 
HETATM 1346 O O   . HOH B 2 .   ? -7.599  3.735   -5.386  1.00 30.74 ? 2082 HOH A O   1 
HETATM 1347 O O   . HOH B 2 .   ? -9.115  10.377  -16.447 1.00 26.20 ? 2083 HOH A O   1 
HETATM 1348 O O   . HOH B 2 .   ? -5.332  3.568   -16.063 1.00 43.75 ? 2084 HOH A O   1 
HETATM 1349 O O   . HOH B 2 .   ? -12.223 7.154   -11.963 1.00 27.79 ? 2085 HOH A O   1 
HETATM 1350 O O   . HOH B 2 .   ? -7.411  7.078   -16.571 1.00 23.71 ? 2086 HOH A O   1 
HETATM 1351 O O   . HOH B 2 .   ? -6.250  1.747   -8.621  1.00 22.97 ? 2087 HOH A O   1 
HETATM 1352 O O   . HOH B 2 .   ? -4.428  -7.340  -10.848 1.00 26.09 ? 2088 HOH A O   1 
HETATM 1353 O O   . HOH B 2 .   ? -3.447  -7.861  -7.651  1.00 25.72 ? 2089 HOH A O   1 
HETATM 1354 O O   . HOH B 2 .   ? -2.275  -11.275 -7.812  1.00 27.33 ? 2090 HOH A O   1 
HETATM 1355 O O   . HOH B 2 .   ? 1.760   -14.972 -5.205  1.00 36.64 ? 2091 HOH A O   1 
HETATM 1356 O O   . HOH B 2 .   ? 0.451   -14.088 -9.347  1.00 52.45 ? 2092 HOH A O   1 
HETATM 1357 O O   . HOH B 2 .   ? 1.653   -15.202 7.091   1.00 42.92 ? 2093 HOH A O   1 
HETATM 1358 O O   . HOH B 2 .   ? -3.949  -17.956 9.865   1.00 38.98 ? 2094 HOH A O   1 
HETATM 1359 O O   . HOH B 2 .   ? -1.963  -15.491 9.565   1.00 41.75 ? 2095 HOH A O   1 
HETATM 1360 O O   . HOH B 2 .   ? 2.901   -12.886 7.491   1.00 51.60 ? 2096 HOH A O   1 
HETATM 1361 O O   . HOH B 2 .   ? -4.424  -20.866 -2.631  1.00 43.75 ? 2097 HOH A O   1 
HETATM 1362 O O   . HOH B 2 .   ? -10.037 -11.985 1.525   1.00 34.25 ? 2098 HOH A O   1 
HETATM 1363 O O   . HOH B 2 .   ? -3.617  -9.561  -5.421  1.00 38.19 ? 2099 HOH A O   1 
HETATM 1364 O O   . HOH B 2 .   ? -6.289  -10.108 -5.047  1.00 31.75 ? 2100 HOH A O   1 
HETATM 1365 O O   . HOH B 2 .   ? -8.102  -8.386  -3.448  1.00 19.98 ? 2101 HOH A O   1 
HETATM 1366 O O   . HOH B 2 .   ? -14.118 -11.170 -1.656  1.00 54.64 ? 2102 HOH A O   1 
HETATM 1367 O O   . HOH B 2 .   ? -11.367 -10.520 -0.673  1.00 37.28 ? 2103 HOH A O   1 
HETATM 1368 O O   . HOH B 2 .   ? -16.831 -7.504  1.585   1.00 44.05 ? 2104 HOH A O   1 
HETATM 1369 O O   . HOH B 2 .   ? -8.345  -2.955  -6.118  1.00 40.30 ? 2105 HOH A O   1 
HETATM 1370 O O   . HOH B 2 .   ? -7.706  -0.685  -2.154  1.00 18.62 ? 2106 HOH A O   1 
HETATM 1371 O O   . HOH B 2 .   ? -11.397 -3.400  -6.407  1.00 24.40 ? 2107 HOH A O   1 
HETATM 1372 O O   . HOH B 2 .   ? -16.513 -8.985  -6.219  1.00 37.47 ? 2108 HOH A O   1 
HETATM 1373 O O   . HOH B 2 .   ? -16.095 -1.130  -1.273  1.00 35.19 ? 2109 HOH A O   1 
HETATM 1374 O O   . HOH B 2 .   ? -17.453 10.203  -2.471  1.00 43.75 ? 2110 HOH A O   1 
HETATM 1375 O O   . HOH B 2 .   ? -17.607 8.816   -0.207  1.00 47.70 ? 2111 HOH A O   1 
HETATM 1376 O O   . HOH B 2 .   ? -14.400 8.318   -4.460  1.00 30.62 ? 2112 HOH A O   1 
HETATM 1377 O O   . HOH B 2 .   ? -13.341 9.210   -0.943  1.00 42.41 ? 2113 HOH A O   1 
HETATM 1378 O O   . HOH B 2 .   ? -11.914 7.224   -4.253  1.00 29.13 ? 2114 HOH A O   1 
HETATM 1379 O O   . HOH B 2 .   ? -14.389 9.900   3.326   1.00 34.27 ? 2115 HOH A O   1 
HETATM 1380 O O   . HOH B 2 .   ? -16.510 0.151   1.492   1.00 38.90 ? 2116 HOH A O   1 
HETATM 1381 O O   . HOH B 2 .   ? -16.771 3.447   4.350   1.00 44.20 ? 2117 HOH A O   1 
HETATM 1382 O O   . HOH B 2 .   ? -1.850  -0.469  12.033  1.00 22.51 ? 2118 HOH A O   1 
HETATM 1383 O O   . HOH B 2 .   ? -10.307 0.612   16.772  1.00 19.97 ? 2119 HOH A O   1 
HETATM 1384 O O   . HOH B 2 .   ? -11.893 -5.391  19.216  1.00 32.99 ? 2120 HOH A O   1 
HETATM 1385 O O   . HOH B 2 .   ? -19.265 -1.001  11.303  1.00 30.47 ? 2121 HOH A O   1 
HETATM 1386 O O   . HOH B 2 .   ? -17.073 -4.669  9.007   1.00 30.98 ? 2122 HOH A O   1 
HETATM 1387 O O   . HOH B 2 .   ? -15.567 2.461   7.685   1.00 28.83 ? 2123 HOH A O   1 
HETATM 1388 O O   . HOH B 2 .   ? -18.422 -9.401  4.745   1.00 54.01 ? 2124 HOH A O   1 
HETATM 1389 O O   . HOH B 2 .   ? -16.193 -5.916  16.613  1.00 37.35 ? 2125 HOH A O   1 
HETATM 1390 O O   . HOH B 2 .   ? -11.971 -7.436  17.375  1.00 32.88 ? 2126 HOH A O   1 
HETATM 1391 O O   . HOH B 2 .   ? -8.763  -8.793  18.905  1.00 32.02 ? 2127 HOH A O   1 
HETATM 1392 O O   . HOH B 2 .   ? -7.643  -9.514  23.233  1.00 41.12 ? 2128 HOH A O   1 
HETATM 1393 O O   . HOH B 2 .   ? -7.509  -11.414 21.211  1.00 34.72 ? 2129 HOH A O   1 
HETATM 1394 O O   . HOH B 2 .   ? -4.366  -12.517 19.159  1.00 27.89 ? 2130 HOH A O   1 
HETATM 1395 O O   . HOH B 2 .   ? -3.624  -9.875  25.873  1.00 20.28 ? 2131 HOH A O   1 
HETATM 1396 O O   . HOH B 2 .   ? -1.774  -11.231 12.804  1.00 22.74 ? 2132 HOH A O   1 
HETATM 1397 O O   . HOH B 2 .   ? -7.039  -11.157 17.368  1.00 21.95 ? 2133 HOH A O   1 
HETATM 1398 O O   . HOH B 2 .   ? -0.183  -2.512  12.671  1.00 21.41 ? 2134 HOH A O   1 
HETATM 1399 O O   . HOH B 2 .   ? 2.649   -9.870  10.529  1.00 45.03 ? 2135 HOH A O   1 
HETATM 1400 O O   . HOH B 2 .   ? 3.562   -2.070  18.465  1.00 32.09 ? 2136 HOH A O   1 
HETATM 1401 O O   . HOH B 2 .   ? 4.635   -3.375  5.679   1.00 36.29 ? 2137 HOH A O   1 
HETATM 1402 O O   . HOH B 2 .   ? 6.915   -5.324  4.341   1.00 38.39 ? 2138 HOH A O   1 
HETATM 1403 O O   . HOH B 2 .   ? -4.499  1.963   -2.547  1.00 21.56 ? 2139 HOH A O   1 
HETATM 1404 O O   . HOH B 2 .   ? -5.505  -0.236  -4.069  1.00 24.85 ? 2140 HOH A O   1 
HETATM 1405 O O   . HOH B 2 .   ? -1.504  0.189   9.273   1.00 19.84 ? 2141 HOH A O   1 
HETATM 1406 O O   . HOH B 2 .   ? -5.383  4.519   -3.861  1.00 24.83 ? 2142 HOH A O   1 
HETATM 1407 O O   . HOH B 2 .   ? -12.955 -0.254  19.320  1.00 37.04 ? 2143 HOH A O   1 
HETATM 1408 O O   . HOH B 2 .   ? -10.505 2.800   19.087  1.00 18.30 ? 2144 HOH A O   1 
HETATM 1409 O O   . HOH B 2 .   ? -15.407 7.671   16.205  1.00 35.19 ? 2145 HOH A O   1 
HETATM 1410 O O   . HOH B 2 .   ? -7.840  5.757   20.469  1.00 37.92 ? 2146 HOH A O   1 
HETATM 1411 O O   . HOH B 2 .   ? -10.043 11.777  13.732  1.00 34.65 ? 2147 HOH A O   1 
HETATM 1412 O O   . HOH B 2 .   ? -4.583  10.632  15.557  1.00 27.71 ? 2148 HOH A O   1 
HETATM 1413 O O   . HOH B 2 .   ? -3.181  7.561   16.751  1.00 26.65 ? 2149 HOH A O   1 
HETATM 1414 O O   . HOH B 2 .   ? 6.220   1.727   13.575  1.00 39.90 ? 2150 HOH A O   1 
HETATM 1415 O O   . HOH B 2 .   ? 0.222   1.968   3.166   1.00 18.21 ? 2151 HOH A O   1 
HETATM 1416 O O   . HOH B 2 .   ? 9.901   3.175   9.156   1.00 46.03 ? 2152 HOH A O   1 
HETATM 1417 O O   . HOH B 2 .   ? 1.016   -0.535  8.827   1.00 22.10 ? 2153 HOH A O   1 
HETATM 1418 O O   . HOH B 2 .   ? 2.019   -1.980  11.017  1.00 27.07 ? 2154 HOH A O   1 
HETATM 1419 O O   . HOH B 2 .   ? 2.266   -2.001  6.611   1.00 22.14 ? 2155 HOH A O   1 
HETATM 1420 O O   . HOH B 2 .   ? 8.118   0.151   12.102  1.00 24.76 ? 2156 HOH A O   1 
HETATM 1421 O O   . HOH B 2 .   ? 6.873   8.342   9.789   1.00 35.51 ? 2157 HOH A O   1 
HETATM 1422 O O   . HOH B 2 .   ? 8.949   5.624   6.588   1.00 43.45 ? 2158 HOH A O   1 
HETATM 1423 O O   . HOH B 2 .   ? 3.124   14.013  8.417   1.00 36.95 ? 2159 HOH A O   1 
HETATM 1424 O O   . HOH B 2 .   ? 6.646   9.257   13.180  1.00 28.12 ? 2160 HOH A O   1 
HETATM 1425 O O   . HOH B 2 .   ? -3.393  12.615  13.896  1.00 42.40 ? 2161 HOH A O   1 
HETATM 1426 O O   . HOH B 2 .   ? 0.275   15.602  13.504  1.00 45.44 ? 2162 HOH A O   1 
HETATM 1427 O O   . HOH B 2 .   ? 3.449   12.873  13.725  1.00 36.76 ? 2163 HOH A O   1 
HETATM 1428 O O   . HOH B 2 .   ? -0.090  15.224  2.788   1.00 23.95 ? 2164 HOH A O   1 
HETATM 1429 O O   . HOH B 2 .   ? -5.052  17.058  -0.008  1.00 46.71 ? 2165 HOH A O   1 
HETATM 1430 O O   . HOH B 2 .   ? -6.360  16.981  3.816   1.00 25.68 ? 2166 HOH A O   1 
HETATM 1431 O O   . HOH B 2 .   ? -1.158  16.142  -1.001  1.00 43.75 ? 2167 HOH A O   1 
HETATM 1432 O O   . HOH B 2 .   ? -10.274 12.505  -1.031  1.00 38.08 ? 2168 HOH A O   1 
HETATM 1433 O O   . HOH B 2 .   ? -8.501  7.397   3.220   1.00 14.15 ? 2169 HOH A O   1 
HETATM 1434 O O   . HOH B 2 .   ? -11.345 11.884  2.608   1.00 29.50 ? 2170 HOH A O   1 
HETATM 1435 O O   . HOH B 2 .   ? -12.722 20.241  4.179   1.00 33.34 ? 2171 HOH A O   1 
HETATM 1436 O O   . HOH B 2 .   ? -13.853 15.498  9.946   1.00 30.31 ? 2172 HOH A O   1 
HETATM 1437 O O   . HOH B 2 .   ? -18.001 19.414  6.076   1.00 27.87 ? 2173 HOH A O   1 
HETATM 1438 O O   . HOH B 2 .   ? -6.355  19.854  7.302   1.00 51.50 ? 2174 HOH A O   1 
# 
